data_3ZNK
#
_entry.id   3ZNK
#
_cell.length_a   175.340
_cell.length_b   101.230
_cell.length_c   160.800
_cell.angle_alpha   90.00
_cell.angle_beta   111.31
_cell.angle_gamma   90.00
#
_symmetry.space_group_name_H-M   'C 1 2 1'
#
loop_
_entity.id
_entity.type
_entity.pdbx_description
1 polymer HAEMAGGLUTININ
2 polymer HAEMAGGLUTININ
3 branched 'N-acetyl-alpha-neuraminic acid-(2-3)-alpha-D-galactopyranose-(1-4)-2-acetamido-2-deoxy-6-O-sulfo-beta-D-glucopyranose'
4 non-polymer 2-acetamido-2-deoxy-beta-D-glucopyranose
5 non-polymer '4-(2-HYDROXYETHYL)-1-PIPERAZINE ETHANESULFONIC ACID'
6 water water
#
loop_
_entity_poly.entity_id
_entity_poly.type
_entity_poly.pdbx_seq_one_letter_code
_entity_poly.pdbx_strand_id
1 'polypeptide(L)'
;DQICIGYHANNSTEQVDTIMEKNVTVTHAQDILEKTHNGKLCDLDGVKPLILRDCSVAGWLLGNPMCDEFINVPEWSYIV
EKANPVNDLCYPGDFNDYEELKHLLSRINHFEKIQIIPKSSWSSHEASLGVSSACPYQGKSSFFRNVVWLIKKNSTYPTI
KRSYNNTNQEDLLVLWGIHHPNDAAEQTKLYQNPTTYISVGTSTLNQRLVPRIATRSKVNGQSGRMEFFWTILKPNDAIN
FESNGNFIAPEYAYKIVKKGDSTIMKSELEYGNCNTKCQTPMGAINSSMPFHNIHPLTIGECPKYVKSNRLVLATGLRNS
PQRETR
;
A,C,E
2 'polypeptide(L)'
;GLFGAIAGFIEGGWQGMVDGWYGYHHSNEQGSGYAADKESTQKAIDGVTNKVNSIIDKMNTQFEAVGREFNNLERRIENL
NKKMEDGFLDVWTYNAELLVLMENERTLDFHDSNVKNLYDKVRLQLRDNAKELGNGCFEFYHKCDNECMESVRNGTYDYP
QYSEEA
;
B,D,F
#
# COMPACT_ATOMS: atom_id res chain seq x y z
N ASP A 1 27.95 -59.61 7.64
CA ASP A 1 26.66 -58.96 8.02
C ASP A 1 26.82 -57.44 8.05
N GLN A 2 25.75 -56.73 7.68
CA GLN A 2 25.77 -55.26 7.69
C GLN A 2 24.42 -54.63 7.96
N ILE A 3 24.46 -53.39 8.40
CA ILE A 3 23.27 -52.57 8.56
C ILE A 3 23.52 -51.21 7.91
N CYS A 4 22.52 -50.73 7.18
CA CYS A 4 22.65 -49.48 6.45
C CYS A 4 21.64 -48.49 6.93
N ILE A 5 21.93 -47.21 6.70
CA ILE A 5 20.97 -46.14 6.92
C ILE A 5 20.59 -45.56 5.57
N GLY A 6 19.30 -45.30 5.39
CA GLY A 6 18.79 -44.80 4.14
C GLY A 6 17.45 -44.14 4.30
N TYR A 7 16.87 -43.75 3.17
CA TYR A 7 15.68 -42.94 3.17
C TYR A 7 14.72 -43.36 2.07
N HIS A 8 13.50 -42.88 2.18
CA HIS A 8 12.40 -43.29 1.32
C HIS A 8 12.54 -42.77 -0.13
N ALA A 9 12.14 -43.60 -1.07
CA ALA A 9 11.93 -43.18 -2.45
C ALA A 9 10.62 -43.78 -2.91
N ASN A 10 10.06 -43.26 -3.99
CA ASN A 10 8.80 -43.78 -4.52
C ASN A 10 8.59 -43.40 -5.98
N ASN A 11 7.44 -43.76 -6.53
CA ASN A 11 7.12 -43.50 -7.94
C ASN A 11 6.51 -42.11 -8.19
N SER A 12 6.73 -41.16 -7.27
CA SER A 12 6.20 -39.79 -7.41
C SER A 12 6.97 -39.00 -8.46
N THR A 13 6.26 -38.12 -9.17
CA THR A 13 6.85 -37.19 -10.13
C THR A 13 6.69 -35.72 -9.73
N GLU A 14 5.93 -35.47 -8.66
CA GLU A 14 5.70 -34.10 -8.19
C GLU A 14 7.01 -33.37 -7.93
N GLN A 15 7.11 -32.16 -8.47
CA GLN A 15 8.31 -31.34 -8.35
C GLN A 15 8.00 -30.07 -7.59
N VAL A 16 9.05 -29.47 -7.03
CA VAL A 16 8.92 -28.20 -6.35
C VAL A 16 10.13 -27.36 -6.71
N ASP A 17 10.03 -26.05 -6.51
CA ASP A 17 11.15 -25.15 -6.76
C ASP A 17 11.76 -24.70 -5.45
N THR A 18 13.05 -24.41 -5.50
CA THR A 18 13.77 -23.78 -4.40
C THR A 18 14.54 -22.60 -4.97
N ILE A 19 15.20 -21.85 -4.11
CA ILE A 19 16.00 -20.71 -4.56
C ILE A 19 17.08 -21.17 -5.54
N MET A 20 17.81 -22.21 -5.15
CA MET A 20 19.00 -22.65 -5.89
C MET A 20 18.73 -23.67 -6.99
N GLU A 21 17.58 -24.34 -6.92
CA GLU A 21 17.26 -25.39 -7.88
C GLU A 21 15.77 -25.46 -8.13
N LYS A 22 15.41 -25.66 -9.38
CA LYS A 22 14.02 -25.69 -9.81
C LYS A 22 13.65 -27.07 -10.36
N ASN A 23 12.37 -27.38 -10.33
CA ASN A 23 11.87 -28.67 -10.82
C ASN A 23 12.54 -29.85 -10.11
N VAL A 24 12.65 -29.74 -8.78
CA VAL A 24 13.20 -30.80 -7.94
C VAL A 24 12.10 -31.82 -7.63
N THR A 25 12.25 -33.05 -8.11
CA THR A 25 11.26 -34.09 -7.85
C THR A 25 11.30 -34.51 -6.38
N VAL A 26 10.13 -34.62 -5.76
CA VAL A 26 10.03 -35.02 -4.36
C VAL A 26 9.04 -36.16 -4.17
N THR A 27 9.14 -36.82 -3.02
CA THR A 27 8.28 -37.95 -2.72
C THR A 27 6.88 -37.50 -2.32
N HIS A 28 6.79 -36.34 -1.68
CA HIS A 28 5.50 -35.79 -1.26
C HIS A 28 5.50 -34.28 -1.36
N ALA A 29 4.36 -33.73 -1.74
CA ALA A 29 4.21 -32.31 -1.89
C ALA A 29 2.80 -31.92 -1.53
N GLN A 30 2.56 -30.64 -1.37
CA GLN A 30 1.23 -30.14 -1.07
C GLN A 30 0.93 -28.87 -1.85
N ASP A 31 0.06 -28.99 -2.84
CA ASP A 31 -0.45 -27.82 -3.55
C ASP A 31 -1.32 -27.02 -2.59
N ILE A 32 -1.09 -25.71 -2.54
CA ILE A 32 -1.82 -24.79 -1.66
C ILE A 32 -2.57 -23.70 -2.45
N LEU A 33 -2.51 -23.78 -3.77
CA LEU A 33 -3.13 -22.80 -4.65
C LEU A 33 -4.34 -23.41 -5.35
N GLU A 34 -5.50 -22.79 -5.17
CA GLU A 34 -6.72 -23.21 -5.87
C GLU A 34 -6.79 -22.54 -7.24
N LYS A 35 -6.81 -23.36 -8.30
CA LYS A 35 -6.76 -22.86 -9.67
C LYS A 35 -8.10 -22.91 -10.43
N THR A 36 -9.09 -23.61 -9.87
CA THR A 36 -10.35 -23.85 -10.59
C THR A 36 -11.58 -23.18 -9.96
N HIS A 37 -12.59 -22.98 -10.81
CA HIS A 37 -13.90 -22.47 -10.41
C HIS A 37 -14.98 -23.11 -11.31
N ASN A 38 -16.24 -23.04 -10.91
CA ASN A 38 -17.33 -23.64 -11.70
C ASN A 38 -17.78 -22.78 -12.89
N GLY A 39 -17.42 -21.51 -12.90
CA GLY A 39 -17.68 -20.62 -14.04
C GLY A 39 -19.03 -19.93 -14.00
N LYS A 40 -19.68 -20.00 -12.83
CA LYS A 40 -21.06 -19.53 -12.67
C LYS A 40 -21.21 -18.49 -11.56
N LEU A 41 -22.25 -17.68 -11.66
CA LEU A 41 -22.65 -16.76 -10.60
C LEU A 41 -23.70 -17.48 -9.76
N CYS A 42 -23.59 -17.38 -8.43
CA CYS A 42 -24.24 -18.35 -7.55
C CYS A 42 -24.72 -17.78 -6.22
N ASP A 43 -25.66 -18.50 -5.61
CA ASP A 43 -26.18 -18.14 -4.29
C ASP A 43 -25.05 -18.23 -3.28
N LEU A 44 -24.99 -17.25 -2.38
CA LEU A 44 -23.94 -17.20 -1.35
C LEU A 44 -24.52 -17.51 0.02
N ASP A 45 -24.19 -18.68 0.55
CA ASP A 45 -24.69 -19.12 1.83
C ASP A 45 -26.21 -19.29 1.75
N GLY A 46 -26.69 -19.73 0.58
CA GLY A 46 -28.12 -19.87 0.30
C GLY A 46 -28.75 -18.62 -0.31
N VAL A 47 -28.28 -17.45 0.13
CA VAL A 47 -28.89 -16.17 -0.21
C VAL A 47 -28.53 -15.74 -1.64
N LYS A 48 -29.55 -15.45 -2.45
CA LYS A 48 -29.37 -15.20 -3.88
C LYS A 48 -28.78 -13.82 -4.17
N PRO A 49 -27.95 -13.73 -5.22
CA PRO A 49 -27.50 -12.41 -5.66
C PRO A 49 -28.58 -11.65 -6.41
N LEU A 50 -28.58 -10.33 -6.25
CA LEU A 50 -29.43 -9.48 -7.07
C LEU A 50 -28.75 -9.31 -8.43
N ILE A 51 -29.21 -10.07 -9.41
CA ILE A 51 -28.65 -9.98 -10.75
C ILE A 51 -29.52 -9.05 -11.58
N LEU A 52 -28.98 -7.87 -11.89
CA LEU A 52 -29.71 -6.84 -12.60
C LEU A 52 -29.82 -7.13 -14.10
N ARG A 53 -29.06 -8.12 -14.56
CA ARG A 53 -29.02 -8.48 -15.97
C ARG A 53 -28.60 -7.22 -16.77
N ASP A 54 -29.45 -6.72 -17.65
CA ASP A 54 -29.09 -5.56 -18.50
C ASP A 54 -29.46 -4.21 -17.88
N CYS A 55 -30.12 -4.21 -16.73
CA CYS A 55 -30.40 -2.97 -16.01
C CYS A 55 -29.21 -2.51 -15.18
N SER A 56 -29.09 -1.20 -14.97
CA SER A 56 -28.06 -0.64 -14.10
C SER A 56 -28.66 -0.37 -12.72
N VAL A 57 -27.80 0.08 -11.80
CA VAL A 57 -28.24 0.40 -10.44
C VAL A 57 -29.20 1.58 -10.48
N ALA A 58 -28.88 2.57 -11.32
CA ALA A 58 -29.73 3.74 -11.53
C ALA A 58 -31.07 3.33 -12.15
N GLY A 59 -31.01 2.54 -13.22
CA GLY A 59 -32.20 2.02 -13.87
C GLY A 59 -33.12 1.31 -12.88
N TRP A 60 -32.54 0.47 -12.04
CA TRP A 60 -33.30 -0.23 -11.02
C TRP A 60 -33.90 0.75 -10.02
N LEU A 61 -33.05 1.58 -9.43
CA LEU A 61 -33.47 2.47 -8.33
C LEU A 61 -34.46 3.55 -8.76
N LEU A 62 -34.29 4.11 -9.94
CA LEU A 62 -35.27 5.09 -10.47
C LEU A 62 -36.52 4.41 -11.04
N GLY A 63 -36.50 3.09 -11.17
CA GLY A 63 -37.64 2.34 -11.65
C GLY A 63 -37.87 2.51 -13.15
N ASN A 64 -36.79 2.50 -13.91
CA ASN A 64 -36.87 2.46 -15.37
C ASN A 64 -37.84 1.35 -15.79
N PRO A 65 -38.78 1.66 -16.71
CA PRO A 65 -39.83 0.70 -17.07
C PRO A 65 -39.34 -0.62 -17.68
N MET A 66 -38.12 -0.63 -18.20
CA MET A 66 -37.49 -1.86 -18.67
C MET A 66 -37.01 -2.74 -17.50
N CYS A 67 -36.88 -2.13 -16.32
CA CYS A 67 -36.43 -2.82 -15.12
C CYS A 67 -37.62 -3.22 -14.23
N ASP A 68 -38.65 -3.76 -14.87
CA ASP A 68 -39.87 -4.19 -14.18
C ASP A 68 -39.62 -5.36 -13.24
N GLU A 69 -38.69 -6.24 -13.61
CA GLU A 69 -38.34 -7.38 -12.78
C GLU A 69 -37.92 -6.93 -11.37
N PHE A 70 -37.26 -5.78 -11.29
CA PHE A 70 -36.61 -5.34 -10.05
C PHE A 70 -37.44 -4.33 -9.26
N ILE A 71 -38.77 -4.37 -9.46
CA ILE A 71 -39.71 -3.74 -8.52
C ILE A 71 -39.89 -4.68 -7.32
N ASN A 72 -39.87 -4.13 -6.12
CA ASN A 72 -39.93 -4.91 -4.87
C ASN A 72 -39.01 -6.14 -4.85
N VAL A 73 -37.71 -5.89 -4.87
CA VAL A 73 -36.72 -6.98 -4.87
C VAL A 73 -36.58 -7.61 -3.48
N PRO A 74 -36.36 -8.94 -3.44
CA PRO A 74 -36.07 -9.58 -2.17
C PRO A 74 -34.63 -9.31 -1.76
N GLU A 75 -34.28 -9.63 -0.53
CA GLU A 75 -32.92 -9.40 -0.03
C GLU A 75 -31.91 -10.24 -0.80
N TRP A 76 -30.71 -9.69 -0.93
CA TRP A 76 -29.66 -10.29 -1.74
C TRP A 76 -28.39 -10.48 -0.91
N SER A 77 -27.55 -11.41 -1.35
CA SER A 77 -26.23 -11.63 -0.77
C SER A 77 -25.28 -10.59 -1.31
N TYR A 78 -25.27 -10.47 -2.64
CA TYR A 78 -24.46 -9.47 -3.34
C TYR A 78 -25.20 -9.06 -4.61
N ILE A 79 -24.67 -8.06 -5.31
CA ILE A 79 -25.31 -7.54 -6.53
C ILE A 79 -24.41 -7.78 -7.74
N VAL A 80 -25.03 -8.05 -8.88
CA VAL A 80 -24.29 -8.24 -10.14
C VAL A 80 -24.76 -7.26 -11.22
N GLU A 81 -23.85 -6.37 -11.63
CA GLU A 81 -24.11 -5.39 -12.66
C GLU A 81 -23.11 -5.59 -13.80
N LYS A 82 -23.59 -5.53 -15.03
CA LYS A 82 -22.70 -5.62 -16.20
C LYS A 82 -21.79 -4.40 -16.31
N ALA A 83 -20.80 -4.49 -17.20
CA ALA A 83 -19.85 -3.41 -17.43
C ALA A 83 -20.55 -2.18 -18.00
N ASN A 84 -21.33 -2.38 -19.06
CA ASN A 84 -22.06 -1.30 -19.72
C ASN A 84 -23.53 -1.71 -19.95
N PRO A 85 -24.33 -1.77 -18.88
CA PRO A 85 -25.73 -2.18 -19.02
C PRO A 85 -26.50 -1.22 -19.95
N VAL A 86 -27.21 -1.77 -20.93
CA VAL A 86 -27.94 -0.94 -21.89
C VAL A 86 -29.09 -0.13 -21.27
N ASN A 87 -29.82 -0.76 -20.34
CA ASN A 87 -30.95 -0.11 -19.65
C ASN A 87 -30.49 0.69 -18.43
N ASP A 88 -29.84 1.82 -18.68
CA ASP A 88 -29.42 2.73 -17.62
C ASP A 88 -30.46 3.88 -17.52
N LEU A 89 -30.06 5.09 -17.87
CA LEU A 89 -30.96 6.24 -17.86
C LEU A 89 -31.61 6.35 -19.24
N CYS A 90 -32.88 5.95 -19.33
CA CYS A 90 -33.62 6.00 -20.59
C CYS A 90 -33.71 7.45 -21.09
N TYR A 91 -34.20 8.34 -20.23
CA TYR A 91 -34.16 9.77 -20.51
C TYR A 91 -32.76 10.28 -20.19
N PRO A 92 -32.06 10.87 -21.18
CA PRO A 92 -30.69 11.37 -20.98
C PRO A 92 -30.54 12.20 -19.72
N GLY A 93 -29.39 12.10 -19.07
CA GLY A 93 -29.18 12.84 -17.85
C GLY A 93 -27.92 12.48 -17.09
N ASP A 94 -27.90 12.87 -15.83
CA ASP A 94 -26.82 12.54 -14.89
C ASP A 94 -27.44 12.08 -13.59
N PHE A 95 -26.76 11.18 -12.91
CA PHE A 95 -27.13 10.78 -11.56
C PHE A 95 -26.11 11.43 -10.63
N ASN A 96 -26.58 12.31 -9.75
CA ASN A 96 -25.70 13.08 -8.88
C ASN A 96 -25.17 12.22 -7.74
N ASP A 97 -23.86 12.28 -7.51
CA ASP A 97 -23.16 11.44 -6.54
C ASP A 97 -23.59 9.97 -6.67
N TYR A 98 -23.48 9.45 -7.89
CA TYR A 98 -23.91 8.09 -8.22
C TYR A 98 -22.98 7.07 -7.59
N GLU A 99 -21.69 7.36 -7.64
CA GLU A 99 -20.67 6.45 -7.16
C GLU A 99 -20.69 6.36 -5.63
N GLU A 100 -20.93 7.50 -4.99
CA GLU A 100 -21.07 7.53 -3.53
C GLU A 100 -22.30 6.74 -3.08
N LEU A 101 -23.33 6.73 -3.90
CA LEU A 101 -24.53 5.95 -3.59
C LEU A 101 -24.26 4.46 -3.78
N LYS A 102 -23.66 4.11 -4.91
CA LYS A 102 -23.28 2.72 -5.16
C LYS A 102 -22.43 2.18 -4.03
N HIS A 103 -21.56 3.03 -3.49
CA HIS A 103 -20.76 2.63 -2.36
C HIS A 103 -21.64 2.28 -1.16
N LEU A 104 -22.66 3.09 -0.90
CA LEU A 104 -23.62 2.80 0.18
C LEU A 104 -24.27 1.44 0.06
N LEU A 105 -24.50 1.00 -1.19
CA LEU A 105 -25.12 -0.30 -1.46
C LEU A 105 -24.26 -1.50 -1.07
N SER A 106 -22.95 -1.29 -0.93
CA SER A 106 -22.06 -2.32 -0.42
C SER A 106 -22.37 -2.64 1.05
N ARG A 107 -22.92 -1.66 1.78
CA ARG A 107 -23.34 -1.85 3.18
C ARG A 107 -24.81 -2.30 3.32
N ILE A 108 -25.46 -2.62 2.20
CA ILE A 108 -26.91 -2.87 2.20
C ILE A 108 -27.27 -4.22 1.59
N ASN A 109 -28.10 -4.98 2.32
CA ASN A 109 -28.57 -6.28 1.89
C ASN A 109 -30.03 -6.28 1.42
N HIS A 110 -30.84 -5.36 1.95
CA HIS A 110 -32.25 -5.31 1.55
C HIS A 110 -32.89 -3.93 1.64
N PHE A 111 -33.57 -3.57 0.55
CA PHE A 111 -34.45 -2.42 0.49
C PHE A 111 -35.90 -2.91 0.57
N GLU A 112 -36.75 -2.15 1.26
CA GLU A 112 -38.20 -2.31 1.14
C GLU A 112 -38.81 -1.01 0.62
N LYS A 113 -39.47 -1.07 -0.53
CA LYS A 113 -40.00 0.12 -1.17
C LYS A 113 -41.32 0.56 -0.53
N ILE A 114 -41.48 1.88 -0.32
CA ILE A 114 -42.73 2.43 0.19
C ILE A 114 -43.10 3.74 -0.51
N GLN A 115 -44.40 4.01 -0.62
CA GLN A 115 -44.89 5.25 -1.20
C GLN A 115 -44.97 6.33 -0.13
N ILE A 116 -44.44 7.51 -0.44
CA ILE A 116 -44.53 8.67 0.47
C ILE A 116 -45.38 9.80 -0.12
N ILE A 117 -45.26 10.02 -1.43
CA ILE A 117 -46.12 10.96 -2.15
C ILE A 117 -47.04 10.16 -3.08
N PRO A 118 -48.35 10.11 -2.77
CA PRO A 118 -49.29 9.48 -3.70
C PRO A 118 -49.38 10.23 -5.03
N LYS A 119 -49.41 9.48 -6.13
CA LYS A 119 -49.49 10.08 -7.46
C LYS A 119 -50.80 10.85 -7.63
N SER A 120 -51.88 10.30 -7.07
CA SER A 120 -53.18 10.96 -7.07
C SER A 120 -53.11 12.32 -6.39
N SER A 121 -52.43 12.37 -5.25
CA SER A 121 -52.39 13.57 -4.40
C SER A 121 -52.09 14.88 -5.11
N TRP A 122 -51.49 14.82 -6.28
CA TRP A 122 -51.24 16.02 -7.08
C TRP A 122 -52.52 16.54 -7.73
N SER A 123 -53.37 17.14 -6.90
CA SER A 123 -54.67 17.63 -7.34
C SER A 123 -54.54 18.98 -8.06
N SER A 124 -53.66 19.83 -7.56
CA SER A 124 -53.41 21.15 -8.15
C SER A 124 -52.61 21.10 -9.47
N HIS A 125 -51.81 20.05 -9.66
CA HIS A 125 -51.01 19.89 -10.87
C HIS A 125 -51.41 18.64 -11.65
N GLU A 126 -50.84 18.48 -12.84
CA GLU A 126 -51.10 17.31 -13.68
C GLU A 126 -49.93 16.33 -13.58
N ALA A 127 -50.24 15.07 -13.29
CA ALA A 127 -49.20 14.05 -13.02
C ALA A 127 -49.14 12.90 -14.02
N SER A 128 -50.18 12.73 -14.84
CA SER A 128 -50.32 11.54 -15.68
C SER A 128 -49.80 11.67 -17.11
N LEU A 129 -49.35 12.87 -17.49
CA LEU A 129 -48.72 13.08 -18.79
C LEU A 129 -47.28 13.52 -18.62
N GLY A 130 -46.59 12.88 -17.68
CA GLY A 130 -45.17 13.14 -17.44
C GLY A 130 -44.32 12.02 -18.02
N VAL A 131 -44.43 11.85 -19.34
CA VAL A 131 -43.76 10.74 -20.03
C VAL A 131 -42.92 11.21 -21.22
N SER A 132 -42.15 10.28 -21.77
CA SER A 132 -41.32 10.52 -22.94
C SER A 132 -41.17 9.22 -23.73
N SER A 133 -40.90 9.34 -25.03
CA SER A 133 -40.70 8.18 -25.90
C SER A 133 -39.34 7.51 -25.67
N ALA A 134 -38.43 8.19 -24.98
CA ALA A 134 -37.12 7.62 -24.61
C ALA A 134 -37.25 6.44 -23.65
N CYS A 135 -38.28 6.45 -22.81
CA CYS A 135 -38.59 5.34 -21.91
C CYS A 135 -39.91 4.66 -22.30
N PRO A 136 -39.89 3.78 -23.33
CA PRO A 136 -41.11 3.10 -23.73
C PRO A 136 -41.41 1.84 -22.92
N TYR A 137 -42.69 1.63 -22.59
CA TYR A 137 -43.17 0.40 -21.95
C TYR A 137 -44.38 -0.16 -22.72
N GLN A 138 -44.24 -1.37 -23.24
CA GLN A 138 -45.29 -2.02 -24.04
C GLN A 138 -45.76 -1.15 -25.21
N GLY A 139 -44.82 -0.47 -25.87
CA GLY A 139 -45.12 0.36 -27.04
C GLY A 139 -45.39 1.81 -26.73
N LYS A 140 -46.00 2.08 -25.57
CA LYS A 140 -46.39 3.44 -25.20
C LYS A 140 -45.27 4.16 -24.45
N SER A 141 -45.21 5.48 -24.63
CA SER A 141 -44.22 6.32 -23.98
C SER A 141 -44.49 6.39 -22.47
N SER A 142 -43.46 6.02 -21.69
CA SER A 142 -43.58 5.89 -20.23
C SER A 142 -42.46 6.68 -19.53
N PHE A 143 -42.26 6.42 -18.24
CA PHE A 143 -41.23 7.12 -17.46
C PHE A 143 -40.79 6.31 -16.23
N PHE A 144 -39.67 6.73 -15.62
CA PHE A 144 -39.22 6.20 -14.34
C PHE A 144 -40.38 6.05 -13.34
N ARG A 145 -40.65 4.82 -12.91
CA ARG A 145 -41.86 4.51 -12.14
C ARG A 145 -41.90 5.11 -10.73
N ASN A 146 -40.73 5.40 -10.16
CA ASN A 146 -40.64 5.83 -8.77
C ASN A 146 -40.74 7.34 -8.57
N VAL A 147 -40.66 8.09 -9.68
CA VAL A 147 -40.77 9.55 -9.64
C VAL A 147 -41.83 10.09 -10.59
N VAL A 148 -42.42 11.22 -10.22
CA VAL A 148 -43.51 11.84 -10.98
C VAL A 148 -43.02 13.09 -11.73
N TRP A 149 -43.11 13.07 -13.04
CA TRP A 149 -42.80 14.26 -13.85
C TRP A 149 -44.03 15.19 -13.88
N LEU A 150 -44.05 16.18 -13.00
CA LEU A 150 -45.20 17.09 -12.87
C LEU A 150 -45.19 18.15 -13.96
N ILE A 151 -46.39 18.41 -14.51
CA ILE A 151 -46.61 19.49 -15.49
C ILE A 151 -47.80 20.38 -15.08
N LYS A 152 -47.92 21.53 -15.74
CA LYS A 152 -48.99 22.51 -15.46
C LYS A 152 -50.39 21.99 -15.79
N LYS A 153 -51.40 22.50 -15.08
CA LYS A 153 -52.80 22.15 -15.31
C LYS A 153 -53.59 23.40 -15.75
N ASN A 154 -54.21 23.30 -16.92
CA ASN A 154 -54.91 24.44 -17.55
C ASN A 154 -54.06 25.72 -17.55
N SER A 155 -52.80 25.56 -17.97
CA SER A 155 -51.87 26.68 -18.15
C SER A 155 -51.55 27.45 -16.87
N THR A 156 -51.26 26.72 -15.78
CA THR A 156 -50.82 27.33 -14.51
C THR A 156 -49.97 26.32 -13.73
N TYR A 157 -48.75 26.72 -13.35
CA TYR A 157 -47.92 25.90 -12.46
C TYR A 157 -47.74 26.64 -11.14
N PRO A 158 -48.68 26.43 -10.20
CA PRO A 158 -48.57 27.06 -8.89
C PRO A 158 -47.47 26.42 -8.05
N THR A 159 -46.95 27.18 -7.09
CA THR A 159 -45.87 26.71 -6.25
C THR A 159 -46.30 25.45 -5.50
N ILE A 160 -45.42 24.45 -5.52
CA ILE A 160 -45.60 23.21 -4.77
C ILE A 160 -44.94 23.37 -3.42
N LYS A 161 -45.58 22.88 -2.37
CA LYS A 161 -45.01 22.89 -1.01
C LYS A 161 -45.38 21.60 -0.28
N ARG A 162 -44.45 20.64 -0.27
CA ARG A 162 -44.72 19.32 0.29
C ARG A 162 -43.66 18.92 1.30
N SER A 163 -44.11 18.27 2.37
CA SER A 163 -43.25 17.84 3.45
C SER A 163 -43.55 16.39 3.79
N TYR A 164 -42.52 15.56 3.94
CA TYR A 164 -42.69 14.20 4.43
C TYR A 164 -41.86 13.92 5.69
N ASN A 165 -42.56 13.48 6.73
CA ASN A 165 -41.95 13.12 8.01
C ASN A 165 -41.65 11.63 8.05
N ASN A 166 -40.38 11.27 8.25
CA ASN A 166 -39.99 9.87 8.38
C ASN A 166 -40.29 9.35 9.79
N THR A 167 -41.42 8.66 9.92
CA THR A 167 -41.82 8.07 11.20
C THR A 167 -41.52 6.57 11.27
N ASN A 168 -40.92 6.03 10.21
CA ASN A 168 -40.37 4.67 10.26
C ASN A 168 -39.11 4.75 11.07
N GLN A 169 -38.82 3.72 11.88
CA GLN A 169 -37.58 3.72 12.65
C GLN A 169 -36.44 3.13 11.79
N GLU A 170 -36.24 3.74 10.62
CA GLU A 170 -35.22 3.33 9.65
C GLU A 170 -34.66 4.56 8.95
N ASP A 171 -33.52 4.40 8.31
CA ASP A 171 -33.05 5.39 7.33
C ASP A 171 -33.90 5.19 6.08
N LEU A 172 -34.02 6.24 5.29
CA LEU A 172 -34.84 6.21 4.08
C LEU A 172 -34.11 6.86 2.92
N LEU A 173 -33.88 6.07 1.86
CA LEU A 173 -33.32 6.60 0.63
C LEU A 173 -34.40 7.29 -0.17
N VAL A 174 -34.32 8.61 -0.25
CA VAL A 174 -35.24 9.42 -1.04
C VAL A 174 -34.56 9.79 -2.35
N LEU A 175 -35.33 9.75 -3.44
CA LEU A 175 -34.83 10.12 -4.77
C LEU A 175 -35.74 11.17 -5.39
N TRP A 176 -35.14 12.13 -6.10
CA TRP A 176 -35.90 13.09 -6.89
C TRP A 176 -35.03 13.62 -8.04
N GLY A 177 -35.57 14.56 -8.81
CA GLY A 177 -34.83 15.12 -9.93
C GLY A 177 -35.36 16.46 -10.43
N ILE A 178 -34.68 16.99 -11.43
CA ILE A 178 -35.05 18.25 -12.08
C ILE A 178 -34.96 18.04 -13.59
N HIS A 179 -35.81 18.72 -14.34
CA HIS A 179 -35.74 18.68 -15.80
C HIS A 179 -35.07 19.94 -16.35
N HIS A 180 -34.13 19.73 -17.27
CA HIS A 180 -33.40 20.81 -17.94
C HIS A 180 -33.90 20.90 -19.38
N PRO A 181 -34.77 21.88 -19.67
CA PRO A 181 -35.39 21.97 -20.99
C PRO A 181 -34.44 22.49 -22.08
N ASN A 182 -34.90 22.42 -23.33
CA ASN A 182 -34.06 22.75 -24.49
C ASN A 182 -33.91 24.25 -24.73
N ASP A 183 -35.04 24.96 -24.75
CA ASP A 183 -35.07 26.41 -24.96
C ASP A 183 -36.11 27.09 -24.06
N ALA A 184 -36.06 28.42 -24.03
CA ALA A 184 -37.00 29.23 -23.23
C ALA A 184 -38.47 28.99 -23.63
N ALA A 185 -38.68 28.61 -24.90
CA ALA A 185 -40.00 28.29 -25.42
C ALA A 185 -40.58 27.00 -24.82
N GLU A 186 -39.73 25.99 -24.67
CA GLU A 186 -40.15 24.72 -24.06
C GLU A 186 -40.35 24.85 -22.54
N GLN A 187 -39.55 25.70 -21.90
CA GLN A 187 -39.72 26.02 -20.49
C GLN A 187 -41.15 26.51 -20.23
N THR A 188 -41.56 27.52 -20.98
CA THR A 188 -42.91 28.08 -20.85
C THR A 188 -43.97 27.07 -21.28
N LYS A 189 -43.68 26.29 -22.33
CA LYS A 189 -44.62 25.28 -22.81
C LYS A 189 -44.98 24.27 -21.72
N LEU A 190 -43.97 23.81 -20.97
CA LEU A 190 -44.15 22.78 -19.96
C LEU A 190 -44.64 23.32 -18.62
N TYR A 191 -43.97 24.36 -18.13
CA TYR A 191 -44.18 24.88 -16.79
C TYR A 191 -44.63 26.34 -16.73
N GLN A 192 -44.65 27.01 -17.89
CA GLN A 192 -45.01 28.43 -18.00
C GLN A 192 -44.02 29.40 -17.36
N ASN A 193 -43.79 29.27 -16.06
CA ASN A 193 -42.94 30.22 -15.34
C ASN A 193 -41.54 30.28 -15.96
N PRO A 194 -41.07 31.48 -16.33
CA PRO A 194 -39.81 31.58 -17.06
C PRO A 194 -38.60 31.18 -16.21
N THR A 195 -38.59 31.64 -14.97
CA THR A 195 -37.52 31.31 -14.02
C THR A 195 -38.11 30.43 -12.92
N THR A 196 -37.55 29.23 -12.76
CA THR A 196 -38.06 28.28 -11.77
C THR A 196 -36.95 27.80 -10.84
N TYR A 197 -37.35 27.07 -9.80
CA TYR A 197 -36.41 26.53 -8.82
C TYR A 197 -37.02 25.33 -8.10
N ILE A 198 -36.17 24.58 -7.41
CA ILE A 198 -36.60 23.53 -6.49
C ILE A 198 -35.76 23.63 -5.22
N SER A 199 -36.41 23.91 -4.09
CA SER A 199 -35.72 23.98 -2.81
C SER A 199 -36.04 22.72 -2.00
N VAL A 200 -35.00 21.96 -1.66
CA VAL A 200 -35.15 20.76 -0.83
C VAL A 200 -34.36 20.94 0.45
N GLY A 201 -35.02 20.72 1.59
CA GLY A 201 -34.40 20.89 2.89
C GLY A 201 -34.68 19.73 3.81
N THR A 202 -33.71 19.41 4.65
CA THR A 202 -33.87 18.45 5.75
C THR A 202 -33.19 19.07 6.96
N SER A 203 -32.90 18.26 7.98
CA SER A 203 -32.09 18.73 9.10
C SER A 203 -30.68 19.08 8.63
N THR A 204 -30.17 18.36 7.63
CA THR A 204 -28.83 18.62 7.10
C THR A 204 -28.91 19.27 5.72
N LEU A 205 -29.72 18.71 4.83
CA LEU A 205 -29.77 19.18 3.45
C LEU A 205 -30.33 20.60 3.36
N ASN A 206 -29.62 21.44 2.60
CA ASN A 206 -30.07 22.80 2.29
C ASN A 206 -29.74 23.10 0.83
N GLN A 207 -30.64 22.68 -0.05
CA GLN A 207 -30.40 22.71 -1.49
C GLN A 207 -31.41 23.60 -2.20
N ARG A 208 -30.98 24.19 -3.32
CA ARG A 208 -31.87 24.94 -4.20
C ARG A 208 -31.42 24.78 -5.66
N LEU A 209 -32.13 23.94 -6.41
CA LEU A 209 -31.78 23.64 -7.79
C LEU A 209 -32.47 24.59 -8.75
N VAL A 210 -31.76 25.00 -9.80
CA VAL A 210 -32.33 25.80 -10.88
C VAL A 210 -32.08 25.10 -12.23
N PRO A 211 -33.06 25.15 -13.16
CA PRO A 211 -32.82 24.52 -14.46
C PRO A 211 -31.85 25.31 -15.32
N ARG A 212 -30.87 24.61 -15.87
CA ARG A 212 -29.90 25.20 -16.79
C ARG A 212 -30.32 24.83 -18.22
N ILE A 213 -30.44 25.85 -19.07
CA ILE A 213 -30.84 25.65 -20.46
C ILE A 213 -29.61 25.67 -21.36
N ALA A 214 -29.60 24.77 -22.34
CA ALA A 214 -28.52 24.69 -23.31
C ALA A 214 -28.96 23.85 -24.51
N THR A 215 -28.33 24.10 -25.65
CA THR A 215 -28.54 23.27 -26.84
C THR A 215 -27.66 22.03 -26.72
N ARG A 216 -28.30 20.86 -26.73
CA ARG A 216 -27.60 19.61 -26.48
C ARG A 216 -27.89 18.60 -27.58
N SER A 217 -26.95 17.68 -27.78
CA SER A 217 -27.10 16.63 -28.78
C SER A 217 -28.20 15.66 -28.37
N LYS A 218 -28.97 15.19 -29.34
CA LYS A 218 -30.04 14.24 -29.07
C LYS A 218 -29.48 12.90 -28.64
N VAL A 219 -29.67 12.56 -27.38
CA VAL A 219 -29.33 11.25 -26.86
C VAL A 219 -30.66 10.54 -26.63
N ASN A 220 -30.76 9.30 -27.11
CA ASN A 220 -32.03 8.55 -27.07
C ASN A 220 -33.21 9.38 -27.59
N GLY A 221 -32.97 10.10 -28.68
CA GLY A 221 -34.01 10.89 -29.35
C GLY A 221 -34.42 12.18 -28.65
N GLN A 222 -33.71 12.57 -27.59
CA GLN A 222 -34.05 13.76 -26.81
C GLN A 222 -32.82 14.60 -26.49
N SER A 223 -32.97 15.92 -26.64
CA SER A 223 -31.91 16.86 -26.29
C SER A 223 -32.12 17.45 -24.88
N GLY A 224 -33.26 17.16 -24.26
CA GLY A 224 -33.53 17.51 -22.87
C GLY A 224 -32.76 16.61 -21.91
N ARG A 225 -32.58 17.08 -20.69
CA ARG A 225 -31.80 16.35 -19.68
C ARG A 225 -32.50 16.30 -18.32
N MET A 226 -32.27 15.21 -17.59
CA MET A 226 -32.76 15.06 -16.22
C MET A 226 -31.58 14.86 -15.29
N GLU A 227 -31.58 15.55 -14.15
CA GLU A 227 -30.49 15.48 -13.20
C GLU A 227 -31.03 15.01 -11.85
N PHE A 228 -30.69 13.78 -11.47
CA PHE A 228 -31.29 13.14 -10.30
C PHE A 228 -30.42 13.27 -9.06
N PHE A 229 -31.06 13.63 -7.95
CA PHE A 229 -30.39 13.82 -6.68
C PHE A 229 -31.00 12.88 -5.64
N TRP A 230 -30.28 12.69 -4.54
CA TRP A 230 -30.72 11.78 -3.49
C TRP A 230 -30.28 12.23 -2.10
N THR A 231 -30.89 11.64 -1.10
CA THR A 231 -30.45 11.80 0.29
C THR A 231 -30.85 10.59 1.10
N ILE A 232 -30.22 10.42 2.26
CA ILE A 232 -30.71 9.50 3.28
C ILE A 232 -31.44 10.35 4.30
N LEU A 233 -32.74 10.08 4.44
CA LEU A 233 -33.57 10.80 5.38
C LEU A 233 -33.60 9.98 6.67
N LYS A 234 -33.03 10.53 7.73
CA LYS A 234 -32.94 9.82 9.00
C LYS A 234 -34.32 9.79 9.67
N PRO A 235 -34.56 8.81 10.54
CA PRO A 235 -35.89 8.68 11.14
C PRO A 235 -36.24 9.87 12.02
N ASN A 236 -37.53 10.23 12.03
CA ASN A 236 -38.03 11.35 12.83
C ASN A 236 -37.61 12.71 12.27
N ASP A 237 -37.06 12.72 11.05
CA ASP A 237 -36.70 13.96 10.37
C ASP A 237 -37.61 14.12 9.16
N ALA A 238 -37.99 15.36 8.87
CA ALA A 238 -38.86 15.66 7.74
C ALA A 238 -38.05 16.26 6.59
N ILE A 239 -38.44 15.92 5.36
CA ILE A 239 -37.89 16.54 4.16
C ILE A 239 -38.94 17.49 3.57
N ASN A 240 -38.51 18.67 3.13
CA ASN A 240 -39.43 19.70 2.64
C ASN A 240 -39.10 20.14 1.22
N PHE A 241 -40.08 20.01 0.33
CA PHE A 241 -39.95 20.44 -1.05
C PHE A 241 -40.69 21.75 -1.30
N GLU A 242 -40.16 22.57 -2.20
CA GLU A 242 -40.86 23.75 -2.70
C GLU A 242 -40.35 24.05 -4.10
N SER A 243 -41.27 24.16 -5.06
CA SER A 243 -40.89 24.40 -6.46
C SER A 243 -42.00 25.06 -7.28
N ASN A 244 -41.58 25.93 -8.20
CA ASN A 244 -42.49 26.61 -9.15
C ASN A 244 -42.29 26.12 -10.59
N GLY A 245 -41.66 24.96 -10.75
CA GLY A 245 -41.46 24.35 -12.07
C GLY A 245 -40.25 23.45 -12.17
N ASN A 246 -40.28 22.58 -13.19
CA ASN A 246 -39.18 21.71 -13.59
C ASN A 246 -38.87 20.60 -12.57
N PHE A 247 -39.86 20.26 -11.74
CA PHE A 247 -39.67 19.37 -10.60
C PHE A 247 -40.07 17.93 -10.92
N ILE A 248 -39.20 16.99 -10.55
CA ILE A 248 -39.51 15.57 -10.64
C ILE A 248 -39.71 15.06 -9.22
N ALA A 249 -40.96 14.79 -8.86
CA ALA A 249 -41.31 14.46 -7.48
C ALA A 249 -41.06 12.99 -7.16
N PRO A 250 -40.78 12.68 -5.89
CA PRO A 250 -40.73 11.30 -5.45
C PRO A 250 -42.12 10.72 -5.24
N GLU A 251 -42.43 9.60 -5.88
CA GLU A 251 -43.62 8.81 -5.51
C GLU A 251 -43.20 7.82 -4.43
N TYR A 252 -42.21 7.00 -4.75
CA TYR A 252 -41.68 5.97 -3.85
C TYR A 252 -40.27 6.30 -3.38
N ALA A 253 -39.98 5.87 -2.15
CA ALA A 253 -38.65 5.98 -1.57
C ALA A 253 -38.30 4.64 -0.94
N TYR A 254 -37.09 4.15 -1.23
CA TYR A 254 -36.65 2.86 -0.71
C TYR A 254 -36.29 2.95 0.77
N LYS A 255 -36.71 1.95 1.52
CA LYS A 255 -36.49 1.88 2.96
C LYS A 255 -35.40 0.85 3.20
N ILE A 256 -34.48 1.17 4.11
CA ILE A 256 -33.28 0.35 4.31
C ILE A 256 -33.48 -0.55 5.52
N VAL A 257 -33.97 -1.77 5.29
CA VAL A 257 -34.33 -2.67 6.39
C VAL A 257 -33.13 -3.44 6.94
N LYS A 258 -32.25 -3.91 6.05
CA LYS A 258 -31.07 -4.69 6.46
C LYS A 258 -29.77 -4.10 5.94
N LYS A 259 -28.80 -4.00 6.84
CA LYS A 259 -27.44 -3.58 6.50
C LYS A 259 -26.47 -4.71 6.81
N GLY A 260 -25.77 -5.20 5.79
CA GLY A 260 -24.77 -6.24 5.97
C GLY A 260 -23.65 -6.18 4.94
N ASP A 261 -22.79 -7.18 4.95
CA ASP A 261 -21.75 -7.27 3.94
C ASP A 261 -22.39 -7.59 2.59
N SER A 262 -22.17 -6.71 1.64
CA SER A 262 -22.58 -6.94 0.26
C SER A 262 -21.53 -6.33 -0.65
N THR A 263 -21.72 -6.47 -1.96
CA THR A 263 -20.81 -5.87 -2.92
C THR A 263 -21.45 -5.83 -4.30
N ILE A 264 -21.07 -4.83 -5.09
CA ILE A 264 -21.54 -4.73 -6.47
C ILE A 264 -20.47 -5.33 -7.38
N MET A 265 -20.67 -6.60 -7.70
CA MET A 265 -19.78 -7.36 -8.56
C MET A 265 -20.04 -7.01 -10.01
N LYS A 266 -18.98 -6.90 -10.80
CA LYS A 266 -19.12 -6.58 -12.21
C LYS A 266 -18.81 -7.80 -13.06
N SER A 267 -19.81 -8.26 -13.79
CA SER A 267 -19.75 -9.51 -14.53
C SER A 267 -20.75 -9.54 -15.68
N GLU A 268 -20.31 -10.02 -16.83
CA GLU A 268 -21.19 -10.25 -17.96
C GLU A 268 -21.98 -11.54 -17.77
N LEU A 269 -21.51 -12.41 -16.88
CA LEU A 269 -22.14 -13.71 -16.64
C LEU A 269 -23.52 -13.59 -16.02
N GLU A 270 -24.30 -14.67 -16.14
CA GLU A 270 -25.70 -14.69 -15.72
C GLU A 270 -25.88 -15.47 -14.40
N TYR A 271 -26.56 -16.61 -14.42
CA TYR A 271 -26.93 -17.32 -13.18
C TYR A 271 -26.92 -18.84 -13.39
N GLY A 272 -26.11 -19.55 -12.60
CA GLY A 272 -26.00 -21.01 -12.72
C GLY A 272 -26.96 -21.81 -11.86
N ASN A 273 -27.73 -21.13 -11.00
CA ASN A 273 -28.58 -21.78 -10.00
C ASN A 273 -27.78 -22.73 -9.13
N CYS A 274 -26.63 -22.23 -8.69
CA CYS A 274 -25.69 -23.01 -7.91
C CYS A 274 -25.51 -22.30 -6.57
N ASN A 275 -25.02 -23.03 -5.57
CA ASN A 275 -24.75 -22.47 -4.25
C ASN A 275 -23.25 -22.52 -3.90
N THR A 276 -22.78 -21.52 -3.17
CA THR A 276 -21.37 -21.47 -2.77
C THR A 276 -21.18 -20.74 -1.44
N LYS A 277 -19.94 -20.66 -1.00
CA LYS A 277 -19.57 -19.86 0.17
C LYS A 277 -18.40 -18.90 -0.14
N CYS A 278 -18.00 -18.87 -1.41
CA CYS A 278 -16.99 -17.93 -1.90
C CYS A 278 -17.29 -17.68 -3.37
N GLN A 279 -17.57 -16.43 -3.72
CA GLN A 279 -17.94 -16.10 -5.09
C GLN A 279 -16.95 -15.12 -5.70
N THR A 280 -16.72 -15.27 -7.00
CA THR A 280 -15.94 -14.33 -7.79
C THR A 280 -16.74 -13.90 -9.02
N PRO A 281 -16.32 -12.80 -9.66
CA PRO A 281 -16.89 -12.37 -10.95
C PRO A 281 -16.84 -13.43 -12.06
N MET A 282 -15.84 -14.31 -12.02
CA MET A 282 -15.67 -15.34 -13.05
C MET A 282 -16.34 -16.67 -12.69
N GLY A 283 -16.65 -16.86 -11.41
CA GLY A 283 -17.27 -18.10 -10.95
C GLY A 283 -17.23 -18.24 -9.45
N ALA A 284 -17.52 -19.44 -8.96
CA ALA A 284 -17.51 -19.71 -7.52
C ALA A 284 -16.42 -20.70 -7.14
N ILE A 285 -16.05 -20.67 -5.87
CA ILE A 285 -14.92 -21.45 -5.35
C ILE A 285 -15.35 -22.38 -4.21
N ASN A 286 -14.93 -23.63 -4.32
CA ASN A 286 -15.17 -24.65 -3.31
C ASN A 286 -13.87 -25.40 -3.06
N SER A 287 -13.06 -24.91 -2.12
CA SER A 287 -11.81 -25.59 -1.79
C SER A 287 -11.33 -25.27 -0.38
N SER A 288 -10.39 -26.08 0.10
CA SER A 288 -9.79 -25.91 1.41
C SER A 288 -8.39 -25.29 1.30
N MET A 289 -7.95 -25.02 0.07
CA MET A 289 -6.66 -24.38 -0.18
C MET A 289 -6.61 -23.04 0.54
N PRO A 290 -5.43 -22.67 1.06
CA PRO A 290 -5.28 -21.33 1.66
C PRO A 290 -5.19 -20.21 0.63
N PHE A 291 -4.94 -20.57 -0.63
CA PHE A 291 -4.78 -19.59 -1.71
C PHE A 291 -5.58 -19.95 -2.94
N HIS A 292 -5.80 -18.93 -3.77
CA HIS A 292 -6.35 -19.11 -5.11
C HIS A 292 -5.80 -18.02 -6.02
N ASN A 293 -6.07 -18.15 -7.32
CA ASN A 293 -5.56 -17.19 -8.31
C ASN A 293 -6.61 -16.81 -9.36
N ILE A 294 -7.88 -16.92 -8.99
CA ILE A 294 -8.99 -16.75 -9.91
C ILE A 294 -9.22 -15.27 -10.25
N HIS A 295 -9.54 -14.49 -9.22
CA HIS A 295 -9.89 -13.08 -9.40
C HIS A 295 -9.85 -12.38 -8.02
N PRO A 296 -9.26 -11.17 -7.95
CA PRO A 296 -9.04 -10.49 -6.66
C PRO A 296 -10.32 -10.15 -5.88
N LEU A 297 -11.31 -9.62 -6.57
CA LEU A 297 -12.58 -9.25 -5.93
C LEU A 297 -13.43 -10.49 -5.66
N THR A 298 -13.48 -10.90 -4.39
CA THR A 298 -14.33 -12.01 -3.99
C THR A 298 -15.27 -11.56 -2.87
N ILE A 299 -16.21 -12.45 -2.54
CA ILE A 299 -17.17 -12.18 -1.47
C ILE A 299 -17.40 -13.51 -0.76
N GLY A 300 -17.43 -13.46 0.58
CA GLY A 300 -17.65 -14.64 1.40
C GLY A 300 -16.38 -15.20 2.00
N GLU A 301 -16.49 -16.40 2.57
CA GLU A 301 -15.36 -17.10 3.19
C GLU A 301 -14.45 -17.63 2.10
N CYS A 302 -13.38 -16.89 1.80
CA CYS A 302 -12.52 -17.19 0.67
C CYS A 302 -11.06 -17.43 1.04
N PRO A 303 -10.36 -18.25 0.22
CA PRO A 303 -8.91 -18.30 0.29
C PRO A 303 -8.33 -16.97 -0.21
N LYS A 304 -7.04 -16.74 0.04
CA LYS A 304 -6.42 -15.46 -0.33
C LYS A 304 -6.01 -15.46 -1.79
N TYR A 305 -6.24 -14.34 -2.46
CA TYR A 305 -5.89 -14.22 -3.86
C TYR A 305 -4.41 -13.93 -4.01
N VAL A 306 -3.78 -14.63 -4.94
CA VAL A 306 -2.43 -14.30 -5.40
C VAL A 306 -2.36 -14.43 -6.92
N LYS A 307 -1.36 -13.79 -7.52
CA LYS A 307 -1.16 -13.85 -8.97
C LYS A 307 -0.37 -15.07 -9.43
N SER A 308 0.01 -15.94 -8.50
CA SER A 308 0.84 -17.10 -8.84
C SER A 308 0.10 -18.08 -9.74
N ASN A 309 0.86 -18.76 -10.59
CA ASN A 309 0.36 -19.91 -11.34
C ASN A 309 0.56 -21.20 -10.54
N ARG A 310 1.58 -21.20 -9.69
CA ARG A 310 1.99 -22.39 -8.96
C ARG A 310 2.45 -22.05 -7.53
N LEU A 311 1.87 -22.73 -6.54
CA LEU A 311 2.40 -22.73 -5.18
C LEU A 311 2.35 -24.14 -4.62
N VAL A 312 3.49 -24.80 -4.60
CA VAL A 312 3.60 -26.17 -4.14
C VAL A 312 4.69 -26.25 -3.09
N LEU A 313 4.36 -26.83 -1.94
CA LEU A 313 5.29 -27.02 -0.84
C LEU A 313 5.81 -28.43 -0.81
N ALA A 314 7.13 -28.59 -0.71
CA ALA A 314 7.71 -29.88 -0.42
C ALA A 314 7.30 -30.28 0.99
N THR A 315 6.76 -31.48 1.13
CA THR A 315 6.51 -32.10 2.43
C THR A 315 7.48 -33.24 2.65
N GLY A 316 7.68 -34.04 1.61
CA GLY A 316 8.65 -35.13 1.65
C GLY A 316 10.04 -34.68 1.25
N LEU A 317 10.82 -35.62 0.78
CA LEU A 317 12.24 -35.39 0.53
C LEU A 317 12.59 -35.66 -0.92
N ARG A 318 13.79 -35.27 -1.30
CA ARG A 318 14.24 -35.39 -2.67
C ARG A 318 14.12 -36.83 -3.14
N ASN A 319 13.34 -37.03 -4.19
CA ASN A 319 13.09 -38.36 -4.70
C ASN A 319 14.16 -38.75 -5.72
N SER A 320 14.71 -39.94 -5.53
CA SER A 320 15.81 -40.44 -6.35
C SER A 320 15.34 -40.91 -7.73
N PRO A 321 16.22 -40.81 -8.75
CA PRO A 321 15.96 -41.45 -10.04
C PRO A 321 16.36 -42.92 -10.03
N GLY B 1 22.61 -31.77 -1.08
CA GLY B 1 22.06 -31.12 0.14
C GLY B 1 23.14 -30.63 1.08
N LEU B 2 22.76 -29.78 2.02
CA LEU B 2 23.71 -29.18 2.94
C LEU B 2 24.43 -30.20 3.81
N PHE B 3 23.72 -31.26 4.19
CA PHE B 3 24.20 -32.17 5.22
C PHE B 3 24.85 -33.40 4.63
N GLY B 4 24.87 -33.49 3.30
CA GLY B 4 25.70 -34.45 2.58
C GLY B 4 25.22 -35.88 2.56
N ALA B 5 24.07 -36.16 3.14
CA ALA B 5 23.59 -37.53 3.28
C ALA B 5 22.75 -37.93 2.07
N ILE B 6 21.65 -37.21 1.87
CA ILE B 6 20.71 -37.50 0.79
C ILE B 6 21.30 -37.13 -0.57
N ALA B 7 21.33 -38.10 -1.47
CA ALA B 7 21.99 -37.94 -2.77
C ALA B 7 23.42 -37.52 -2.58
N GLY B 8 24.05 -38.02 -1.52
CA GLY B 8 25.40 -37.62 -1.14
C GLY B 8 26.23 -38.86 -0.95
N PHE B 9 26.62 -39.15 0.28
CA PHE B 9 27.30 -40.39 0.57
C PHE B 9 26.31 -41.55 0.58
N ILE B 10 25.02 -41.26 0.78
CA ILE B 10 23.95 -42.22 0.53
C ILE B 10 23.35 -41.91 -0.82
N GLU B 11 23.77 -42.63 -1.84
CA GLU B 11 23.54 -42.23 -3.22
C GLU B 11 22.08 -42.17 -3.65
N GLY B 12 21.22 -42.95 -3.01
CA GLY B 12 19.82 -43.03 -3.41
C GLY B 12 18.88 -43.55 -2.33
N GLY B 13 17.58 -43.36 -2.57
CA GLY B 13 16.56 -43.76 -1.62
C GLY B 13 16.17 -45.23 -1.79
N TRP B 14 15.19 -45.65 -1.00
CA TRP B 14 14.75 -47.04 -0.99
C TRP B 14 13.27 -47.13 -1.28
N GLN B 15 12.95 -47.61 -2.48
CA GLN B 15 11.56 -47.91 -2.86
C GLN B 15 11.00 -48.95 -1.89
N GLY B 16 11.88 -49.83 -1.39
CA GLY B 16 11.48 -50.92 -0.50
C GLY B 16 11.12 -50.54 0.93
N MET B 17 11.40 -49.30 1.33
CA MET B 17 10.99 -48.83 2.66
C MET B 17 9.76 -47.94 2.53
N VAL B 18 8.59 -48.50 2.87
CA VAL B 18 7.33 -47.80 2.68
C VAL B 18 6.70 -47.30 3.99
N ASP B 19 7.17 -47.83 5.12
CA ASP B 19 6.54 -47.51 6.41
C ASP B 19 7.25 -46.37 7.15
N GLY B 20 8.03 -45.56 6.42
CA GLY B 20 8.67 -44.40 7.03
C GLY B 20 9.58 -43.63 6.09
N TRP B 21 10.12 -42.53 6.58
CA TRP B 21 10.95 -41.64 5.77
C TRP B 21 12.42 -42.01 5.87
N TYR B 22 12.86 -42.31 7.08
CA TYR B 22 14.23 -42.72 7.34
C TYR B 22 14.20 -44.06 8.03
N GLY B 23 15.26 -44.84 7.83
CA GLY B 23 15.33 -46.12 8.50
C GLY B 23 16.56 -46.91 8.15
N TYR B 24 16.50 -48.20 8.48
CA TYR B 24 17.62 -49.11 8.35
C TYR B 24 17.30 -50.24 7.40
N HIS B 25 18.33 -50.78 6.77
CA HIS B 25 18.24 -52.02 6.04
C HIS B 25 19.39 -52.93 6.41
N HIS B 26 19.05 -54.10 6.94
CA HIS B 26 20.03 -55.07 7.42
C HIS B 26 20.14 -56.24 6.47
N SER B 27 21.27 -56.92 6.48
CA SER B 27 21.43 -58.19 5.75
C SER B 27 22.43 -59.10 6.47
N ASN B 28 21.94 -60.24 6.95
CA ASN B 28 22.74 -61.23 7.65
C ASN B 28 22.39 -62.63 7.14
N GLU B 29 22.86 -63.66 7.84
CA GLU B 29 22.59 -65.05 7.42
C GLU B 29 21.09 -65.35 7.34
N GLN B 30 20.34 -64.85 8.31
CA GLN B 30 18.91 -65.17 8.46
C GLN B 30 18.00 -64.40 7.48
N GLY B 31 18.53 -63.37 6.84
CA GLY B 31 17.77 -62.63 5.82
C GLY B 31 18.14 -61.16 5.73
N SER B 32 17.34 -60.41 4.99
CA SER B 32 17.49 -58.96 4.92
C SER B 32 16.14 -58.29 5.09
N GLY B 33 16.13 -56.97 5.20
CA GLY B 33 14.88 -56.23 5.30
C GLY B 33 14.98 -54.77 5.73
N TYR B 34 13.93 -54.02 5.41
CA TYR B 34 13.84 -52.61 5.76
C TYR B 34 13.04 -52.42 7.04
N ALA B 35 13.53 -51.55 7.91
CA ALA B 35 12.80 -51.15 9.11
C ALA B 35 12.86 -49.63 9.25
N ALA B 36 11.70 -48.98 9.24
CA ALA B 36 11.64 -47.54 9.39
C ALA B 36 11.98 -47.14 10.83
N ASP B 37 12.75 -46.07 10.98
CA ASP B 37 13.02 -45.48 12.29
C ASP B 37 11.86 -44.56 12.66
N LYS B 38 11.02 -45.01 13.59
CA LYS B 38 9.81 -44.28 13.95
C LYS B 38 10.08 -42.88 14.53
N GLU B 39 10.99 -42.81 15.50
CA GLU B 39 11.26 -41.55 16.21
C GLU B 39 11.65 -40.41 15.28
N SER B 40 12.68 -40.65 14.46
CA SER B 40 13.13 -39.62 13.52
C SER B 40 12.04 -39.31 12.50
N THR B 41 11.27 -40.32 12.11
CA THR B 41 10.20 -40.12 11.14
C THR B 41 9.06 -39.27 11.71
N GLN B 42 8.64 -39.58 12.94
CA GLN B 42 7.56 -38.84 13.58
C GLN B 42 7.94 -37.39 13.84
N LYS B 43 9.21 -37.17 14.19
CA LYS B 43 9.73 -35.81 14.35
C LYS B 43 9.67 -35.03 13.05
N ALA B 44 9.99 -35.68 11.94
CA ALA B 44 9.95 -35.04 10.64
C ALA B 44 8.51 -34.71 10.24
N ILE B 45 7.59 -35.61 10.56
CA ILE B 45 6.18 -35.40 10.27
C ILE B 45 5.63 -34.22 11.04
N ASP B 46 6.02 -34.08 12.31
CA ASP B 46 5.56 -32.97 13.14
C ASP B 46 6.14 -31.65 12.66
N GLY B 47 7.44 -31.64 12.42
CA GLY B 47 8.11 -30.44 11.97
C GLY B 47 7.53 -29.85 10.70
N VAL B 48 7.18 -30.71 9.75
CA VAL B 48 6.64 -30.28 8.46
C VAL B 48 5.17 -29.87 8.58
N THR B 49 4.40 -30.61 9.37
CA THR B 49 3.01 -30.25 9.61
C THR B 49 2.95 -28.82 10.15
N ASN B 50 3.66 -28.58 11.24
CA ASN B 50 3.72 -27.26 11.87
C ASN B 50 4.13 -26.20 10.86
N LYS B 51 5.15 -26.52 10.08
CA LYS B 51 5.64 -25.63 9.03
C LYS B 51 4.54 -25.20 8.09
N VAL B 52 3.74 -26.17 7.64
CA VAL B 52 2.68 -25.90 6.68
C VAL B 52 1.58 -25.05 7.33
N ASN B 53 1.19 -25.40 8.56
CA ASN B 53 0.17 -24.65 9.29
C ASN B 53 0.65 -23.24 9.62
N SER B 54 1.91 -23.14 10.04
CA SER B 54 2.55 -21.85 10.30
C SER B 54 2.49 -20.95 9.09
N ILE B 55 2.74 -21.53 7.91
CA ILE B 55 2.71 -20.80 6.64
C ILE B 55 1.29 -20.37 6.27
N ILE B 56 0.34 -21.29 6.38
CA ILE B 56 -1.05 -20.98 6.13
C ILE B 56 -1.52 -19.80 7.00
N ASP B 57 -1.29 -19.91 8.31
CA ASP B 57 -1.75 -18.92 9.27
C ASP B 57 -1.12 -17.54 9.09
N LYS B 58 0.15 -17.51 8.69
CA LYS B 58 0.81 -16.22 8.46
C LYS B 58 0.28 -15.49 7.24
N MET B 59 -0.24 -16.23 6.28
CA MET B 59 -0.84 -15.63 5.09
C MET B 59 -2.34 -15.39 5.27
N ASN B 60 -2.92 -16.00 6.31
CA ASN B 60 -4.35 -15.87 6.65
C ASN B 60 -4.88 -14.43 6.60
N THR B 61 -4.22 -13.50 7.28
CA THR B 61 -4.60 -12.08 7.19
C THR B 61 -3.71 -11.42 6.14
N GLN B 62 -4.33 -11.05 5.03
CA GLN B 62 -3.62 -10.39 3.94
C GLN B 62 -4.62 -9.52 3.16
N PHE B 63 -4.08 -8.60 2.36
CA PHE B 63 -4.91 -7.61 1.67
C PHE B 63 -6.07 -8.25 0.90
N GLU B 64 -7.24 -7.60 0.98
CA GLU B 64 -8.41 -8.01 0.23
C GLU B 64 -8.91 -6.84 -0.59
N ALA B 65 -9.05 -7.04 -1.90
CA ALA B 65 -9.55 -5.99 -2.79
C ALA B 65 -11.03 -5.74 -2.56
N VAL B 66 -11.43 -4.47 -2.70
CA VAL B 66 -12.83 -4.10 -2.72
C VAL B 66 -13.07 -3.27 -3.98
N GLY B 67 -14.26 -3.42 -4.57
CA GLY B 67 -14.62 -2.67 -5.75
C GLY B 67 -15.05 -1.28 -5.38
N ARG B 68 -14.54 -0.28 -6.11
CA ARG B 68 -14.90 1.11 -5.94
C ARG B 68 -15.06 1.74 -7.31
N GLU B 69 -16.02 2.66 -7.42
CA GLU B 69 -16.40 3.23 -8.71
C GLU B 69 -16.05 4.70 -8.73
N PHE B 70 -15.54 5.18 -9.86
CA PHE B 70 -15.18 6.59 -10.02
C PHE B 70 -15.64 7.12 -11.37
N ASN B 71 -16.16 8.34 -11.40
CA ASN B 71 -16.67 8.91 -12.66
C ASN B 71 -15.54 9.43 -13.57
N ASN B 72 -15.92 10.10 -14.65
CA ASN B 72 -14.97 10.46 -15.72
C ASN B 72 -13.98 11.55 -15.34
N LEU B 73 -14.32 12.37 -14.34
CA LEU B 73 -13.43 13.43 -13.83
C LEU B 73 -12.91 13.11 -12.43
N GLU B 74 -12.78 11.82 -12.15
CA GLU B 74 -12.11 11.33 -10.95
C GLU B 74 -11.05 10.32 -11.35
N ARG B 75 -10.40 10.57 -12.48
CA ARG B 75 -9.46 9.63 -13.07
C ARG B 75 -8.20 9.45 -12.23
N ARG B 76 -7.77 10.51 -11.56
CA ARG B 76 -6.57 10.43 -10.72
C ARG B 76 -6.77 9.46 -9.56
N ILE B 77 -7.88 9.60 -8.83
CA ILE B 77 -8.14 8.73 -7.68
C ILE B 77 -8.59 7.33 -8.09
N GLU B 78 -9.12 7.18 -9.30
CA GLU B 78 -9.34 5.86 -9.86
C GLU B 78 -8.00 5.18 -10.04
N ASN B 79 -7.05 5.91 -10.56
CA ASN B 79 -5.74 5.37 -10.85
C ASN B 79 -4.94 5.12 -9.58
N LEU B 80 -5.05 6.03 -8.63
CA LEU B 80 -4.49 5.85 -7.30
C LEU B 80 -5.03 4.54 -6.71
N ASN B 81 -6.35 4.39 -6.75
CA ASN B 81 -7.01 3.20 -6.23
C ASN B 81 -6.58 1.90 -6.90
N LYS B 82 -6.27 1.95 -8.20
CA LYS B 82 -5.84 0.77 -8.93
C LYS B 82 -4.45 0.36 -8.49
N LYS B 83 -3.53 1.31 -8.53
CA LYS B 83 -2.15 1.07 -8.09
C LYS B 83 -2.05 0.62 -6.65
N MET B 84 -2.95 1.11 -5.80
CA MET B 84 -2.98 0.66 -4.42
C MET B 84 -3.38 -0.81 -4.35
N GLU B 85 -4.45 -1.20 -5.04
CA GLU B 85 -4.92 -2.58 -5.00
C GLU B 85 -3.92 -3.52 -5.66
N ASP B 86 -3.46 -3.16 -6.85
CA ASP B 86 -2.39 -3.91 -7.54
C ASP B 86 -1.12 -4.01 -6.71
N GLY B 87 -0.70 -2.88 -6.14
CA GLY B 87 0.53 -2.81 -5.36
C GLY B 87 0.59 -3.82 -4.24
N PHE B 88 -0.54 -4.00 -3.54
CA PHE B 88 -0.64 -4.95 -2.45
C PHE B 88 -0.66 -6.41 -2.94
N LEU B 89 -1.26 -6.64 -4.11
CA LEU B 89 -1.29 -8.00 -4.68
C LEU B 89 0.11 -8.47 -5.03
N ASP B 90 0.92 -7.57 -5.58
CA ASP B 90 2.30 -7.90 -5.93
C ASP B 90 3.09 -8.23 -4.68
N VAL B 91 2.90 -7.44 -3.63
CA VAL B 91 3.55 -7.66 -2.36
C VAL B 91 3.16 -9.01 -1.76
N TRP B 92 1.85 -9.27 -1.69
CA TRP B 92 1.39 -10.53 -1.11
C TRP B 92 1.66 -11.72 -2.02
N THR B 93 1.79 -11.49 -3.32
CA THR B 93 2.19 -12.55 -4.24
C THR B 93 3.66 -12.88 -4.06
N TYR B 94 4.50 -11.84 -3.96
CA TYR B 94 5.93 -12.00 -3.72
C TYR B 94 6.19 -12.74 -2.41
N ASN B 95 5.49 -12.34 -1.36
CA ASN B 95 5.62 -12.99 -0.04
C ASN B 95 5.37 -14.47 -0.08
N ALA B 96 4.25 -14.84 -0.68
CA ALA B 96 3.84 -16.23 -0.78
C ALA B 96 4.84 -17.04 -1.60
N GLU B 97 5.18 -16.53 -2.78
CA GLU B 97 6.10 -17.24 -3.67
C GLU B 97 7.50 -17.39 -3.08
N LEU B 98 7.97 -16.36 -2.38
CA LEU B 98 9.30 -16.38 -1.78
C LEU B 98 9.33 -17.31 -0.59
N LEU B 99 8.35 -17.20 0.28
CA LEU B 99 8.26 -18.05 1.45
C LEU B 99 8.29 -19.52 1.03
N VAL B 100 7.44 -19.87 0.08
CA VAL B 100 7.41 -21.24 -0.43
C VAL B 100 8.82 -21.64 -0.90
N LEU B 101 9.44 -20.79 -1.71
CA LEU B 101 10.76 -21.05 -2.26
C LEU B 101 11.81 -21.29 -1.16
N MET B 102 11.85 -20.37 -0.20
CA MET B 102 12.81 -20.44 0.90
C MET B 102 12.56 -21.62 1.83
N GLU B 103 11.30 -21.91 2.11
CA GLU B 103 10.98 -22.95 3.07
C GLU B 103 11.03 -24.34 2.46
N ASN B 104 10.75 -24.44 1.15
CA ASN B 104 11.01 -25.67 0.42
C ASN B 104 12.46 -26.09 0.52
N GLU B 105 13.38 -25.13 0.36
CA GLU B 105 14.79 -25.45 0.44
C GLU B 105 15.17 -25.90 1.84
N ARG B 106 14.57 -25.24 2.83
CA ARG B 106 14.80 -25.61 4.21
C ARG B 106 14.22 -26.99 4.51
N THR B 107 13.07 -27.30 3.91
CA THR B 107 12.43 -28.60 4.11
C THR B 107 13.28 -29.75 3.58
N LEU B 108 13.87 -29.58 2.41
CA LEU B 108 14.71 -30.64 1.84
C LEU B 108 16.00 -30.84 2.63
N ASP B 109 16.60 -29.75 3.10
CA ASP B 109 17.79 -29.83 3.93
C ASP B 109 17.47 -30.39 5.32
N PHE B 110 16.28 -30.10 5.84
CA PHE B 110 15.78 -30.71 7.06
C PHE B 110 15.81 -32.23 6.96
N HIS B 111 15.27 -32.75 5.87
CA HIS B 111 15.30 -34.19 5.62
C HIS B 111 16.74 -34.70 5.52
N ASP B 112 17.57 -33.96 4.83
CA ASP B 112 18.97 -34.31 4.70
C ASP B 112 19.64 -34.38 6.08
N SER B 113 19.35 -33.38 6.91
CA SER B 113 19.83 -33.33 8.29
C SER B 113 19.44 -34.54 9.12
N ASN B 114 18.18 -34.96 8.98
CA ASN B 114 17.64 -36.06 9.79
C ASN B 114 18.27 -37.39 9.47
N VAL B 115 18.55 -37.63 8.20
CA VAL B 115 19.21 -38.85 7.76
C VAL B 115 20.62 -38.90 8.32
N LYS B 116 21.31 -37.76 8.21
CA LYS B 116 22.68 -37.64 8.65
C LYS B 116 22.82 -37.85 10.14
N ASN B 117 21.87 -37.30 10.90
CA ASN B 117 21.88 -37.44 12.34
C ASN B 117 21.58 -38.88 12.77
N LEU B 118 20.71 -39.54 12.02
CA LEU B 118 20.41 -40.95 12.24
C LEU B 118 21.61 -41.83 11.88
N TYR B 119 22.31 -41.48 10.81
CA TYR B 119 23.52 -42.20 10.44
C TYR B 119 24.61 -42.05 11.48
N ASP B 120 24.75 -40.85 12.02
CA ASP B 120 25.76 -40.59 13.04
C ASP B 120 25.39 -41.28 14.34
N LYS B 121 24.10 -41.27 14.67
CA LYS B 121 23.60 -41.94 15.88
C LYS B 121 24.05 -43.39 15.90
N VAL B 122 23.84 -44.06 14.78
CA VAL B 122 24.27 -45.44 14.60
C VAL B 122 25.78 -45.56 14.62
N ARG B 123 26.46 -44.68 13.89
CA ARG B 123 27.93 -44.69 13.84
C ARG B 123 28.52 -44.62 15.25
N LEU B 124 27.93 -43.79 16.10
CA LEU B 124 28.42 -43.58 17.47
C LEU B 124 28.23 -44.80 18.38
N GLN B 125 27.20 -45.59 18.11
CA GLN B 125 26.95 -46.81 18.89
C GLN B 125 27.95 -47.88 18.52
N LEU B 126 28.07 -48.15 17.23
CA LEU B 126 28.94 -49.20 16.74
C LEU B 126 30.39 -48.93 17.08
N ARG B 127 30.81 -47.67 16.99
CA ARG B 127 32.21 -47.31 17.25
C ARG B 127 33.11 -48.17 16.31
N ASP B 128 34.20 -48.74 16.82
CA ASP B 128 35.11 -49.52 15.97
C ASP B 128 34.74 -51.01 15.88
N ASN B 129 33.51 -51.37 16.23
CA ASN B 129 33.02 -52.76 16.08
C ASN B 129 32.48 -53.11 14.68
N ALA B 130 32.50 -52.15 13.75
CA ALA B 130 32.09 -52.38 12.36
C ALA B 130 32.85 -51.48 11.39
N LYS B 131 32.97 -51.89 10.14
CA LYS B 131 33.63 -51.08 9.10
C LYS B 131 32.68 -50.03 8.52
N GLU B 132 33.10 -48.77 8.53
CA GLU B 132 32.32 -47.71 7.90
C GLU B 132 32.56 -47.73 6.39
N LEU B 133 31.66 -48.41 5.67
CA LEU B 133 31.83 -48.62 4.22
C LEU B 133 31.87 -47.36 3.37
N GLY B 134 31.14 -46.32 3.79
CA GLY B 134 31.15 -45.04 3.10
C GLY B 134 29.94 -44.79 2.21
N ASN B 135 28.96 -45.70 2.28
CA ASN B 135 27.75 -45.60 1.45
C ASN B 135 26.48 -45.59 2.28
N GLY B 136 26.62 -45.40 3.59
CA GLY B 136 25.50 -45.48 4.51
C GLY B 136 25.50 -46.78 5.30
N CYS B 137 26.41 -47.69 4.95
CA CYS B 137 26.41 -49.03 5.54
C CYS B 137 27.56 -49.27 6.50
N PHE B 138 27.30 -50.11 7.48
CA PHE B 138 28.28 -50.54 8.45
C PHE B 138 28.38 -52.06 8.40
N GLU B 139 29.57 -52.56 8.11
CA GLU B 139 29.81 -53.99 7.99
C GLU B 139 30.45 -54.52 9.28
N PHE B 140 29.77 -55.44 9.95
CA PHE B 140 30.17 -55.90 11.29
C PHE B 140 31.35 -56.86 11.27
N TYR B 141 32.18 -56.80 12.30
CA TYR B 141 33.27 -57.77 12.47
C TYR B 141 32.73 -59.07 13.06
N HIS B 142 31.85 -58.93 14.03
CA HIS B 142 31.14 -60.07 14.59
C HIS B 142 29.91 -60.38 13.75
N LYS B 143 29.51 -61.65 13.75
CA LYS B 143 28.24 -62.04 13.17
C LYS B 143 27.14 -61.31 13.95
N CYS B 144 26.19 -60.74 13.23
CA CYS B 144 25.13 -59.92 13.83
C CYS B 144 23.75 -60.46 13.45
N ASP B 145 23.13 -61.20 14.37
CA ASP B 145 21.82 -61.79 14.13
C ASP B 145 20.70 -60.74 14.26
N ASN B 146 19.45 -61.17 14.13
CA ASN B 146 18.32 -60.22 14.11
C ASN B 146 18.04 -59.51 15.44
N GLU B 147 18.52 -60.07 16.54
CA GLU B 147 18.46 -59.36 17.83
C GLU B 147 19.60 -58.35 17.91
N CYS B 148 20.77 -58.73 17.39
CA CYS B 148 21.91 -57.84 17.27
C CYS B 148 21.55 -56.64 16.39
N MET B 149 20.80 -56.89 15.32
CA MET B 149 20.34 -55.83 14.44
C MET B 149 19.32 -54.96 15.16
N GLU B 150 18.36 -55.60 15.82
CA GLU B 150 17.37 -54.87 16.60
C GLU B 150 18.05 -54.06 17.71
N SER B 151 19.10 -54.64 18.28
CA SER B 151 19.93 -53.96 19.28
C SER B 151 20.43 -52.61 18.79
N VAL B 152 20.82 -52.54 17.52
CA VAL B 152 21.29 -51.30 16.92
C VAL B 152 20.14 -50.31 16.72
N ARG B 153 19.03 -50.78 16.17
CA ARG B 153 17.84 -49.93 15.99
C ARG B 153 17.27 -49.51 17.36
N ASN B 154 17.26 -50.45 18.31
CA ASN B 154 16.92 -50.20 19.72
C ASN B 154 17.56 -48.94 20.30
N GLY B 155 18.82 -48.69 19.92
CA GLY B 155 19.67 -47.71 20.60
C GLY B 155 20.49 -48.39 21.68
N THR B 156 20.35 -49.71 21.76
CA THR B 156 20.84 -50.51 22.88
C THR B 156 22.03 -51.38 22.48
N TYR B 157 22.74 -50.99 21.42
CA TYR B 157 23.84 -51.82 20.94
C TYR B 157 24.91 -52.00 22.01
N ASP B 158 25.05 -53.22 22.48
CA ASP B 158 25.96 -53.52 23.58
C ASP B 158 27.40 -53.63 23.08
N TYR B 159 28.12 -52.50 23.12
CA TYR B 159 29.48 -52.43 22.60
C TYR B 159 30.45 -53.38 23.35
N PRO B 160 30.52 -53.30 24.70
CA PRO B 160 31.39 -54.21 25.47
C PRO B 160 31.23 -55.71 25.19
N GLN B 161 30.03 -56.12 24.77
CA GLN B 161 29.75 -57.53 24.46
C GLN B 161 30.44 -58.00 23.19
N TYR B 162 30.46 -57.15 22.16
CA TYR B 162 31.01 -57.52 20.87
C TYR B 162 32.43 -56.97 20.61
N SER B 163 33.10 -56.47 21.65
CA SER B 163 34.49 -56.02 21.54
C SER B 163 35.40 -56.90 22.38
N ASP C 1 39.72 -41.47 33.17
CA ASP C 1 39.58 -39.99 33.03
C ASP C 1 38.89 -39.63 31.71
N GLN C 2 38.09 -38.56 31.73
CA GLN C 2 37.37 -38.13 30.53
C GLN C 2 37.12 -36.62 30.45
N ILE C 3 36.88 -36.15 29.24
CA ILE C 3 36.47 -34.77 29.01
C ILE C 3 35.25 -34.78 28.09
N CYS C 4 34.27 -33.95 28.42
CA CYS C 4 33.02 -33.89 27.67
C CYS C 4 32.83 -32.52 27.08
N ILE C 5 32.00 -32.45 26.04
CA ILE C 5 31.55 -31.18 25.50
C ILE C 5 30.07 -31.05 25.78
N GLY C 6 29.66 -29.85 26.20
CA GLY C 6 28.28 -29.59 26.56
C GLY C 6 27.93 -28.13 26.51
N TYR C 7 26.70 -27.84 26.91
CA TYR C 7 26.14 -26.51 26.74
C TYR C 7 25.30 -26.12 27.93
N HIS C 8 25.01 -24.84 28.01
CA HIS C 8 24.34 -24.23 29.15
C HIS C 8 22.87 -24.63 29.28
N ALA C 9 22.43 -24.81 30.52
CA ALA C 9 21.02 -24.92 30.84
C ALA C 9 20.78 -24.06 32.07
N ASN C 10 19.52 -23.72 32.33
CA ASN C 10 19.19 -22.90 33.49
C ASN C 10 17.73 -23.03 33.88
N ASN C 11 17.31 -22.28 34.89
CA ASN C 11 15.95 -22.32 35.40
C ASN C 11 14.95 -21.42 34.63
N SER C 12 15.28 -21.05 33.40
CA SER C 12 14.42 -20.18 32.57
C SER C 12 13.21 -20.94 32.04
N THR C 13 12.08 -20.24 31.94
CA THR C 13 10.86 -20.78 31.34
C THR C 13 10.44 -20.06 30.06
N GLU C 14 11.14 -18.97 29.72
CA GLU C 14 10.84 -18.20 28.52
C GLU C 14 10.84 -19.07 27.27
N GLN C 15 9.78 -18.94 26.48
CA GLN C 15 9.61 -19.73 25.28
C GLN C 15 9.59 -18.83 24.06
N VAL C 16 9.87 -19.42 22.90
CA VAL C 16 9.80 -18.71 21.64
C VAL C 16 9.22 -19.64 20.61
N ASP C 17 8.72 -19.09 19.51
CA ASP C 17 8.18 -19.89 18.43
C ASP C 17 9.15 -19.92 17.26
N THR C 18 9.09 -21.01 16.51
CA THR C 18 9.80 -21.14 15.24
C THR C 18 8.79 -21.63 14.22
N ILE C 19 9.21 -21.73 12.97
CA ILE C 19 8.32 -22.23 11.91
C ILE C 19 7.84 -23.65 12.24
N MET C 20 8.77 -24.52 12.62
CA MET C 20 8.49 -25.94 12.79
C MET C 20 8.03 -26.33 14.18
N GLU C 21 8.31 -25.50 15.17
CA GLU C 21 7.99 -25.82 16.56
C GLU C 21 7.64 -24.56 17.33
N LYS C 22 6.63 -24.67 18.18
CA LYS C 22 6.13 -23.56 18.96
C LYS C 22 6.32 -23.81 20.44
N ASN C 23 6.35 -22.74 21.23
CA ASN C 23 6.53 -22.85 22.67
C ASN C 23 7.81 -23.60 23.04
N VAL C 24 8.90 -23.28 22.36
CA VAL C 24 10.22 -23.84 22.63
C VAL C 24 10.88 -23.09 23.78
N THR C 25 11.11 -23.75 24.90
CA THR C 25 11.74 -23.11 26.05
C THR C 25 13.20 -22.83 25.75
N VAL C 26 13.67 -21.62 26.07
CA VAL C 26 15.06 -21.23 25.85
C VAL C 26 15.68 -20.65 27.10
N THR C 27 17.01 -20.61 27.11
CA THR C 27 17.75 -20.09 28.25
C THR C 27 17.70 -18.56 28.31
N HIS C 28 17.66 -17.92 27.15
CA HIS C 28 17.60 -16.46 27.06
C HIS C 28 16.75 -16.03 25.89
N ALA C 29 16.02 -14.94 26.09
CA ALA C 29 15.16 -14.41 25.06
C ALA C 29 15.12 -12.90 25.20
N GLN C 30 14.58 -12.24 24.19
CA GLN C 30 14.44 -10.79 24.21
C GLN C 30 13.10 -10.36 23.63
N ASP C 31 12.21 -9.91 24.50
CA ASP C 31 10.96 -9.31 24.08
C ASP C 31 11.29 -7.97 23.39
N ILE C 32 10.69 -7.78 22.22
CA ILE C 32 10.90 -6.57 21.42
C ILE C 32 9.59 -5.80 21.18
N LEU C 33 8.50 -6.27 21.78
CA LEU C 33 7.18 -5.66 21.61
C LEU C 33 6.77 -4.97 22.91
N GLU C 34 6.47 -3.68 22.82
CA GLU C 34 5.95 -2.93 23.97
C GLU C 34 4.44 -3.08 24.04
N LYS C 35 3.95 -3.62 25.15
CA LYS C 35 2.51 -3.92 25.30
C LYS C 35 1.76 -2.96 26.21
N THR C 36 2.46 -2.11 26.96
CA THR C 36 1.83 -1.28 27.99
C THR C 36 1.90 0.24 27.71
N HIS C 37 0.96 0.95 28.32
CA HIS C 37 0.89 2.42 28.29
C HIS C 37 0.34 2.91 29.63
N ASN C 38 0.50 4.19 29.93
CA ASN C 38 0.00 4.75 31.20
C ASN C 38 -1.50 5.06 31.22
N GLY C 39 -2.12 5.13 30.03
CA GLY C 39 -3.57 5.30 29.90
C GLY C 39 -4.03 6.75 29.90
N LYS C 40 -3.08 7.67 29.74
CA LYS C 40 -3.34 9.10 29.86
C LYS C 40 -2.91 9.89 28.63
N LEU C 41 -3.52 11.05 28.45
CA LEU C 41 -3.13 12.02 27.43
C LEU C 41 -2.15 12.99 28.10
N CYS C 42 -1.06 13.32 27.41
CA CYS C 42 0.11 13.87 28.08
C CYS C 42 0.90 14.89 27.28
N ASP C 43 1.69 15.70 28.00
CA ASP C 43 2.58 16.67 27.37
C ASP C 43 3.61 15.93 26.55
N LEU C 44 3.90 16.45 25.36
CA LEU C 44 4.88 15.83 24.45
C LEU C 44 6.14 16.67 24.36
N ASP C 45 7.22 16.16 24.95
CA ASP C 45 8.49 16.87 24.98
C ASP C 45 8.33 18.16 25.79
N GLY C 46 7.49 18.10 26.83
CA GLY C 46 7.17 19.27 27.65
C GLY C 46 5.94 20.02 27.16
N VAL C 47 5.78 20.10 25.84
CA VAL C 47 4.78 20.96 25.21
C VAL C 47 3.38 20.33 25.31
N LYS C 48 2.43 21.10 25.84
CA LYS C 48 1.10 20.58 26.17
C LYS C 48 0.22 20.40 24.93
N PRO C 49 -0.64 19.36 24.94
CA PRO C 49 -1.63 19.23 23.87
C PRO C 49 -2.77 20.21 24.02
N LEU C 50 -3.31 20.68 22.90
CA LEU C 50 -4.53 21.46 22.91
C LEU C 50 -5.69 20.50 23.06
N ILE C 51 -6.20 20.38 24.28
CA ILE C 51 -7.34 19.50 24.55
C ILE C 51 -8.62 20.32 24.50
N LEU C 52 -9.41 20.11 23.45
CA LEU C 52 -10.62 20.88 23.22
C LEU C 52 -11.77 20.44 24.13
N ARG C 53 -11.58 19.30 24.81
CA ARG C 53 -12.60 18.73 25.68
C ARG C 53 -13.88 18.50 24.83
N ASP C 54 -14.99 19.16 25.14
CA ASP C 54 -16.24 18.95 24.41
C ASP C 54 -16.44 19.89 23.22
N CYS C 55 -15.53 20.83 23.01
CA CYS C 55 -15.58 21.70 21.82
C CYS C 55 -14.95 21.00 20.62
N SER C 56 -15.42 21.37 19.43
CA SER C 56 -14.85 20.87 18.18
C SER C 56 -13.86 21.91 17.62
N VAL C 57 -13.20 21.56 16.53
CA VAL C 57 -12.26 22.46 15.87
C VAL C 57 -13.00 23.68 15.33
N ALA C 58 -14.17 23.43 14.75
CA ALA C 58 -15.04 24.51 14.26
C ALA C 58 -15.51 25.41 15.40
N GLY C 59 -16.02 24.78 16.47
CA GLY C 59 -16.45 25.50 17.66
C GLY C 59 -15.35 26.41 18.19
N TRP C 60 -14.14 25.87 18.28
CA TRP C 60 -12.99 26.65 18.74
C TRP C 60 -12.69 27.80 17.77
N LEU C 61 -12.52 27.46 16.50
CA LEU C 61 -12.08 28.45 15.51
C LEU C 61 -13.09 29.55 15.22
N LEU C 62 -14.38 29.21 15.20
CA LEU C 62 -15.42 30.24 15.04
C LEU C 62 -15.70 31.00 16.35
N GLY C 63 -15.14 30.52 17.46
CA GLY C 63 -15.31 31.18 18.75
C GLY C 63 -16.69 30.98 19.33
N ASN C 64 -17.24 29.77 19.21
CA ASN C 64 -18.46 29.40 19.88
C ASN C 64 -18.37 29.82 21.36
N PRO C 65 -19.42 30.48 21.90
CA PRO C 65 -19.36 31.02 23.27
C PRO C 65 -19.17 29.98 24.38
N MET C 66 -19.47 28.72 24.09
CA MET C 66 -19.17 27.62 25.02
C MET C 66 -17.69 27.27 25.03
N CYS C 67 -16.97 27.69 23.99
CA CYS C 67 -15.54 27.45 23.85
C CYS C 67 -14.71 28.66 24.30
N ASP C 68 -15.10 29.23 25.43
CA ASP C 68 -14.43 30.40 26.00
C ASP C 68 -13.01 30.10 26.45
N GLU C 69 -12.78 28.87 26.92
CA GLU C 69 -11.44 28.44 27.33
C GLU C 69 -10.42 28.63 26.22
N PHE C 70 -10.86 28.41 24.98
CA PHE C 70 -9.96 28.34 23.84
C PHE C 70 -9.88 29.64 23.04
N ILE C 71 -10.18 30.76 23.70
CA ILE C 71 -9.79 32.08 23.19
C ILE C 71 -8.31 32.33 23.53
N ASN C 72 -7.56 32.84 22.55
CA ASN C 72 -6.09 33.02 22.68
C ASN C 72 -5.36 31.82 23.29
N VAL C 73 -5.35 30.71 22.55
CA VAL C 73 -4.70 29.49 23.01
C VAL C 73 -3.19 29.58 22.89
N PRO C 74 -2.46 28.99 23.85
CA PRO C 74 -1.01 28.90 23.71
C PRO C 74 -0.65 27.80 22.72
N GLU C 75 0.62 27.77 22.32
CA GLU C 75 1.07 26.76 21.35
C GLU C 75 0.94 25.35 21.92
N TRP C 76 0.69 24.40 21.04
CA TRP C 76 0.42 23.02 21.42
C TRP C 76 1.37 22.07 20.70
N SER C 77 1.55 20.89 21.29
CA SER C 77 2.31 19.81 20.66
C SER C 77 1.43 19.10 19.66
N TYR C 78 0.23 18.74 20.12
CA TYR C 78 -0.78 18.11 19.27
C TYR C 78 -2.16 18.53 19.78
N ILE C 79 -3.21 18.15 19.04
CA ILE C 79 -4.57 18.52 19.40
C ILE C 79 -5.39 17.28 19.74
N VAL C 80 -6.31 17.40 20.68
CA VAL C 80 -7.21 16.30 21.06
C VAL C 80 -8.68 16.70 20.92
N GLU C 81 -9.37 16.03 19.99
CA GLU C 81 -10.79 16.26 19.74
C GLU C 81 -11.54 14.96 19.97
N LYS C 82 -12.69 15.03 20.64
CA LYS C 82 -13.55 13.87 20.82
C LYS C 82 -14.16 13.39 19.51
N ALA C 83 -14.77 12.20 19.54
CA ALA C 83 -15.40 11.62 18.37
C ALA C 83 -16.59 12.46 17.91
N ASN C 84 -17.48 12.77 18.84
CA ASN C 84 -18.67 13.59 18.57
C ASN C 84 -18.82 14.70 19.60
N PRO C 85 -17.96 15.73 19.54
CA PRO C 85 -18.03 16.83 20.51
C PRO C 85 -19.39 17.54 20.44
N VAL C 86 -20.04 17.71 21.60
CA VAL C 86 -21.36 18.34 21.64
C VAL C 86 -21.35 19.81 21.21
N ASN C 87 -20.33 20.55 21.63
CA ASN C 87 -20.19 21.97 21.29
C ASN C 87 -19.50 22.18 19.94
N ASP C 88 -20.21 21.88 18.86
CA ASP C 88 -19.72 22.10 17.51
C ASP C 88 -20.32 23.42 16.98
N LEU C 89 -21.19 23.33 15.98
CA LEU C 89 -21.87 24.51 15.43
C LEU C 89 -23.17 24.72 16.18
N CYS C 90 -23.18 25.70 17.08
CA CYS C 90 -24.37 26.01 17.88
C CYS C 90 -25.53 26.40 16.97
N TYR C 91 -25.30 27.37 16.09
CA TYR C 91 -26.26 27.70 15.04
C TYR C 91 -26.09 26.68 13.91
N PRO C 92 -27.15 25.94 13.57
CA PRO C 92 -27.09 24.92 12.51
C PRO C 92 -26.42 25.42 11.24
N GLY C 93 -25.67 24.55 10.57
CA GLY C 93 -24.98 24.96 9.36
C GLY C 93 -24.01 23.92 8.81
N ASP C 94 -23.12 24.40 7.95
CA ASP C 94 -22.03 23.62 7.38
C ASP C 94 -20.76 24.43 7.46
N PHE C 95 -19.64 23.73 7.61
CA PHE C 95 -18.33 24.35 7.51
C PHE C 95 -17.75 23.91 6.17
N ASN C 96 -17.51 24.86 5.29
CA ASN C 96 -17.04 24.56 3.94
C ASN C 96 -15.56 24.17 3.94
N ASP C 97 -15.26 23.08 3.25
CA ASP C 97 -13.92 22.48 3.23
C ASP C 97 -13.34 22.36 4.64
N TYR C 98 -14.11 21.73 5.53
CA TYR C 98 -13.76 21.61 6.93
C TYR C 98 -12.59 20.64 7.11
N GLU C 99 -12.65 19.54 6.36
CA GLU C 99 -11.65 18.49 6.46
C GLU C 99 -10.31 18.93 5.90
N GLU C 100 -10.36 19.70 4.80
CA GLU C 100 -9.14 20.27 4.22
C GLU C 100 -8.50 21.27 5.19
N LEU C 101 -9.31 21.95 5.98
CA LEU C 101 -8.77 22.89 6.97
C LEU C 101 -8.16 22.12 8.13
N LYS C 102 -8.89 21.13 8.64
CA LYS C 102 -8.36 20.29 9.71
C LYS C 102 -7.02 19.70 9.31
N HIS C 103 -6.88 19.34 8.04
CA HIS C 103 -5.62 18.82 7.55
C HIS C 103 -4.52 19.86 7.69
N LEU C 104 -4.82 21.11 7.35
CA LEU C 104 -3.86 22.22 7.53
C LEU C 104 -3.35 22.34 8.96
N LEU C 105 -4.22 22.05 9.94
CA LEU C 105 -3.87 22.12 11.36
C LEU C 105 -2.83 21.08 11.80
N SER C 106 -2.67 20.02 11.02
CA SER C 106 -1.62 19.04 11.28
C SER C 106 -0.23 19.67 11.03
N ARG C 107 -0.16 20.69 10.17
CA ARG C 107 1.08 21.42 9.92
C ARG C 107 1.27 22.65 10.84
N ILE C 108 0.40 22.80 11.83
CA ILE C 108 0.36 24.02 12.65
C ILE C 108 0.48 23.75 14.14
N ASN C 109 1.39 24.48 14.77
CA ASN C 109 1.63 24.38 16.22
C ASN C 109 1.06 25.55 17.02
N HIS C 110 0.96 26.72 16.40
CA HIS C 110 0.45 27.90 17.10
C HIS C 110 -0.24 28.93 16.23
N PHE C 111 -1.43 29.32 16.68
CA PHE C 111 -2.16 30.46 16.15
C PHE C 111 -2.01 31.63 17.10
N GLU C 112 -1.89 32.84 16.56
CA GLU C 112 -2.07 34.08 17.35
C GLU C 112 -3.23 34.87 16.77
N LYS C 113 -4.26 35.10 17.57
CA LYS C 113 -5.47 35.77 17.10
C LYS C 113 -5.29 37.27 17.02
N ILE C 114 -5.80 37.88 15.96
CA ILE C 114 -5.78 39.35 15.81
C ILE C 114 -7.08 39.87 15.19
N GLN C 115 -7.44 41.10 15.56
CA GLN C 115 -8.63 41.75 15.02
C GLN C 115 -8.26 42.49 13.73
N ILE C 116 -9.07 42.28 12.69
CA ILE C 116 -8.88 42.99 11.40
C ILE C 116 -10.05 43.93 11.09
N ILE C 117 -11.27 43.49 11.42
CA ILE C 117 -12.46 44.35 11.33
C ILE C 117 -12.94 44.65 12.76
N PRO C 118 -12.80 45.92 13.21
CA PRO C 118 -13.38 46.29 14.50
C PRO C 118 -14.90 46.19 14.49
N LYS C 119 -15.48 45.66 15.56
CA LYS C 119 -16.93 45.52 15.68
C LYS C 119 -17.60 46.90 15.67
N SER C 120 -16.97 47.87 16.34
CA SER C 120 -17.44 49.25 16.34
C SER C 120 -17.53 49.81 14.93
N SER C 121 -16.50 49.55 14.13
CA SER C 121 -16.34 50.14 12.79
C SER C 121 -17.59 50.05 11.89
N TRP C 122 -18.51 49.16 12.19
CA TRP C 122 -19.78 49.06 11.46
C TRP C 122 -20.73 50.19 11.85
N SER C 123 -20.43 51.39 11.37
CA SER C 123 -21.20 52.59 11.70
C SER C 123 -22.48 52.66 10.87
N SER C 124 -22.39 52.28 9.61
CA SER C 124 -23.53 52.29 8.69
C SER C 124 -24.55 51.17 8.97
N HIS C 125 -24.09 50.06 9.55
CA HIS C 125 -24.96 48.92 9.84
C HIS C 125 -25.05 48.67 11.36
N GLU C 126 -25.92 47.75 11.76
CA GLU C 126 -26.08 47.37 13.16
C GLU C 126 -25.36 46.04 13.41
N ALA C 127 -24.51 46.01 14.44
CA ALA C 127 -23.66 44.84 14.71
C ALA C 127 -23.92 44.12 16.03
N SER C 128 -24.65 44.77 16.95
CA SER C 128 -24.78 44.27 18.33
C SER C 128 -26.02 43.42 18.60
N LEU C 129 -26.90 43.27 17.61
CA LEU C 129 -28.06 42.38 17.74
C LEU C 129 -27.97 41.27 16.70
N GLY C 130 -26.77 40.72 16.53
CA GLY C 130 -26.54 39.60 15.63
C GLY C 130 -26.38 38.31 16.42
N VAL C 131 -27.44 37.95 17.15
CA VAL C 131 -27.40 36.80 18.07
C VAL C 131 -28.55 35.84 17.84
N SER C 132 -28.47 34.69 18.49
CA SER C 132 -29.51 33.66 18.44
C SER C 132 -29.51 32.88 19.76
N SER C 133 -30.65 32.28 20.09
CA SER C 133 -30.79 31.49 21.31
C SER C 133 -30.09 30.12 21.19
N ALA C 134 -29.76 29.71 19.97
CA ALA C 134 -29.02 28.47 19.73
C ALA C 134 -27.61 28.51 20.33
N CYS C 135 -27.01 29.70 20.39
CA CYS C 135 -25.71 29.89 21.05
C CYS C 135 -25.84 30.76 22.31
N PRO C 136 -26.28 30.16 23.44
CA PRO C 136 -26.41 30.93 24.67
C PRO C 136 -25.11 31.05 25.47
N TYR C 137 -24.87 32.23 26.03
CA TYR C 137 -23.76 32.48 26.96
C TYR C 137 -24.27 33.16 28.23
N GLN C 138 -24.08 32.50 29.37
CA GLN C 138 -24.56 33.01 30.66
C GLN C 138 -26.04 33.36 30.66
N GLY C 139 -26.85 32.52 30.00
CA GLY C 139 -28.30 32.71 29.94
C GLY C 139 -28.80 33.50 28.76
N LYS C 140 -28.02 34.48 28.30
CA LYS C 140 -28.42 35.36 27.22
C LYS C 140 -28.02 34.80 25.86
N SER C 141 -28.84 35.09 24.85
CA SER C 141 -28.59 34.66 23.48
C SER C 141 -27.37 35.37 22.90
N SER C 142 -26.40 34.57 22.44
CA SER C 142 -25.10 35.07 21.98
C SER C 142 -24.78 34.52 20.58
N PHE C 143 -23.52 34.62 20.16
CA PHE C 143 -23.09 34.16 18.84
C PHE C 143 -21.58 33.88 18.79
N PHE C 144 -21.15 33.18 17.74
CA PHE C 144 -19.73 32.99 17.42
C PHE C 144 -18.93 34.29 17.60
N ARG C 145 -17.97 34.28 18.52
CA ARG C 145 -17.28 35.51 18.96
C ARG C 145 -16.38 36.15 17.91
N ASN C 146 -15.91 35.36 16.95
CA ASN C 146 -14.93 35.83 15.98
C ASN C 146 -15.54 36.44 14.71
N VAL C 147 -16.86 36.28 14.54
CA VAL C 147 -17.56 36.83 13.39
C VAL C 147 -18.77 37.68 13.81
N VAL C 148 -19.10 38.67 12.98
CA VAL C 148 -20.18 39.62 13.26
C VAL C 148 -21.38 39.35 12.36
N TRP C 149 -22.52 39.04 12.97
CA TRP C 149 -23.77 38.88 12.23
C TRP C 149 -24.40 40.26 12.01
N LEU C 150 -24.15 40.85 10.84
CA LEU C 150 -24.63 42.21 10.54
C LEU C 150 -26.09 42.22 10.14
N ILE C 151 -26.83 43.20 10.65
CA ILE C 151 -28.23 43.45 10.29
C ILE C 151 -28.45 44.93 9.89
N LYS C 152 -29.62 45.19 9.30
CA LYS C 152 -29.98 46.54 8.84
C LYS C 152 -30.16 47.54 9.99
N LYS C 153 -29.92 48.83 9.69
CA LYS C 153 -30.10 49.91 10.66
C LYS C 153 -31.19 50.87 10.18
N ASN C 154 -32.22 51.06 11.01
CA ASN C 154 -33.41 51.84 10.66
C ASN C 154 -33.96 51.47 9.27
N SER C 155 -34.10 50.17 9.04
CA SER C 155 -34.73 49.63 7.83
C SER C 155 -33.98 49.97 6.53
N THR C 156 -32.64 49.81 6.54
CA THR C 156 -31.82 49.97 5.34
C THR C 156 -30.55 49.13 5.46
N TYR C 157 -30.29 48.27 4.47
CA TYR C 157 -29.03 47.52 4.41
C TYR C 157 -28.24 48.00 3.18
N PRO C 158 -27.43 49.06 3.35
CA PRO C 158 -26.62 49.55 2.24
C PRO C 158 -25.46 48.61 1.94
N THR C 159 -24.97 48.67 0.71
CA THR C 159 -23.89 47.80 0.27
C THR C 159 -22.66 48.01 1.16
N ILE C 160 -22.08 46.90 1.60
CA ILE C 160 -20.83 46.90 2.36
C ILE C 160 -19.68 46.76 1.37
N LYS C 161 -18.59 47.50 1.60
CA LYS C 161 -17.38 47.39 0.79
C LYS C 161 -16.15 47.54 1.67
N ARG C 162 -15.56 46.41 2.05
CA ARG C 162 -14.43 46.40 2.99
C ARG C 162 -13.25 45.63 2.44
N SER C 163 -12.05 46.15 2.71
CA SER C 163 -10.81 45.57 2.24
C SER C 163 -9.83 45.49 3.39
N TYR C 164 -9.18 44.34 3.55
CA TYR C 164 -8.08 44.22 4.52
C TYR C 164 -6.77 43.76 3.86
N ASN C 165 -5.72 44.57 4.07
CA ASN C 165 -4.38 44.29 3.57
C ASN C 165 -3.55 43.57 4.63
N ASN C 166 -3.07 42.38 4.30
CA ASN C 166 -2.21 41.63 5.22
C ASN C 166 -0.78 42.16 5.16
N THR C 167 -0.44 43.00 6.14
CA THR C 167 0.90 43.56 6.24
C THR C 167 1.75 42.84 7.30
N ASN C 168 1.19 41.82 7.94
CA ASN C 168 1.98 40.92 8.79
C ASN C 168 2.78 40.05 7.85
N GLN C 169 4.01 39.72 8.20
CA GLN C 169 4.81 38.81 7.38
C GLN C 169 4.49 37.35 7.74
N GLU C 170 3.21 37.01 7.65
CA GLU C 170 2.70 35.68 7.97
C GLU C 170 1.54 35.34 7.04
N ASP C 171 1.20 34.07 6.96
CA ASP C 171 -0.08 33.67 6.39
C ASP C 171 -1.15 34.00 7.42
N LEU C 172 -2.37 34.19 6.96
CA LEU C 172 -3.48 34.56 7.83
C LEU C 172 -4.73 33.76 7.50
N LEU C 173 -5.21 32.99 8.48
CA LEU C 173 -6.47 32.27 8.33
C LEU C 173 -7.62 33.23 8.57
N VAL C 174 -8.34 33.55 7.49
CA VAL C 174 -9.53 34.38 7.56
C VAL C 174 -10.77 33.49 7.53
N LEU C 175 -11.76 33.85 8.35
CA LEU C 175 -13.03 33.12 8.40
C LEU C 175 -14.19 34.08 8.19
N TRP C 176 -15.21 33.63 7.48
CA TRP C 176 -16.46 34.37 7.35
C TRP C 176 -17.61 33.41 7.06
N GLY C 177 -18.82 33.95 6.85
CA GLY C 177 -19.98 33.13 6.54
C GLY C 177 -21.13 33.86 5.89
N ILE C 178 -22.19 33.12 5.61
CA ILE C 178 -23.41 33.65 5.02
C ILE C 178 -24.59 33.05 5.79
N HIS C 179 -25.67 33.81 5.92
CA HIS C 179 -26.90 33.29 6.55
C HIS C 179 -27.93 32.91 5.48
N HIS C 180 -28.51 31.72 5.64
CA HIS C 180 -29.54 31.21 4.76
C HIS C 180 -30.87 31.26 5.50
N PRO C 181 -31.72 32.26 5.18
CA PRO C 181 -32.96 32.45 5.93
C PRO C 181 -34.05 31.43 5.58
N ASN C 182 -35.15 31.45 6.34
CA ASN C 182 -36.20 30.45 6.21
C ASN C 182 -37.15 30.72 5.05
N ASP C 183 -37.64 31.95 4.96
CA ASP C 183 -38.57 32.35 3.89
C ASP C 183 -38.26 33.78 3.40
N ALA C 184 -38.89 34.16 2.29
CA ALA C 184 -38.72 35.50 1.70
C ALA C 184 -39.12 36.62 2.68
N ALA C 185 -40.03 36.32 3.60
CA ALA C 185 -40.46 37.27 4.63
C ALA C 185 -39.35 37.55 5.66
N GLU C 186 -38.61 36.52 6.05
CA GLU C 186 -37.51 36.69 7.00
C GLU C 186 -36.30 37.36 6.34
N GLN C 187 -36.09 37.09 5.05
CA GLN C 187 -35.06 37.77 4.26
C GLN C 187 -35.23 39.28 4.36
N THR C 188 -36.44 39.75 4.04
CA THR C 188 -36.74 41.18 4.10
C THR C 188 -36.72 41.69 5.54
N LYS C 189 -37.20 40.87 6.49
CA LYS C 189 -37.20 41.26 7.90
C LYS C 189 -35.80 41.60 8.39
N LEU C 190 -34.83 40.77 8.02
CA LEU C 190 -33.44 40.92 8.51
C LEU C 190 -32.62 41.91 7.71
N TYR C 191 -32.67 41.78 6.38
CA TYR C 191 -31.79 42.55 5.48
C TYR C 191 -32.54 43.43 4.48
N GLN C 192 -33.87 43.30 4.43
CA GLN C 192 -34.72 44.03 3.49
C GLN C 192 -34.56 43.62 2.02
N ASN C 193 -33.35 43.77 1.48
CA ASN C 193 -33.11 43.52 0.06
C ASN C 193 -33.52 42.09 -0.31
N PRO C 194 -34.38 41.93 -1.32
CA PRO C 194 -34.94 40.61 -1.62
C PRO C 194 -33.88 39.65 -2.16
N THR C 195 -33.03 40.15 -3.05
CA THR C 195 -31.95 39.36 -3.64
C THR C 195 -30.63 39.95 -3.14
N THR C 196 -29.83 39.12 -2.48
CA THR C 196 -28.55 39.58 -1.91
C THR C 196 -27.39 38.71 -2.38
N TYR C 197 -26.18 39.15 -2.07
CA TYR C 197 -24.97 38.44 -2.44
C TYR C 197 -23.81 38.82 -1.53
N ILE C 198 -22.74 38.03 -1.57
CA ILE C 198 -21.47 38.37 -0.93
C ILE C 198 -20.35 38.02 -1.90
N SER C 199 -19.59 39.03 -2.33
CA SER C 199 -18.44 38.80 -3.20
C SER C 199 -17.16 38.95 -2.41
N VAL C 200 -16.37 37.88 -2.37
CA VAL C 200 -15.08 37.88 -1.69
C VAL C 200 -13.97 37.62 -2.71
N GLY C 201 -12.96 38.49 -2.73
CA GLY C 201 -11.86 38.37 -3.68
C GLY C 201 -10.52 38.53 -3.01
N THR C 202 -9.53 37.80 -3.52
CA THR C 202 -8.13 37.98 -3.14
C THR C 202 -7.33 37.92 -4.44
N SER C 203 -6.02 37.71 -4.34
CA SER C 203 -5.21 37.46 -5.52
C SER C 203 -5.63 36.16 -6.20
N THR C 204 -6.07 35.18 -5.41
CA THR C 204 -6.51 33.90 -5.94
C THR C 204 -8.02 33.76 -5.86
N LEU C 205 -8.59 34.04 -4.69
CA LEU C 205 -10.01 33.83 -4.48
C LEU C 205 -10.89 34.75 -5.35
N ASN C 206 -11.88 34.15 -6.00
CA ASN C 206 -12.88 34.87 -6.77
C ASN C 206 -14.24 34.23 -6.52
N GLN C 207 -14.88 34.66 -5.45
CA GLN C 207 -16.09 34.02 -4.97
C GLN C 207 -17.27 34.99 -4.96
N ARG C 208 -18.48 34.45 -5.15
CA ARG C 208 -19.71 35.22 -5.00
C ARG C 208 -20.83 34.33 -4.45
N LEU C 209 -21.12 34.50 -3.16
CA LEU C 209 -22.11 33.67 -2.48
C LEU C 209 -23.49 34.30 -2.56
N VAL C 210 -24.51 33.46 -2.73
CA VAL C 210 -25.91 33.91 -2.68
C VAL C 210 -26.67 33.06 -1.65
N PRO C 211 -27.60 33.68 -0.89
CA PRO C 211 -28.38 32.88 0.06
C PRO C 211 -29.41 32.00 -0.63
N ARG C 212 -29.41 30.72 -0.24
CA ARG C 212 -30.40 29.77 -0.72
C ARG C 212 -31.48 29.60 0.34
N ILE C 213 -32.74 29.78 -0.08
CA ILE C 213 -33.87 29.67 0.84
C ILE C 213 -34.50 28.28 0.70
N ALA C 214 -34.90 27.70 1.83
CA ALA C 214 -35.56 26.40 1.85
C ALA C 214 -36.22 26.19 3.21
N THR C 215 -37.25 25.34 3.24
CA THR C 215 -37.88 24.93 4.48
C THR C 215 -37.05 23.79 5.06
N ARG C 216 -36.54 24.00 6.28
CA ARG C 216 -35.62 23.06 6.89
C ARG C 216 -36.08 22.66 8.28
N SER C 217 -35.68 21.48 8.72
CA SER C 217 -36.03 20.98 10.05
C SER C 217 -35.31 21.80 11.13
N LYS C 218 -35.99 22.06 12.23
CA LYS C 218 -35.39 22.81 13.33
C LYS C 218 -34.30 22.01 14.00
N VAL C 219 -33.06 22.46 13.82
CA VAL C 219 -31.91 21.90 14.51
C VAL C 219 -31.50 22.94 15.55
N ASN C 220 -31.30 22.50 16.79
CA ASN C 220 -31.03 23.43 17.89
C ASN C 220 -32.03 24.60 17.95
N GLY C 221 -33.30 24.28 17.72
CA GLY C 221 -34.37 25.26 17.80
C GLY C 221 -34.47 26.24 16.64
N GLN C 222 -33.68 26.03 15.58
CA GLN C 222 -33.67 26.95 14.44
C GLN C 222 -33.68 26.20 13.11
N SER C 223 -34.47 26.70 12.17
CA SER C 223 -34.53 26.15 10.82
C SER C 223 -33.65 26.93 9.84
N GLY C 224 -33.11 28.05 10.30
CA GLY C 224 -32.13 28.82 9.53
C GLY C 224 -30.76 28.14 9.55
N ARG C 225 -29.92 28.49 8.57
CA ARG C 225 -28.60 27.86 8.41
C ARG C 225 -27.49 28.89 8.17
N MET C 226 -26.29 28.55 8.63
CA MET C 226 -25.10 29.36 8.39
C MET C 226 -24.07 28.50 7.66
N GLU C 227 -23.46 29.07 6.62
CA GLU C 227 -22.47 28.34 5.82
C GLU C 227 -21.14 29.09 5.86
N PHE C 228 -20.16 28.51 6.54
CA PHE C 228 -18.90 29.20 6.82
C PHE C 228 -17.80 28.83 5.84
N PHE C 229 -17.11 29.86 5.34
CA PHE C 229 -16.03 29.70 4.38
C PHE C 229 -14.74 30.26 4.95
N TRP C 230 -13.63 29.88 4.33
CA TRP C 230 -12.32 30.30 4.81
C TRP C 230 -11.31 30.45 3.69
N THR C 231 -10.21 31.14 3.99
CA THR C 231 -9.07 31.20 3.10
C THR C 231 -7.80 31.43 3.89
N ILE C 232 -6.65 31.15 3.27
CA ILE C 232 -5.38 31.62 3.79
C ILE C 232 -5.01 32.86 2.99
N LEU C 233 -4.90 33.98 3.68
CA LEU C 233 -4.54 35.23 3.05
C LEU C 233 -3.03 35.39 3.19
N LYS C 234 -2.34 35.35 2.06
CA LYS C 234 -0.88 35.44 2.06
C LYS C 234 -0.45 36.87 2.38
N PRO C 235 0.77 37.03 2.91
CA PRO C 235 1.20 38.37 3.32
C PRO C 235 1.31 39.33 2.13
N ASN C 236 1.00 40.60 2.37
CA ASN C 236 1.06 41.64 1.34
C ASN C 236 -0.06 41.51 0.30
N ASP C 237 -1.05 40.67 0.57
CA ASP C 237 -2.22 40.53 -0.29
C ASP C 237 -3.43 41.02 0.48
N ALA C 238 -4.35 41.66 -0.24
CA ALA C 238 -5.56 42.20 0.35
C ALA C 238 -6.75 41.31 0.02
N ILE C 239 -7.68 41.20 0.97
CA ILE C 239 -8.96 40.54 0.74
C ILE C 239 -10.07 41.60 0.67
N ASN C 240 -10.99 41.45 -0.28
CA ASN C 240 -12.03 42.45 -0.52
C ASN C 240 -13.43 41.87 -0.41
N PHE C 241 -14.23 42.46 0.47
CA PHE C 241 -15.63 42.05 0.65
C PHE C 241 -16.57 43.06 0.02
N GLU C 242 -17.70 42.56 -0.48
CA GLU C 242 -18.81 43.41 -0.92
C GLU C 242 -20.11 42.63 -0.79
N SER C 243 -21.08 43.21 -0.09
CA SER C 243 -22.36 42.53 0.14
C SER C 243 -23.51 43.48 0.43
N ASN C 244 -24.70 43.11 -0.07
CA ASN C 244 -25.95 43.84 0.18
C ASN C 244 -26.91 43.07 1.09
N GLY C 245 -26.39 42.10 1.83
CA GLY C 245 -27.20 41.34 2.78
C GLY C 245 -26.70 39.93 3.06
N ASN C 246 -27.14 39.39 4.19
CA ASN C 246 -26.90 38.00 4.61
C ASN C 246 -25.44 37.68 4.93
N PHE C 247 -24.67 38.72 5.28
CA PHE C 247 -23.22 38.61 5.44
C PHE C 247 -22.82 38.42 6.89
N ILE C 248 -21.93 37.46 7.14
CA ILE C 248 -21.32 37.27 8.45
C ILE C 248 -19.87 37.72 8.34
N ALA C 249 -19.57 38.87 8.93
CA ALA C 249 -18.26 39.49 8.75
C ALA C 249 -17.21 38.91 9.70
N PRO C 250 -15.94 38.93 9.29
CA PRO C 250 -14.86 38.60 10.20
C PRO C 250 -14.54 39.74 11.16
N GLU C 251 -14.56 39.48 12.47
CA GLU C 251 -13.97 40.41 13.44
C GLU C 251 -12.50 40.06 13.61
N TYR C 252 -12.26 38.81 13.99
CA TYR C 252 -10.92 38.29 14.21
C TYR C 252 -10.51 37.25 13.16
N ALA C 253 -9.22 37.23 12.88
CA ALA C 253 -8.63 36.23 11.99
C ALA C 253 -7.37 35.68 12.66
N TYR C 254 -7.24 34.36 12.66
CA TYR C 254 -6.09 33.72 13.30
C TYR C 254 -4.85 33.87 12.46
N LYS C 255 -3.73 34.16 13.13
CA LYS C 255 -2.44 34.38 12.49
C LYS C 255 -1.59 33.14 12.76
N ILE C 256 -0.88 32.68 11.74
CA ILE C 256 -0.16 31.41 11.81
C ILE C 256 1.31 31.67 12.12
N VAL C 257 1.66 31.68 13.40
CA VAL C 257 3.03 32.04 13.81
C VAL C 257 4.02 30.88 13.70
N LYS C 258 3.60 29.67 14.10
CA LYS C 258 4.46 28.49 14.07
C LYS C 258 3.87 27.34 13.26
N LYS C 259 4.69 26.77 12.39
CA LYS C 259 4.35 25.58 11.63
C LYS C 259 5.29 24.44 12.00
N GLY C 260 4.73 23.35 12.54
CA GLY C 260 5.53 22.18 12.89
C GLY C 260 4.74 20.89 12.80
N ASP C 261 5.35 19.80 13.25
CA ASP C 261 4.65 18.53 13.31
C ASP C 261 3.59 18.60 14.39
N SER C 262 2.34 18.39 13.99
CA SER C 262 1.23 18.29 14.93
C SER C 262 0.27 17.24 14.39
N THR C 263 -0.80 16.99 15.12
CA THR C 263 -1.83 16.07 14.66
C THR C 263 -3.10 16.24 15.47
N ILE C 264 -4.24 15.97 14.85
CA ILE C 264 -5.51 16.01 15.54
C ILE C 264 -5.88 14.58 15.95
N MET C 265 -5.53 14.28 17.19
CA MET C 265 -5.79 12.97 17.80
C MET C 265 -7.25 12.88 18.23
N LYS C 266 -7.86 11.72 18.03
CA LYS C 266 -9.24 11.53 18.42
C LYS C 266 -9.32 10.60 19.63
N SER C 267 -9.84 11.15 20.73
CA SER C 267 -9.82 10.48 22.02
C SER C 267 -10.91 11.04 22.94
N GLU C 268 -11.59 10.14 23.62
CA GLU C 268 -12.55 10.52 24.66
C GLU C 268 -11.82 10.90 25.95
N LEU C 269 -10.56 10.46 26.08
CA LEU C 269 -9.78 10.69 27.29
C LEU C 269 -9.45 12.16 27.51
N GLU C 270 -9.11 12.49 28.76
CA GLU C 270 -8.89 13.87 29.19
C GLU C 270 -7.40 14.20 29.33
N TYR C 271 -6.90 14.45 30.55
CA TYR C 271 -5.53 14.93 30.75
C TYR C 271 -4.94 14.39 32.06
N GLY C 272 -3.82 13.68 31.96
CA GLY C 272 -3.18 13.08 33.14
C GLY C 272 -2.15 13.95 33.83
N ASN C 273 -1.84 15.11 33.25
CA ASN C 273 -0.75 15.99 33.71
C ASN C 273 0.57 15.22 33.78
N CYS C 274 0.83 14.47 32.71
CA CYS C 274 1.99 13.62 32.62
C CYS C 274 2.80 14.08 31.41
N ASN C 275 4.08 13.70 31.36
CA ASN C 275 4.95 14.05 30.25
C ASN C 275 5.44 12.79 29.51
N THR C 276 5.62 12.88 28.20
CA THR C 276 6.09 11.75 27.40
C THR C 276 6.89 12.21 26.18
N LYS C 277 7.38 11.24 25.41
CA LYS C 277 8.00 11.52 24.12
C LYS C 277 7.39 10.66 22.99
N CYS C 278 6.33 9.93 23.33
CA CYS C 278 5.56 9.18 22.36
C CYS C 278 4.14 9.08 22.91
N GLN C 279 3.18 9.63 22.15
CA GLN C 279 1.79 9.64 22.61
C GLN C 279 0.88 8.87 21.67
N THR C 280 -0.13 8.23 22.25
CA THR C 280 -1.19 7.58 21.49
C THR C 280 -2.55 8.06 22.00
N PRO C 281 -3.61 7.83 21.20
CA PRO C 281 -4.99 8.09 21.63
C PRO C 281 -5.40 7.39 22.92
N MET C 282 -4.81 6.23 23.21
CA MET C 282 -5.15 5.43 24.40
C MET C 282 -4.24 5.73 25.60
N GLY C 283 -3.10 6.33 25.34
CA GLY C 283 -2.15 6.66 26.40
C GLY C 283 -0.78 7.01 25.87
N ALA C 284 0.21 7.05 26.75
CA ALA C 284 1.58 7.41 26.37
C ALA C 284 2.52 6.22 26.55
N ILE C 285 3.64 6.28 25.84
CA ILE C 285 4.59 5.17 25.77
C ILE C 285 5.99 5.61 26.22
N ASN C 286 6.57 4.81 27.11
CA ASN C 286 7.93 5.00 27.60
C ASN C 286 8.66 3.67 27.56
N SER C 287 9.31 3.38 26.44
CA SER C 287 10.08 2.15 26.30
C SER C 287 11.18 2.24 25.25
N SER C 288 12.11 1.28 25.32
CA SER C 288 13.21 1.18 24.38
C SER C 288 12.96 0.08 23.34
N MET C 289 11.81 -0.59 23.46
CA MET C 289 11.42 -1.63 22.50
C MET C 289 11.37 -1.04 21.10
N PRO C 290 11.76 -1.83 20.08
CA PRO C 290 11.61 -1.37 18.70
C PRO C 290 10.18 -1.42 18.18
N PHE C 291 9.31 -2.13 18.90
CA PHE C 291 7.91 -2.30 18.50
C PHE C 291 6.94 -2.06 19.64
N HIS C 292 5.70 -1.79 19.26
CA HIS C 292 4.58 -1.75 20.19
C HIS C 292 3.31 -2.17 19.47
N ASN C 293 2.22 -2.37 20.23
CA ASN C 293 0.96 -2.81 19.66
C ASN C 293 -0.25 -2.08 20.23
N ILE C 294 -0.02 -0.86 20.70
CA ILE C 294 -1.02 -0.08 21.42
C ILE C 294 -2.08 0.50 20.47
N HIS C 295 -1.63 1.34 19.53
CA HIS C 295 -2.52 2.04 18.61
C HIS C 295 -1.70 2.64 17.46
N PRO C 296 -2.18 2.50 16.20
CA PRO C 296 -1.39 2.91 15.03
C PRO C 296 -1.04 4.39 14.95
N LEU C 297 -2.01 5.26 15.24
CA LEU C 297 -1.79 6.70 15.21
C LEU C 297 -1.02 7.16 16.45
N THR C 298 0.25 7.46 16.27
CA THR C 298 1.07 8.00 17.35
C THR C 298 1.69 9.32 16.92
N ILE C 299 2.30 10.00 17.88
CA ILE C 299 3.00 11.26 17.63
C ILE C 299 4.25 11.27 18.50
N GLY C 300 5.36 11.71 17.90
CA GLY C 300 6.65 11.79 18.60
C GLY C 300 7.59 10.65 18.27
N GLU C 301 8.68 10.55 19.04
CA GLU C 301 9.68 9.49 18.87
C GLU C 301 9.12 8.18 19.38
N CYS C 302 8.61 7.37 18.45
CA CYS C 302 7.87 6.15 18.81
C CYS C 302 8.47 4.87 18.24
N PRO C 303 8.27 3.74 18.94
CA PRO C 303 8.50 2.44 18.34
C PRO C 303 7.48 2.18 17.24
N LYS C 304 7.71 1.17 16.42
CA LYS C 304 6.83 0.89 15.29
C LYS C 304 5.62 0.09 15.72
N TYR C 305 4.46 0.44 15.19
CA TYR C 305 3.24 -0.26 15.54
C TYR C 305 3.12 -1.54 14.74
N VAL C 306 2.75 -2.62 15.43
CA VAL C 306 2.34 -3.86 14.79
C VAL C 306 1.12 -4.43 15.51
N LYS C 307 0.39 -5.30 14.83
CA LYS C 307 -0.80 -5.94 15.40
C LYS C 307 -0.48 -7.18 16.24
N SER C 308 0.79 -7.51 16.40
CA SER C 308 1.18 -8.72 17.14
C SER C 308 0.81 -8.63 18.61
N ASN C 309 0.51 -9.78 19.20
CA ASN C 309 0.41 -9.91 20.65
C ASN C 309 1.76 -10.25 21.26
N ARG C 310 2.59 -10.92 20.47
CA ARG C 310 3.86 -11.44 20.95
C ARG C 310 4.96 -11.32 19.89
N LEU C 311 6.09 -10.72 20.26
CA LEU C 311 7.32 -10.78 19.46
C LEU C 311 8.50 -11.00 20.39
N VAL C 312 8.98 -12.24 20.44
CA VAL C 312 10.09 -12.62 21.30
C VAL C 312 11.15 -13.32 20.47
N LEU C 313 12.39 -12.86 20.60
CA LEU C 313 13.53 -13.42 19.89
C LEU C 313 14.34 -14.33 20.80
N ALA C 314 14.64 -15.52 20.34
CA ALA C 314 15.60 -16.37 21.02
C ALA C 314 16.96 -15.70 20.92
N THR C 315 17.63 -15.55 22.07
CA THR C 315 19.02 -15.12 22.12
C THR C 315 19.89 -16.29 22.55
N GLY C 316 19.42 -17.04 23.54
CA GLY C 316 20.12 -18.22 24.01
C GLY C 316 19.70 -19.46 23.23
N LEU C 317 19.86 -20.61 23.86
CA LEU C 317 19.68 -21.88 23.18
C LEU C 317 18.61 -22.71 23.85
N ARG C 318 18.23 -23.80 23.20
CA ARG C 318 17.16 -24.66 23.69
C ARG C 318 17.48 -25.13 25.10
N ASN C 319 16.58 -24.80 26.02
CA ASN C 319 16.78 -25.15 27.41
C ASN C 319 16.23 -26.53 27.70
N SER C 320 17.05 -27.34 28.38
CA SER C 320 16.73 -28.74 28.64
C SER C 320 15.73 -28.88 29.80
N PRO C 321 14.92 -29.96 29.77
CA PRO C 321 14.12 -30.33 30.94
C PRO C 321 14.93 -31.17 31.93
N GLY D 1 17.64 -30.61 16.58
CA GLY D 1 18.29 -29.53 15.78
C GLY D 1 18.97 -30.09 14.54
N LEU D 2 19.30 -29.19 13.62
CA LEU D 2 19.90 -29.58 12.36
C LEU D 2 21.23 -30.28 12.52
N PHE D 3 22.01 -29.85 13.50
CA PHE D 3 23.41 -30.27 13.60
C PHE D 3 23.61 -31.42 14.56
N GLY D 4 22.51 -31.86 15.18
CA GLY D 4 22.47 -33.12 15.92
C GLY D 4 23.12 -33.14 17.28
N ALA D 5 23.63 -32.01 17.75
CA ALA D 5 24.38 -31.96 18.99
C ALA D 5 23.46 -31.68 20.17
N ILE D 6 22.80 -30.53 20.14
CA ILE D 6 21.91 -30.09 21.22
C ILE D 6 20.62 -30.92 21.24
N ALA D 7 20.35 -31.53 22.39
CA ALA D 7 19.23 -32.46 22.54
C ALA D 7 19.35 -33.57 21.51
N GLY D 8 20.57 -33.96 21.21
CA GLY D 8 20.85 -34.95 20.17
C GLY D 8 21.73 -36.02 20.74
N PHE D 9 22.98 -36.09 20.28
CA PHE D 9 23.92 -37.02 20.89
C PHE D 9 24.41 -36.48 22.23
N ILE D 10 24.28 -35.16 22.46
CA ILE D 10 24.45 -34.57 23.78
C ILE D 10 23.06 -34.33 24.34
N GLU D 11 22.61 -35.24 25.19
CA GLU D 11 21.19 -35.33 25.54
C GLU D 11 20.63 -34.13 26.28
N GLY D 12 21.48 -33.40 27.00
CA GLY D 12 21.02 -32.28 27.81
C GLY D 12 22.11 -31.27 28.16
N GLY D 13 21.67 -30.11 28.65
CA GLY D 13 22.58 -29.03 29.01
C GLY D 13 23.12 -29.18 30.42
N TRP D 14 23.90 -28.20 30.84
CA TRP D 14 24.56 -28.22 32.14
C TRP D 14 24.19 -27.00 32.96
N GLN D 15 23.37 -27.23 33.99
CA GLN D 15 23.06 -26.18 34.96
C GLN D 15 24.35 -25.71 35.62
N GLY D 16 25.32 -26.61 35.75
CA GLY D 16 26.58 -26.33 36.43
C GLY D 16 27.57 -25.46 35.68
N MET D 17 27.32 -25.20 34.39
CA MET D 17 28.16 -24.28 33.62
C MET D 17 27.47 -22.94 33.47
N VAL D 18 27.91 -21.97 34.26
CA VAL D 18 27.25 -20.66 34.31
C VAL D 18 28.04 -19.54 33.62
N ASP D 19 29.33 -19.77 33.38
CA ASP D 19 30.21 -18.74 32.83
C ASP D 19 30.33 -18.80 31.30
N GLY D 20 29.40 -19.46 30.63
CA GLY D 20 29.40 -19.51 29.19
C GLY D 20 28.30 -20.37 28.58
N TRP D 21 28.22 -20.37 27.25
CA TRP D 21 27.18 -21.10 26.54
C TRP D 21 27.63 -22.50 26.19
N TYR D 22 28.87 -22.62 25.74
CA TYR D 22 29.44 -23.91 25.38
C TYR D 22 30.70 -24.09 26.18
N GLY D 23 31.06 -25.34 26.45
CA GLY D 23 32.28 -25.60 27.17
C GLY D 23 32.51 -27.06 27.45
N TYR D 24 33.44 -27.30 28.37
CA TYR D 24 33.91 -28.64 28.70
C TYR D 24 33.62 -28.98 30.13
N HIS D 25 33.48 -30.27 30.40
CA HIS D 25 33.48 -30.79 31.76
C HIS D 25 34.39 -32.00 31.85
N HIS D 26 35.40 -31.90 32.72
CA HIS D 26 36.41 -32.93 32.87
C HIS D 26 36.20 -33.68 34.18
N SER D 27 36.67 -34.92 34.24
CA SER D 27 36.71 -35.67 35.50
C SER D 27 37.89 -36.64 35.52
N ASN D 28 38.82 -36.41 36.44
CA ASN D 28 40.01 -37.24 36.61
C ASN D 28 40.25 -37.50 38.08
N GLU D 29 41.42 -38.05 38.43
CA GLU D 29 41.74 -38.36 39.83
C GLU D 29 41.64 -37.13 40.73
N GLN D 30 42.14 -36.00 40.23
CA GLN D 30 42.26 -34.77 41.03
C GLN D 30 40.95 -34.01 41.21
N GLY D 31 39.93 -34.35 40.42
CA GLY D 31 38.61 -33.74 40.58
C GLY D 31 37.84 -33.64 39.28
N SER D 32 36.74 -32.90 39.31
CA SER D 32 35.96 -32.60 38.12
C SER D 32 35.61 -31.13 38.07
N GLY D 33 35.04 -30.67 36.96
CA GLY D 33 34.61 -29.28 36.85
C GLY D 33 34.25 -28.79 35.46
N TYR D 34 33.48 -27.71 35.42
CA TYR D 34 33.04 -27.08 34.18
C TYR D 34 33.95 -25.92 33.82
N ALA D 35 34.33 -25.84 32.54
CA ALA D 35 35.06 -24.69 32.02
C ALA D 35 34.42 -24.24 30.71
N ALA D 36 33.95 -22.99 30.68
CA ALA D 36 33.34 -22.44 29.48
C ALA D 36 34.41 -22.20 28.42
N ASP D 37 34.07 -22.50 27.16
CA ASP D 37 34.94 -22.17 26.02
C ASP D 37 34.66 -20.74 25.60
N LYS D 38 35.58 -19.84 25.92
CA LYS D 38 35.39 -18.40 25.69
C LYS D 38 35.22 -18.04 24.22
N GLU D 39 36.12 -18.55 23.36
CA GLU D 39 36.12 -18.19 21.94
C GLU D 39 34.78 -18.48 21.25
N SER D 40 34.32 -19.72 21.35
CA SER D 40 33.05 -20.10 20.74
C SER D 40 31.89 -19.32 21.37
N THR D 41 31.98 -19.05 22.66
CA THR D 41 30.93 -18.32 23.37
C THR D 41 30.86 -16.86 22.92
N GLN D 42 32.02 -16.21 22.83
CA GLN D 42 32.06 -14.81 22.41
C GLN D 42 31.60 -14.63 20.98
N LYS D 43 31.94 -15.60 20.12
CA LYS D 43 31.45 -15.60 18.74
C LYS D 43 29.93 -15.70 18.67
N ALA D 44 29.35 -16.52 19.55
CA ALA D 44 27.91 -16.68 19.59
C ALA D 44 27.24 -15.40 20.09
N ILE D 45 27.87 -14.75 21.06
CA ILE D 45 27.35 -13.50 21.61
C ILE D 45 27.36 -12.39 20.56
N ASP D 46 28.41 -12.33 19.76
CA ASP D 46 28.51 -11.32 18.71
C ASP D 46 27.50 -11.57 17.60
N GLY D 47 27.43 -12.82 17.16
CA GLY D 47 26.52 -13.19 16.09
C GLY D 47 25.07 -12.86 16.39
N VAL D 48 24.65 -13.11 17.64
CA VAL D 48 23.28 -12.86 18.05
C VAL D 48 23.01 -11.38 18.28
N THR D 49 23.97 -10.68 18.87
CA THR D 49 23.83 -9.25 19.06
C THR D 49 23.57 -8.57 17.72
N ASN D 50 24.47 -8.82 16.76
CA ASN D 50 24.33 -8.27 15.41
C ASN D 50 22.99 -8.62 14.80
N LYS D 51 22.60 -9.87 14.95
CA LYS D 51 21.30 -10.36 14.48
C LYS D 51 20.15 -9.51 14.99
N VAL D 52 20.16 -9.23 16.30
CA VAL D 52 19.10 -8.48 16.93
C VAL D 52 19.09 -7.03 16.44
N ASN D 53 20.28 -6.42 16.35
CA ASN D 53 20.40 -5.04 15.88
C ASN D 53 20.05 -4.93 14.40
N SER D 54 20.49 -5.91 13.62
CA SER D 54 20.14 -6.00 12.20
C SER D 54 18.63 -6.03 12.01
N ILE D 55 17.95 -6.80 12.86
CA ILE D 55 16.49 -6.93 12.82
C ILE D 55 15.80 -5.63 13.21
N ILE D 56 16.25 -5.03 14.32
CA ILE D 56 15.70 -3.75 14.76
C ILE D 56 15.81 -2.71 13.65
N ASP D 57 17.02 -2.56 13.08
CA ASP D 57 17.28 -1.53 12.07
C ASP D 57 16.51 -1.73 10.77
N LYS D 58 16.28 -2.98 10.38
CA LYS D 58 15.51 -3.26 9.16
C LYS D 58 14.05 -2.90 9.32
N MET D 59 13.53 -2.96 10.54
CA MET D 59 12.14 -2.60 10.80
C MET D 59 12.01 -1.10 11.14
N ASN D 60 13.15 -0.46 11.45
CA ASN D 60 13.21 0.96 11.79
C ASN D 60 12.38 1.87 10.88
N THR D 61 12.58 1.77 9.56
CA THR D 61 11.74 2.52 8.61
C THR D 61 10.60 1.62 8.16
N GLN D 62 9.40 1.96 8.58
CA GLN D 62 8.20 1.20 8.22
C GLN D 62 6.99 2.13 8.26
N PHE D 63 5.90 1.70 7.63
CA PHE D 63 4.71 2.55 7.47
C PHE D 63 4.25 3.16 8.80
N GLU D 64 3.86 4.44 8.74
CA GLU D 64 3.30 5.13 9.88
C GLU D 64 1.94 5.71 9.49
N ALA D 65 0.91 5.39 10.26
CA ALA D 65 -0.44 5.89 10.01
C ALA D 65 -0.53 7.38 10.33
N VAL D 66 -1.33 8.10 9.54
CA VAL D 66 -1.69 9.47 9.84
C VAL D 66 -3.21 9.57 9.79
N GLY D 67 -3.77 10.41 10.66
CA GLY D 67 -5.21 10.62 10.71
C GLY D 67 -5.63 11.55 9.59
N ARG D 68 -6.70 11.18 8.89
CA ARG D 68 -7.30 12.01 7.85
C ARG D 68 -8.81 11.94 7.98
N GLU D 69 -9.48 13.04 7.69
CA GLU D 69 -10.90 13.19 7.92
C GLU D 69 -11.63 13.32 6.60
N PHE D 70 -12.79 12.68 6.47
CA PHE D 70 -13.58 12.75 5.25
C PHE D 70 -15.06 12.92 5.59
N ASN D 71 -15.77 13.75 4.84
CA ASN D 71 -17.18 14.01 5.12
C ASN D 71 -18.10 12.89 4.61
N ASN D 72 -19.42 13.11 4.70
CA ASN D 72 -20.40 12.05 4.46
C ASN D 72 -20.53 11.60 3.00
N LEU D 73 -20.11 12.46 2.07
CA LEU D 73 -20.12 12.13 0.64
C LEU D 73 -18.70 11.99 0.09
N GLU D 74 -17.78 11.56 0.95
CA GLU D 74 -16.44 11.17 0.55
C GLU D 74 -16.16 9.78 1.10
N ARG D 75 -17.18 8.93 1.10
CA ARG D 75 -17.10 7.60 1.71
C ARG D 75 -16.15 6.66 0.98
N ARG D 76 -16.06 6.81 -0.34
CA ARG D 76 -15.17 5.97 -1.13
C ARG D 76 -13.72 6.19 -0.76
N ILE D 77 -13.29 7.46 -0.71
CA ILE D 77 -11.91 7.77 -0.39
C ILE D 77 -11.58 7.62 1.11
N GLU D 78 -12.61 7.68 1.95
CA GLU D 78 -12.44 7.30 3.35
C GLU D 78 -12.10 5.82 3.42
N ASN D 79 -12.82 5.02 2.64
CA ASN D 79 -12.65 3.59 2.65
C ASN D 79 -11.34 3.19 1.98
N LEU D 80 -11.00 3.87 0.90
CA LEU D 80 -9.70 3.69 0.25
C LEU D 80 -8.61 3.94 1.27
N ASN D 81 -8.71 5.08 1.97
CA ASN D 81 -7.74 5.46 2.98
C ASN D 81 -7.61 4.45 4.13
N LYS D 82 -8.71 3.81 4.50
CA LYS D 82 -8.68 2.83 5.58
C LYS D 82 -7.94 1.58 5.15
N LYS D 83 -8.35 1.04 4.01
CA LYS D 83 -7.71 -0.14 3.44
C LYS D 83 -6.24 0.05 3.15
N MET D 84 -5.85 1.26 2.78
CA MET D 84 -4.45 1.57 2.57
C MET D 84 -3.70 1.50 3.90
N GLU D 85 -4.22 2.13 4.94
CA GLU D 85 -3.53 2.14 6.24
C GLU D 85 -3.50 0.74 6.85
N ASP D 86 -4.67 0.07 6.88
CA ASP D 86 -4.75 -1.33 7.30
C ASP D 86 -3.84 -2.25 6.51
N GLY D 87 -3.89 -2.10 5.19
CA GLY D 87 -3.12 -2.95 4.29
C GLY D 87 -1.63 -2.99 4.61
N PHE D 88 -1.08 -1.82 4.94
CA PHE D 88 0.33 -1.70 5.29
C PHE D 88 0.63 -2.29 6.67
N LEU D 89 -0.31 -2.17 7.60
CA LEU D 89 -0.11 -2.74 8.94
C LEU D 89 -0.02 -4.26 8.88
N ASP D 90 -0.86 -4.87 8.05
CA ASP D 90 -0.82 -6.32 7.87
C ASP D 90 0.49 -6.76 7.28
N VAL D 91 0.97 -6.01 6.30
CA VAL D 91 2.24 -6.30 5.66
C VAL D 91 3.38 -6.19 6.67
N TRP D 92 3.45 -5.08 7.39
CA TRP D 92 4.52 -4.88 8.35
C TRP D 92 4.38 -5.77 9.59
N THR D 93 3.16 -6.20 9.89
CA THR D 93 2.95 -7.17 10.96
C THR D 93 3.43 -8.55 10.52
N TYR D 94 3.10 -8.94 9.30
CA TYR D 94 3.54 -10.21 8.73
C TYR D 94 5.06 -10.28 8.66
N ASN D 95 5.68 -9.21 8.20
CA ASN D 95 7.15 -9.13 8.10
C ASN D 95 7.84 -9.38 9.43
N ALA D 96 7.38 -8.67 10.45
CA ALA D 96 7.95 -8.76 11.78
C ALA D 96 7.77 -10.16 12.36
N GLU D 97 6.54 -10.66 12.30
CA GLU D 97 6.24 -11.97 12.87
C GLU D 97 6.97 -13.11 12.16
N LEU D 98 7.12 -12.99 10.82
CA LEU D 98 7.79 -14.02 10.03
C LEU D 98 9.27 -13.99 10.27
N LEU D 99 9.85 -12.79 10.24
CA LEU D 99 11.28 -12.64 10.47
C LEU D 99 11.67 -13.25 11.80
N VAL D 100 10.93 -12.87 12.85
CA VAL D 100 11.17 -13.44 14.18
C VAL D 100 11.14 -14.96 14.11
N LEU D 101 10.08 -15.50 13.51
CA LEU D 101 9.89 -16.94 13.39
C LEU D 101 11.07 -17.63 12.69
N MET D 102 11.44 -17.09 11.52
CA MET D 102 12.52 -17.64 10.72
C MET D 102 13.88 -17.51 11.38
N GLU D 103 14.13 -16.37 12.03
CA GLU D 103 15.45 -16.13 12.59
C GLU D 103 15.62 -16.79 13.95
N ASN D 104 14.53 -16.96 14.69
CA ASN D 104 14.54 -17.80 15.89
C ASN D 104 15.01 -19.20 15.57
N GLU D 105 14.48 -19.77 14.50
CA GLU D 105 14.88 -21.12 14.12
C GLU D 105 16.34 -21.19 13.73
N ARG D 106 16.80 -20.15 13.04
CA ARG D 106 18.19 -20.05 12.66
C ARG D 106 19.09 -19.86 13.88
N THR D 107 18.59 -19.10 14.86
CA THR D 107 19.35 -18.87 16.10
C THR D 107 19.56 -20.16 16.89
N LEU D 108 18.54 -21.00 17.01
CA LEU D 108 18.68 -22.24 17.75
C LEU D 108 19.61 -23.23 17.05
N ASP D 109 19.53 -23.29 15.72
CA ASP D 109 20.41 -24.16 14.94
C ASP D 109 21.84 -23.61 14.94
N PHE D 110 22.00 -22.29 14.99
CA PHE D 110 23.31 -21.66 15.17
C PHE D 110 23.99 -22.19 16.43
N HIS D 111 23.27 -22.19 17.53
CA HIS D 111 23.78 -22.74 18.78
C HIS D 111 24.11 -24.22 18.64
N ASP D 112 23.22 -24.96 17.98
CA ASP D 112 23.45 -26.37 17.73
C ASP D 112 24.74 -26.57 16.92
N SER D 113 24.92 -25.76 15.89
CA SER D 113 26.12 -25.76 15.06
C SER D 113 27.40 -25.53 15.88
N ASN D 114 27.36 -24.57 16.78
CA ASN D 114 28.54 -24.18 17.56
C ASN D 114 29.01 -25.26 18.51
N VAL D 115 28.07 -25.97 19.11
CA VAL D 115 28.39 -27.06 20.02
C VAL D 115 29.05 -28.18 19.22
N LYS D 116 28.46 -28.48 18.07
CA LYS D 116 28.93 -29.54 17.21
C LYS D 116 30.33 -29.28 16.69
N ASN D 117 30.60 -28.03 16.34
CA ASN D 117 31.91 -27.65 15.84
C ASN D 117 32.97 -27.70 16.93
N LEU D 118 32.56 -27.34 18.15
CA LEU D 118 33.43 -27.45 19.32
C LEU D 118 33.70 -28.91 19.66
N TYR D 119 32.69 -29.77 19.54
CA TYR D 119 32.86 -31.19 19.78
C TYR D 119 33.80 -31.81 18.76
N ASP D 120 33.66 -31.40 17.51
CA ASP D 120 34.53 -31.92 16.45
C ASP D 120 35.96 -31.40 16.61
N LYS D 121 36.09 -30.14 17.00
CA LYS D 121 37.40 -29.54 17.23
C LYS D 121 38.19 -30.39 18.22
N VAL D 122 37.55 -30.75 19.32
CA VAL D 122 38.14 -31.62 20.32
C VAL D 122 38.39 -33.01 19.77
N ARG D 123 37.39 -33.57 19.10
CA ARG D 123 37.52 -34.91 18.51
C ARG D 123 38.75 -35.01 17.62
N LEU D 124 39.00 -33.96 16.83
CA LEU D 124 40.12 -33.92 15.88
C LEU D 124 41.49 -33.86 16.54
N GLN D 125 41.55 -33.25 17.73
CA GLN D 125 42.80 -33.18 18.48
C GLN D 125 43.14 -34.52 19.09
N LEU D 126 42.18 -35.10 19.80
CA LEU D 126 42.40 -36.35 20.49
C LEU D 126 42.71 -37.48 19.52
N ARG D 127 42.04 -37.50 18.37
CA ARG D 127 42.24 -38.57 17.40
C ARG D 127 41.97 -39.92 18.11
N ASP D 128 42.81 -40.94 17.88
CA ASP D 128 42.58 -42.25 18.49
C ASP D 128 43.22 -42.41 19.89
N ASN D 129 43.56 -41.30 20.55
CA ASN D 129 44.09 -41.34 21.92
C ASN D 129 43.00 -41.39 23.03
N ALA D 130 41.73 -41.38 22.64
CA ALA D 130 40.61 -41.50 23.58
C ALA D 130 39.42 -42.20 22.93
N LYS D 131 38.55 -42.81 23.75
CA LYS D 131 37.34 -43.47 23.26
C LYS D 131 36.21 -42.47 23.05
N GLU D 132 35.62 -42.44 21.86
CA GLU D 132 34.46 -41.60 21.59
C GLU D 132 33.21 -42.28 22.16
N LEU D 133 32.83 -41.90 23.38
CA LEU D 133 31.73 -42.56 24.09
C LEU D 133 30.36 -42.45 23.41
N GLY D 134 30.11 -41.35 22.70
CA GLY D 134 28.87 -41.17 21.96
C GLY D 134 27.85 -40.27 22.64
N ASN D 135 28.26 -39.63 23.74
CA ASN D 135 27.36 -38.78 24.52
C ASN D 135 27.93 -37.37 24.70
N GLY D 136 28.96 -37.04 23.93
CA GLY D 136 29.67 -35.78 24.08
C GLY D 136 31.00 -35.94 24.79
N CYS D 137 31.27 -37.14 25.30
CA CYS D 137 32.45 -37.39 26.12
C CYS D 137 33.51 -38.22 25.43
N PHE D 138 34.76 -37.94 25.81
CA PHE D 138 35.91 -38.68 25.34
C PHE D 138 36.64 -39.25 26.54
N GLU D 139 36.77 -40.57 26.58
CA GLU D 139 37.44 -41.27 27.67
C GLU D 139 38.87 -41.63 27.29
N PHE D 140 39.83 -41.09 28.03
CA PHE D 140 41.25 -41.19 27.66
C PHE D 140 41.85 -42.56 27.95
N TYR D 141 42.80 -42.97 27.12
CA TYR D 141 43.56 -44.21 27.37
C TYR D 141 44.65 -43.95 28.39
N HIS D 142 45.32 -42.81 28.25
CA HIS D 142 46.30 -42.36 29.23
C HIS D 142 45.60 -41.60 30.35
N LYS D 143 46.19 -41.63 31.53
CA LYS D 143 45.76 -40.79 32.63
C LYS D 143 45.92 -39.35 32.17
N CYS D 144 44.91 -38.52 32.41
CA CYS D 144 44.90 -37.14 31.93
C CYS D 144 44.69 -36.18 33.11
N ASP D 145 45.79 -35.57 33.57
CA ASP D 145 45.74 -34.64 34.70
C ASP D 145 45.19 -33.26 34.27
N ASN D 146 45.16 -32.30 35.19
CA ASN D 146 44.54 -31.00 34.91
C ASN D 146 45.29 -30.13 33.90
N GLU D 147 46.57 -30.40 33.67
CA GLU D 147 47.31 -29.75 32.59
C GLU D 147 46.98 -30.44 31.26
N CYS D 148 46.87 -31.76 31.31
CA CYS D 148 46.43 -32.54 30.16
C CYS D 148 45.03 -32.12 29.71
N MET D 149 44.16 -31.84 30.69
CA MET D 149 42.81 -31.36 30.39
C MET D 149 42.88 -29.95 29.82
N GLU D 150 43.66 -29.09 30.44
CA GLU D 150 43.85 -27.73 29.95
C GLU D 150 44.47 -27.77 28.55
N SER D 151 45.37 -28.71 28.33
CA SER D 151 45.97 -28.95 27.02
C SER D 151 44.92 -29.13 25.92
N VAL D 152 43.84 -29.84 26.25
CA VAL D 152 42.75 -30.07 25.30
C VAL D 152 41.96 -28.78 25.07
N ARG D 153 41.59 -28.09 26.15
CA ARG D 153 40.88 -26.81 26.03
C ARG D 153 41.78 -25.76 25.36
N ASN D 154 43.07 -25.75 25.72
CA ASN D 154 44.11 -24.93 25.07
C ASN D 154 44.05 -24.95 23.54
N GLY D 155 43.74 -26.11 22.98
CA GLY D 155 43.91 -26.38 21.54
C GLY D 155 45.27 -27.00 21.29
N THR D 156 45.99 -27.26 22.38
CA THR D 156 47.41 -27.62 22.35
C THR D 156 47.63 -29.08 22.72
N TYR D 157 46.62 -29.92 22.56
CA TYR D 157 46.75 -31.31 22.97
C TYR D 157 47.86 -32.01 22.22
N ASP D 158 48.91 -32.38 22.94
CA ASP D 158 50.10 -32.96 22.34
C ASP D 158 49.88 -34.45 22.03
N TYR D 159 49.43 -34.73 20.81
CA TYR D 159 49.11 -36.09 20.40
C TYR D 159 50.33 -37.04 20.44
N PRO D 160 51.45 -36.67 19.77
CA PRO D 160 52.67 -37.50 19.82
C PRO D 160 53.18 -37.90 21.22
N GLN D 161 52.90 -37.08 22.23
CA GLN D 161 53.32 -37.36 23.61
C GLN D 161 52.53 -38.52 24.23
N TYR D 162 51.23 -38.58 23.96
CA TYR D 162 50.37 -39.57 24.58
C TYR D 162 50.02 -40.76 23.65
N SER D 163 50.73 -40.89 22.54
CA SER D 163 50.56 -42.04 21.64
C SER D 163 51.83 -42.89 21.62
N ASP E 1 53.70 -38.85 2.77
CA ASP E 1 52.80 -38.29 1.72
C ASP E 1 51.43 -37.93 2.30
N GLN E 2 50.82 -36.87 1.78
CA GLN E 2 49.50 -36.44 2.24
C GLN E 2 48.66 -35.76 1.16
N ILE E 3 47.35 -35.75 1.39
CA ILE E 3 46.42 -35.02 0.55
C ILE E 3 45.50 -34.20 1.45
N CYS E 4 45.26 -32.95 1.06
CA CYS E 4 44.45 -32.04 1.84
C CYS E 4 43.24 -31.62 1.07
N ILE E 5 42.22 -31.16 1.79
CA ILE E 5 41.06 -30.54 1.18
C ILE E 5 41.04 -29.08 1.59
N GLY E 6 40.74 -28.21 0.63
CA GLY E 6 40.75 -26.78 0.87
C GLY E 6 39.93 -26.02 -0.13
N TYR E 7 40.00 -24.69 -0.04
CA TYR E 7 39.13 -23.83 -0.80
C TYR E 7 39.87 -22.61 -1.28
N HIS E 8 39.25 -21.91 -2.23
CA HIS E 8 39.85 -20.78 -2.93
C HIS E 8 40.01 -19.54 -2.04
N ALA E 9 41.11 -18.83 -2.23
CA ALA E 9 41.29 -17.48 -1.71
C ALA E 9 41.87 -16.64 -2.82
N ASN E 10 41.79 -15.32 -2.67
CA ASN E 10 42.34 -14.43 -3.69
C ASN E 10 42.58 -13.03 -3.15
N ASN E 11 43.00 -12.12 -4.01
CA ASN E 11 43.30 -10.74 -3.63
C ASN E 11 42.09 -9.80 -3.62
N SER E 12 40.88 -10.35 -3.53
CA SER E 12 39.64 -9.56 -3.51
C SER E 12 39.44 -8.86 -2.17
N THR E 13 38.87 -7.65 -2.22
CA THR E 13 38.50 -6.88 -1.01
C THR E 13 37.00 -6.68 -0.88
N GLU E 14 36.23 -7.07 -1.91
CA GLU E 14 34.79 -6.91 -1.89
C GLU E 14 34.16 -7.55 -0.66
N GLN E 15 33.30 -6.79 0.02
CA GLN E 15 32.65 -7.24 1.23
C GLN E 15 31.15 -7.31 1.03
N VAL E 16 30.49 -8.08 1.87
CA VAL E 16 29.04 -8.17 1.86
C VAL E 16 28.58 -8.24 3.30
N ASP E 17 27.30 -7.94 3.53
CA ASP E 17 26.73 -8.02 4.86
C ASP E 17 25.83 -9.26 4.96
N THR E 18 25.74 -9.78 6.18
CA THR E 18 24.79 -10.83 6.52
C THR E 18 24.06 -10.38 7.77
N ILE E 19 23.09 -11.17 8.21
CA ILE E 19 22.35 -10.85 9.42
C ILE E 19 23.28 -10.76 10.61
N MET E 20 24.14 -11.76 10.77
CA MET E 20 24.98 -11.90 11.96
C MET E 20 26.33 -11.20 11.88
N GLU E 21 26.78 -10.89 10.68
CA GLU E 21 28.10 -10.29 10.49
C GLU E 21 28.08 -9.35 9.30
N LYS E 22 28.77 -8.22 9.46
CA LYS E 22 28.81 -7.19 8.44
C LYS E 22 30.24 -6.99 7.94
N ASN E 23 30.37 -6.45 6.74
CA ASN E 23 31.67 -6.22 6.14
C ASN E 23 32.51 -7.50 6.05
N VAL E 24 31.88 -8.58 5.62
CA VAL E 24 32.54 -9.87 5.40
C VAL E 24 33.20 -9.88 4.03
N THR E 25 34.54 -9.96 3.99
CA THR E 25 35.26 -9.98 2.72
C THR E 25 35.02 -11.30 2.01
N VAL E 26 34.73 -11.25 0.71
CA VAL E 26 34.50 -12.46 -0.08
C VAL E 26 35.34 -12.47 -1.35
N THR E 27 35.46 -13.65 -1.94
CA THR E 27 36.27 -13.81 -3.14
C THR E 27 35.53 -13.28 -4.37
N HIS E 28 34.21 -13.38 -4.37
CA HIS E 28 33.40 -12.91 -5.49
C HIS E 28 32.09 -12.36 -4.99
N ALA E 29 31.63 -11.30 -5.64
CA ALA E 29 30.38 -10.66 -5.28
C ALA E 29 29.74 -10.12 -6.53
N GLN E 30 28.47 -9.72 -6.41
CA GLN E 30 27.76 -9.14 -7.53
C GLN E 30 26.91 -7.97 -7.07
N ASP E 31 27.33 -6.77 -7.44
CA ASP E 31 26.51 -5.57 -7.22
C ASP E 31 25.29 -5.65 -8.14
N ILE E 32 24.13 -5.40 -7.56
CA ILE E 32 22.85 -5.46 -8.29
C ILE E 32 22.11 -4.11 -8.27
N LEU E 33 22.74 -3.10 -7.68
CA LEU E 33 22.15 -1.78 -7.55
C LEU E 33 22.87 -0.80 -8.47
N GLU E 34 22.11 -0.15 -9.36
CA GLU E 34 22.65 0.90 -10.22
C GLU E 34 22.62 2.24 -9.50
N LYS E 35 23.79 2.85 -9.32
CA LYS E 35 23.91 4.09 -8.54
C LYS E 35 24.13 5.34 -9.39
N THR E 36 24.42 5.19 -10.68
CA THR E 36 24.80 6.33 -11.52
C THR E 36 23.80 6.66 -12.65
N HIS E 37 23.87 7.92 -13.10
CA HIS E 37 23.09 8.42 -14.23
C HIS E 37 23.93 9.48 -14.96
N ASN E 38 23.55 9.82 -16.20
CA ASN E 38 24.30 10.83 -16.97
C ASN E 38 23.99 12.29 -16.59
N GLY E 39 22.88 12.50 -15.90
CA GLY E 39 22.53 13.83 -15.37
C GLY E 39 21.74 14.69 -16.35
N LYS E 40 21.23 14.07 -17.42
CA LYS E 40 20.59 14.78 -18.52
C LYS E 40 19.18 14.28 -18.81
N LEU E 41 18.38 15.14 -19.42
CA LEU E 41 17.05 14.77 -19.93
C LEU E 41 17.25 14.40 -21.40
N CYS E 42 16.62 13.31 -21.83
CA CYS E 42 17.04 12.63 -23.05
C CYS E 42 15.93 11.99 -23.86
N ASP E 43 16.22 11.74 -25.14
CA ASP E 43 15.29 11.06 -26.03
C ASP E 43 15.07 9.64 -25.51
N LEU E 44 13.82 9.18 -25.55
CA LEU E 44 13.47 7.86 -25.09
C LEU E 44 13.10 6.94 -26.25
N ASP E 45 13.99 5.99 -26.54
CA ASP E 45 13.80 5.07 -27.65
C ASP E 45 13.82 5.86 -28.96
N GLY E 46 14.65 6.89 -29.01
CA GLY E 46 14.72 7.81 -30.15
C GLY E 46 13.79 9.00 -30.05
N VAL E 47 12.60 8.77 -29.48
CA VAL E 47 11.51 9.75 -29.49
C VAL E 47 11.76 10.85 -28.44
N LYS E 48 11.73 12.11 -28.89
CA LYS E 48 12.11 13.25 -28.05
C LYS E 48 11.06 13.62 -27.02
N PRO E 49 11.50 14.06 -25.83
CA PRO E 49 10.54 14.61 -24.86
C PRO E 49 10.05 15.99 -25.24
N LEU E 50 8.79 16.28 -24.92
CA LEU E 50 8.27 17.62 -25.05
C LEU E 50 8.76 18.42 -23.84
N ILE E 51 9.82 19.20 -24.05
CA ILE E 51 10.35 20.04 -22.98
C ILE E 51 9.75 21.43 -23.10
N LEU E 52 8.87 21.76 -22.15
CA LEU E 52 8.15 23.04 -22.17
C LEU E 52 9.03 24.20 -21.72
N ARG E 53 10.21 23.88 -21.17
CA ARG E 53 11.12 24.89 -20.65
C ARG E 53 10.37 25.71 -19.57
N ASP E 54 10.18 27.01 -19.77
CA ASP E 54 9.53 27.85 -18.77
C ASP E 54 8.01 27.97 -18.93
N CYS E 55 7.46 27.37 -19.99
CA CYS E 55 6.00 27.33 -20.17
C CYS E 55 5.39 26.20 -19.36
N SER E 56 4.13 26.37 -18.96
CA SER E 56 3.37 25.33 -18.28
C SER E 56 2.49 24.60 -19.28
N VAL E 57 1.79 23.56 -18.81
CA VAL E 57 0.88 22.79 -19.66
C VAL E 57 -0.27 23.68 -20.11
N ALA E 58 -0.77 24.49 -19.18
CA ALA E 58 -1.84 25.45 -19.47
C ALA E 58 -1.36 26.50 -20.47
N GLY E 59 -0.20 27.09 -20.21
CA GLY E 59 0.42 28.05 -21.11
C GLY E 59 0.53 27.50 -22.51
N TRP E 60 1.01 26.26 -22.63
CA TRP E 60 1.14 25.61 -23.93
C TRP E 60 -0.23 25.41 -24.57
N LEU E 61 -1.13 24.77 -23.84
CA LEU E 61 -2.43 24.37 -24.40
C LEU E 61 -3.34 25.55 -24.75
N LEU E 62 -3.34 26.60 -23.94
CA LEU E 62 -4.10 27.82 -24.25
C LEU E 62 -3.40 28.69 -25.29
N GLY E 63 -2.15 28.37 -25.61
CA GLY E 63 -1.40 29.12 -26.61
C GLY E 63 -0.95 30.49 -26.13
N ASN E 64 -0.51 30.55 -24.87
CA ASN E 64 0.12 31.76 -24.34
C ASN E 64 1.19 32.24 -25.33
N PRO E 65 1.20 33.54 -25.66
CA PRO E 65 2.10 34.07 -26.70
C PRO E 65 3.59 33.91 -26.41
N MET E 66 3.96 33.71 -25.14
CA MET E 66 5.34 33.39 -24.77
C MET E 66 5.68 31.93 -25.12
N CYS E 67 4.66 31.10 -25.33
CA CYS E 67 4.83 29.69 -25.66
C CYS E 67 4.70 29.45 -27.16
N ASP E 68 5.33 30.33 -27.95
CA ASP E 68 5.30 30.25 -29.40
C ASP E 68 5.99 29.02 -29.94
N GLU E 69 7.04 28.57 -29.25
CA GLU E 69 7.76 27.36 -29.64
C GLU E 69 6.83 26.15 -29.75
N PHE E 70 5.83 26.11 -28.86
CA PHE E 70 4.98 24.93 -28.70
C PHE E 70 3.65 25.03 -29.45
N ILE E 71 3.62 25.84 -30.51
CA ILE E 71 2.55 25.76 -31.52
C ILE E 71 2.89 24.60 -32.47
N ASN E 72 1.88 23.78 -32.80
CA ASN E 72 2.06 22.56 -33.60
C ASN E 72 3.28 21.71 -33.20
N VAL E 73 3.20 21.14 -31.99
CA VAL E 73 4.29 20.31 -31.47
C VAL E 73 4.29 18.92 -32.14
N PRO E 74 5.50 18.37 -32.37
CA PRO E 74 5.59 17.00 -32.84
C PRO E 74 5.33 16.03 -31.69
N GLU E 75 5.15 14.75 -32.02
CA GLU E 75 4.88 13.75 -30.99
C GLU E 75 6.06 13.60 -30.04
N TRP E 76 5.76 13.26 -28.80
CA TRP E 76 6.76 13.20 -27.74
C TRP E 76 6.73 11.83 -27.06
N SER E 77 7.84 11.47 -26.44
CA SER E 77 7.93 10.26 -25.63
C SER E 77 7.33 10.54 -24.25
N TYR E 78 7.78 11.64 -23.65
CA TYR E 78 7.26 12.11 -22.37
C TYR E 78 7.33 13.64 -22.35
N ILE E 79 6.78 14.24 -21.30
CA ILE E 79 6.74 15.69 -21.17
C ILE E 79 7.58 16.14 -19.97
N VAL E 80 8.22 17.30 -20.09
CA VAL E 80 9.01 17.88 -18.99
C VAL E 80 8.51 19.28 -18.64
N GLU E 81 7.98 19.43 -17.43
CA GLU E 81 7.49 20.71 -16.91
C GLU E 81 8.26 21.05 -15.64
N LYS E 82 8.67 22.30 -15.50
CA LYS E 82 9.33 22.78 -14.29
C LYS E 82 8.38 22.79 -13.09
N ALA E 83 8.94 22.98 -11.90
CA ALA E 83 8.16 23.01 -10.66
C ALA E 83 7.21 24.21 -10.65
N ASN E 84 7.75 25.39 -10.93
CA ASN E 84 6.96 26.63 -10.97
C ASN E 84 7.26 27.43 -12.24
N PRO E 85 6.78 26.95 -13.40
CA PRO E 85 7.07 27.65 -14.66
C PRO E 85 6.50 29.07 -14.64
N VAL E 86 7.32 30.05 -14.99
CA VAL E 86 6.89 31.47 -14.97
C VAL E 86 5.78 31.78 -15.98
N ASN E 87 5.88 31.21 -17.19
CA ASN E 87 4.88 31.41 -18.24
C ASN E 87 3.71 30.46 -18.12
N ASP E 88 2.87 30.68 -17.12
CA ASP E 88 1.64 29.89 -16.94
C ASP E 88 0.46 30.69 -17.53
N LEU E 89 -0.47 31.15 -16.68
CA LEU E 89 -1.59 31.95 -17.11
C LEU E 89 -1.20 33.43 -17.05
N CYS E 90 -0.92 34.01 -18.21
CA CYS E 90 -0.54 35.42 -18.29
C CYS E 90 -1.64 36.31 -17.74
N TYR E 91 -2.86 36.14 -18.26
CA TYR E 91 -4.02 36.80 -17.67
C TYR E 91 -4.47 35.98 -16.46
N PRO E 92 -4.50 36.61 -15.26
CA PRO E 92 -4.88 35.91 -14.03
C PRO E 92 -6.15 35.09 -14.17
N GLY E 93 -6.19 33.94 -13.50
CA GLY E 93 -7.36 33.07 -13.60
C GLY E 93 -7.20 31.72 -12.96
N ASP E 94 -8.09 30.81 -13.36
CA ASP E 94 -8.06 29.42 -12.92
C ASP E 94 -8.25 28.55 -14.15
N PHE E 95 -7.64 27.36 -14.11
CA PHE E 95 -7.90 26.35 -15.11
C PHE E 95 -8.75 25.28 -14.44
N ASN E 96 -9.96 25.09 -14.95
CA ASN E 96 -10.92 24.18 -14.33
C ASN E 96 -10.56 22.72 -14.63
N ASP E 97 -10.57 21.90 -13.58
CA ASP E 97 -10.13 20.50 -13.65
C ASP E 97 -8.80 20.37 -14.40
N TYR E 98 -7.81 21.13 -13.95
CA TYR E 98 -6.50 21.21 -14.57
C TYR E 98 -5.73 19.90 -14.36
N GLU E 99 -5.83 19.38 -13.14
CA GLU E 99 -5.10 18.19 -12.74
C GLU E 99 -5.66 16.94 -13.42
N GLU E 100 -6.98 16.90 -13.57
CA GLU E 100 -7.63 15.81 -14.29
C GLU E 100 -7.24 15.82 -15.77
N LEU E 101 -7.00 17.00 -16.31
CA LEU E 101 -6.57 17.11 -17.70
C LEU E 101 -5.12 16.67 -17.83
N LYS E 102 -4.26 17.16 -16.95
CA LYS E 102 -2.86 16.76 -16.94
C LYS E 102 -2.75 15.25 -16.85
N HIS E 103 -3.64 14.64 -16.08
CA HIS E 103 -3.66 13.19 -15.98
C HIS E 103 -3.94 12.56 -17.34
N LEU E 104 -4.90 13.12 -18.09
CA LEU E 104 -5.20 12.64 -19.44
C LEU E 104 -3.97 12.66 -20.37
N LEU E 105 -3.10 13.64 -20.17
CA LEU E 105 -1.87 13.76 -20.98
C LEU E 105 -0.86 12.64 -20.76
N SER E 106 -0.96 11.95 -19.64
CA SER E 106 -0.14 10.76 -19.41
C SER E 106 -0.51 9.63 -20.39
N ARG E 107 -1.75 9.63 -20.87
CA ARG E 107 -2.21 8.66 -21.87
C ARG E 107 -2.02 9.14 -23.32
N ILE E 108 -1.34 10.29 -23.51
CA ILE E 108 -1.28 10.94 -24.82
C ILE E 108 0.16 11.19 -25.28
N ASN E 109 0.44 10.79 -26.52
CA ASN E 109 1.75 10.97 -27.13
C ASN E 109 1.78 12.08 -28.18
N HIS E 110 0.64 12.35 -28.83
CA HIS E 110 0.60 13.39 -29.85
C HIS E 110 -0.74 14.08 -30.03
N PHE E 111 -0.69 15.40 -30.04
CA PHE E 111 -1.81 16.26 -30.43
C PHE E 111 -1.56 16.77 -31.84
N GLU E 112 -2.62 16.88 -32.64
CA GLU E 112 -2.59 17.66 -33.89
C GLU E 112 -3.61 18.78 -33.79
N LYS E 113 -3.16 20.02 -33.89
CA LYS E 113 -4.03 21.17 -33.71
C LYS E 113 -4.84 21.45 -34.98
N ILE E 114 -6.12 21.78 -34.80
CA ILE E 114 -6.98 22.18 -35.92
C ILE E 114 -7.90 23.32 -35.55
N GLN E 115 -8.25 24.15 -36.54
CA GLN E 115 -9.18 25.26 -36.35
C GLN E 115 -10.61 24.77 -36.55
N ILE E 116 -11.49 25.12 -35.60
CA ILE E 116 -12.92 24.78 -35.71
C ILE E 116 -13.79 26.04 -35.85
N ILE E 117 -13.43 27.11 -35.13
CA ILE E 117 -14.08 28.41 -35.29
C ILE E 117 -13.06 29.37 -35.93
N PRO E 118 -13.30 29.77 -37.19
CA PRO E 118 -12.45 30.79 -37.80
C PRO E 118 -12.57 32.14 -37.07
N LYS E 119 -11.44 32.81 -36.86
CA LYS E 119 -11.44 34.11 -36.19
C LYS E 119 -12.21 35.16 -37.01
N SER E 120 -12.06 35.08 -38.34
CA SER E 120 -12.80 35.92 -39.26
C SER E 120 -14.31 35.77 -39.08
N SER E 121 -14.75 34.52 -38.97
CA SER E 121 -16.17 34.16 -38.94
C SER E 121 -17.04 34.99 -37.97
N TRP E 122 -16.43 35.63 -36.98
CA TRP E 122 -17.15 36.52 -36.08
C TRP E 122 -17.49 37.84 -36.75
N SER E 123 -18.47 37.81 -37.65
CA SER E 123 -18.87 38.98 -38.42
C SER E 123 -19.76 39.91 -37.61
N SER E 124 -20.65 39.32 -36.80
CA SER E 124 -21.57 40.09 -35.95
C SER E 124 -20.88 40.74 -34.73
N HIS E 125 -19.77 40.16 -34.27
CA HIS E 125 -19.04 40.67 -33.12
C HIS E 125 -17.63 41.12 -33.52
N GLU E 126 -16.93 41.74 -32.57
CA GLU E 126 -15.55 42.19 -32.79
C GLU E 126 -14.58 41.21 -32.13
N ALA E 127 -13.59 40.73 -32.88
CA ALA E 127 -12.68 39.68 -32.42
C ALA E 127 -11.21 40.09 -32.29
N SER E 128 -10.83 41.23 -32.89
CA SER E 128 -9.42 41.60 -33.01
C SER E 128 -8.89 42.54 -31.92
N LEU E 129 -9.76 42.99 -31.01
CA LEU E 129 -9.33 43.79 -29.88
C LEU E 129 -9.64 43.06 -28.58
N GLY E 130 -9.38 41.76 -28.57
CA GLY E 130 -9.55 40.92 -27.39
C GLY E 130 -8.22 40.62 -26.75
N VAL E 131 -7.52 41.67 -26.33
CA VAL E 131 -6.16 41.56 -25.80
C VAL E 131 -6.00 42.23 -24.45
N SER E 132 -4.84 41.99 -23.83
CA SER E 132 -4.48 42.61 -22.55
C SER E 132 -2.96 42.76 -22.47
N SER E 133 -2.50 43.70 -21.66
CA SER E 133 -1.07 43.94 -21.47
C SER E 133 -0.40 42.86 -20.61
N ALA E 134 -1.21 42.06 -19.90
CA ALA E 134 -0.71 40.94 -19.11
C ALA E 134 -0.06 39.86 -19.99
N CYS E 135 -0.53 39.70 -21.23
CA CYS E 135 0.07 38.78 -22.20
C CYS E 135 0.70 39.56 -23.36
N PRO E 136 1.92 40.09 -23.17
CA PRO E 136 2.57 40.83 -24.26
C PRO E 136 3.33 39.94 -25.23
N TYR E 137 3.25 40.25 -26.53
CA TYR E 137 4.04 39.59 -27.58
C TYR E 137 4.73 40.65 -28.46
N GLN E 138 6.06 40.62 -28.49
CA GLN E 138 6.86 41.59 -29.23
C GLN E 138 6.51 43.04 -28.89
N GLY E 139 6.28 43.31 -27.60
CA GLY E 139 5.99 44.65 -27.12
C GLY E 139 4.51 45.01 -27.04
N LYS E 140 3.72 44.46 -27.97
CA LYS E 140 2.29 44.78 -28.05
C LYS E 140 1.46 43.84 -27.20
N SER E 141 0.35 44.37 -26.69
CA SER E 141 -0.58 43.60 -25.86
C SER E 141 -1.29 42.53 -26.69
N SER E 142 -1.18 41.28 -26.26
CA SER E 142 -1.68 40.12 -27.02
C SER E 142 -2.56 39.24 -26.12
N PHE E 143 -2.84 38.01 -26.55
CA PHE E 143 -3.69 37.08 -25.79
C PHE E 143 -3.43 35.63 -26.19
N PHE E 144 -3.92 34.70 -25.36
CA PHE E 144 -3.94 33.27 -25.67
C PHE E 144 -4.35 33.01 -27.13
N ARG E 145 -3.45 32.42 -27.91
CA ARG E 145 -3.62 32.31 -29.36
C ARG E 145 -4.74 31.38 -29.82
N ASN E 146 -5.12 30.43 -28.97
CA ASN E 146 -6.08 29.38 -29.34
C ASN E 146 -7.54 29.75 -29.05
N VAL E 147 -7.73 30.83 -28.30
CA VAL E 147 -9.09 31.30 -27.96
C VAL E 147 -9.29 32.78 -28.32
N VAL E 148 -10.54 33.14 -28.63
CA VAL E 148 -10.90 34.49 -29.07
C VAL E 148 -11.67 35.21 -27.96
N TRP E 149 -11.11 36.33 -27.48
CA TRP E 149 -11.81 37.18 -26.53
C TRP E 149 -12.76 38.12 -27.29
N LEU E 150 -14.03 37.73 -27.38
CA LEU E 150 -15.03 38.48 -28.14
C LEU E 150 -15.54 39.69 -27.36
N ILE E 151 -15.67 40.82 -28.08
CA ILE E 151 -16.27 42.05 -27.54
C ILE E 151 -17.37 42.60 -28.46
N LYS E 152 -18.14 43.54 -27.94
CA LYS E 152 -19.26 44.17 -28.67
C LYS E 152 -18.80 44.97 -29.89
N LYS E 153 -19.68 45.07 -30.90
CA LYS E 153 -19.42 45.86 -32.11
C LYS E 153 -20.43 46.99 -32.22
N ASN E 154 -19.94 48.23 -32.30
CA ASN E 154 -20.76 49.44 -32.28
C ASN E 154 -21.83 49.40 -31.17
N SER E 155 -21.37 49.06 -29.97
CA SER E 155 -22.20 49.09 -28.76
C SER E 155 -23.41 48.13 -28.80
N THR E 156 -23.18 46.89 -29.23
CA THR E 156 -24.19 45.83 -29.19
C THR E 156 -23.53 44.46 -29.11
N TYR E 157 -23.90 43.66 -28.10
CA TYR E 157 -23.45 42.27 -28.00
C TYR E 157 -24.64 41.34 -28.20
N PRO E 158 -24.95 41.00 -29.46
CA PRO E 158 -26.06 40.09 -29.72
C PRO E 158 -25.72 38.66 -29.33
N THR E 159 -26.74 37.86 -29.06
CA THR E 159 -26.55 36.48 -28.63
C THR E 159 -25.77 35.71 -29.69
N ILE E 160 -24.76 34.96 -29.23
CA ILE E 160 -23.97 34.07 -30.06
C ILE E 160 -24.61 32.69 -30.02
N LYS E 161 -24.68 32.02 -31.17
CA LYS E 161 -25.19 30.64 -31.24
C LYS E 161 -24.37 29.84 -32.26
N ARG E 162 -23.41 29.08 -31.75
CA ARG E 162 -22.48 28.34 -32.60
C ARG E 162 -22.43 26.86 -32.25
N SER E 163 -22.33 26.02 -33.28
CA SER E 163 -22.30 24.59 -33.13
C SER E 163 -21.16 24.01 -33.97
N TYR E 164 -20.37 23.12 -33.38
CA TYR E 164 -19.36 22.38 -34.14
C TYR E 164 -19.55 20.87 -34.06
N ASN E 165 -19.66 20.23 -35.22
CA ASN E 165 -19.79 18.78 -35.35
C ASN E 165 -18.43 18.13 -35.56
N ASN E 166 -18.05 17.23 -34.67
CA ASN E 166 -16.79 16.50 -34.80
C ASN E 166 -16.95 15.35 -35.80
N THR E 167 -16.51 15.60 -37.04
CA THR E 167 -16.55 14.59 -38.09
C THR E 167 -15.18 13.92 -38.31
N ASN E 168 -14.19 14.30 -37.52
CA ASN E 168 -12.92 13.57 -37.48
C ASN E 168 -13.20 12.29 -36.72
N GLN E 169 -12.58 11.19 -37.12
CA GLN E 169 -12.74 9.94 -36.37
C GLN E 169 -11.73 9.88 -35.22
N GLU E 170 -11.77 10.90 -34.37
CA GLU E 170 -10.89 11.04 -33.22
C GLU E 170 -11.65 11.70 -32.07
N ASP E 171 -11.11 11.59 -30.87
CA ASP E 171 -11.55 12.44 -29.77
C ASP E 171 -10.94 13.83 -30.02
N LEU E 172 -11.57 14.85 -29.47
CA LEU E 172 -11.13 16.22 -29.68
C LEU E 172 -11.15 17.00 -28.37
N LEU E 173 -9.98 17.49 -27.97
CA LEU E 173 -9.88 18.36 -26.80
C LEU E 173 -10.29 19.76 -27.20
N VAL E 174 -11.45 20.19 -26.69
CA VAL E 174 -11.95 21.55 -26.90
C VAL E 174 -11.66 22.37 -25.65
N LEU E 175 -11.26 23.62 -25.87
CA LEU E 175 -10.98 24.56 -24.77
C LEU E 175 -11.77 25.84 -24.97
N TRP E 176 -12.27 26.41 -23.88
CA TRP E 176 -12.89 27.73 -23.91
C TRP E 176 -12.79 28.38 -22.52
N GLY E 177 -13.37 29.57 -22.37
CA GLY E 177 -13.35 30.27 -21.10
C GLY E 177 -14.41 31.35 -20.94
N ILE E 178 -14.39 31.97 -19.77
CA ILE E 178 -15.30 33.07 -19.44
C ILE E 178 -14.46 34.17 -18.79
N HIS E 179 -14.85 35.43 -19.00
CA HIS E 179 -14.21 36.56 -18.34
C HIS E 179 -15.03 37.05 -17.15
N HIS E 180 -14.36 37.25 -16.03
CA HIS E 180 -14.97 37.76 -14.80
C HIS E 180 -14.51 39.20 -14.59
N PRO E 181 -15.37 40.18 -14.91
CA PRO E 181 -14.96 41.59 -14.86
C PRO E 181 -14.88 42.15 -13.44
N ASN E 182 -14.35 43.36 -13.32
CA ASN E 182 -14.06 43.96 -12.02
C ASN E 182 -15.30 44.55 -11.34
N ASP E 183 -16.05 45.36 -12.09
CA ASP E 183 -17.28 46.00 -11.58
C ASP E 183 -18.38 46.02 -12.65
N ALA E 184 -19.59 46.37 -12.23
CA ALA E 184 -20.75 46.46 -13.13
C ALA E 184 -20.53 47.46 -14.29
N ALA E 185 -19.69 48.47 -14.04
CA ALA E 185 -19.33 49.45 -15.06
C ALA E 185 -18.48 48.85 -16.19
N GLU E 186 -17.53 47.99 -15.83
CA GLU E 186 -16.69 47.32 -16.83
C GLU E 186 -17.46 46.24 -17.60
N GLN E 187 -18.41 45.59 -16.92
CA GLN E 187 -19.31 44.63 -17.57
C GLN E 187 -20.01 45.29 -18.75
N THR E 188 -20.66 46.42 -18.49
CA THR E 188 -21.36 47.17 -19.54
C THR E 188 -20.38 47.74 -20.57
N LYS E 189 -19.22 48.21 -20.11
CA LYS E 189 -18.20 48.75 -21.02
C LYS E 189 -17.78 47.73 -22.08
N LEU E 190 -17.58 46.49 -21.67
CA LEU E 190 -17.08 45.43 -22.57
C LEU E 190 -18.19 44.76 -23.38
N TYR E 191 -19.26 44.36 -22.69
CA TYR E 191 -20.32 43.54 -23.29
C TYR E 191 -21.70 44.19 -23.27
N GLN E 192 -21.83 45.33 -22.60
CA GLN E 192 -23.10 46.04 -22.43
C GLN E 192 -24.13 45.33 -21.55
N ASN E 193 -24.54 44.13 -21.95
CA ASN E 193 -25.60 43.40 -21.24
C ASN E 193 -25.23 43.23 -19.76
N PRO E 194 -26.11 43.66 -18.85
CA PRO E 194 -25.76 43.65 -17.43
C PRO E 194 -25.62 42.23 -16.87
N THR E 195 -26.55 41.36 -17.25
CA THR E 195 -26.54 39.96 -16.83
C THR E 195 -26.26 39.10 -18.06
N THR E 196 -25.18 38.31 -18.01
CA THR E 196 -24.80 37.47 -19.14
C THR E 196 -24.62 36.02 -18.73
N TYR E 197 -24.44 35.15 -19.72
CA TYR E 197 -24.27 33.73 -19.50
C TYR E 197 -23.56 33.08 -20.69
N ILE E 198 -23.07 31.85 -20.47
CA ILE E 198 -22.56 31.01 -21.55
C ILE E 198 -23.08 29.59 -21.33
N SER E 199 -23.88 29.10 -22.28
CA SER E 199 -24.39 27.73 -22.21
C SER E 199 -23.64 26.85 -23.20
N VAL E 200 -22.98 25.82 -22.68
CA VAL E 200 -22.25 24.85 -23.52
C VAL E 200 -22.87 23.47 -23.33
N GLY E 201 -23.22 22.83 -24.44
CA GLY E 201 -23.85 21.52 -24.41
C GLY E 201 -23.21 20.56 -25.38
N THR E 202 -23.17 19.28 -25.00
CA THR E 202 -22.78 18.19 -25.89
C THR E 202 -23.76 17.06 -25.63
N SER E 203 -23.43 15.84 -26.05
CA SER E 203 -24.23 14.68 -25.69
C SER E 203 -24.20 14.45 -24.18
N THR E 204 -23.08 14.78 -23.54
CA THR E 204 -22.94 14.62 -22.11
C THR E 204 -22.96 15.96 -21.38
N LEU E 205 -22.18 16.91 -21.87
CA LEU E 205 -22.03 18.20 -21.19
C LEU E 205 -23.34 19.00 -21.21
N ASN E 206 -23.70 19.51 -20.03
CA ASN E 206 -24.84 20.42 -19.88
C ASN E 206 -24.46 21.51 -18.90
N GLN E 207 -23.82 22.55 -19.42
CA GLN E 207 -23.22 23.59 -18.60
C GLN E 207 -23.83 24.95 -18.89
N ARG E 208 -23.85 25.82 -17.87
CA ARG E 208 -24.27 27.21 -18.03
C ARG E 208 -23.45 28.10 -17.08
N LEU E 209 -22.47 28.80 -17.63
CA LEU E 209 -21.58 29.65 -16.83
C LEU E 209 -22.11 31.07 -16.74
N VAL E 210 -21.97 31.68 -15.57
CA VAL E 210 -22.30 33.10 -15.36
C VAL E 210 -21.08 33.83 -14.78
N PRO E 211 -20.84 35.09 -15.21
CA PRO E 211 -19.71 35.82 -14.65
C PRO E 211 -19.96 36.26 -13.22
N ARG E 212 -18.99 35.99 -12.36
CA ARG E 212 -19.03 36.43 -10.97
C ARG E 212 -18.15 37.68 -10.84
N ILE E 213 -18.72 38.75 -10.28
CA ILE E 213 -18.01 40.01 -10.10
C ILE E 213 -17.51 40.10 -8.66
N ALA E 214 -16.30 40.62 -8.51
CA ALA E 214 -15.69 40.82 -7.19
C ALA E 214 -14.49 41.74 -7.31
N THR E 215 -14.16 42.42 -6.21
CA THR E 215 -12.95 43.24 -6.14
C THR E 215 -11.79 42.30 -5.82
N ARG E 216 -10.80 42.27 -6.70
CA ARG E 216 -9.70 41.32 -6.59
C ARG E 216 -8.36 42.04 -6.67
N SER E 217 -7.34 41.44 -6.07
CA SER E 217 -5.99 41.99 -6.08
C SER E 217 -5.40 41.91 -7.49
N LYS E 218 -4.66 42.95 -7.88
CA LYS E 218 -4.03 42.98 -9.20
C LYS E 218 -2.94 41.94 -9.29
N VAL E 219 -3.18 40.91 -10.09
CA VAL E 219 -2.18 39.93 -10.42
C VAL E 219 -1.77 40.18 -11.86
N ASN E 220 -0.46 40.24 -12.12
CA ASN E 220 0.04 40.62 -13.44
C ASN E 220 -0.61 41.90 -13.99
N GLY E 221 -0.79 42.88 -13.10
CA GLY E 221 -1.34 44.17 -13.48
C GLY E 221 -2.84 44.22 -13.74
N GLN E 222 -3.55 43.13 -13.46
CA GLN E 222 -4.98 43.05 -13.72
C GLN E 222 -5.75 42.43 -12.56
N SER E 223 -6.89 43.03 -12.23
CA SER E 223 -7.77 42.50 -11.18
C SER E 223 -8.90 41.65 -11.77
N GLY E 224 -9.02 41.65 -13.10
CA GLY E 224 -9.95 40.77 -13.80
C GLY E 224 -9.46 39.33 -13.83
N ARG E 225 -10.38 38.39 -14.06
CA ARG E 225 -10.05 36.96 -14.04
C ARG E 225 -10.64 36.21 -15.22
N MET E 226 -9.94 35.16 -15.65
CA MET E 226 -10.42 34.26 -16.70
C MET E 226 -10.51 32.86 -16.13
N GLU E 227 -11.61 32.17 -16.41
CA GLU E 227 -11.82 30.81 -15.90
C GLU E 227 -12.02 29.86 -17.06
N PHE E 228 -11.03 28.99 -17.30
CA PHE E 228 -11.01 28.16 -18.50
C PHE E 228 -11.53 26.75 -18.25
N PHE E 229 -12.40 26.30 -19.16
CA PHE E 229 -13.03 24.99 -19.07
C PHE E 229 -12.68 24.18 -20.30
N TRP E 230 -12.89 22.87 -20.21
CA TRP E 230 -12.56 21.97 -21.29
C TRP E 230 -13.48 20.77 -21.37
N THR E 231 -13.45 20.08 -22.50
CA THR E 231 -14.12 18.80 -22.65
C THR E 231 -13.41 17.96 -23.71
N ILE E 232 -13.67 16.67 -23.70
CA ILE E 232 -13.32 15.81 -24.83
C ILE E 232 -14.59 15.61 -25.63
N LEU E 233 -14.55 16.08 -26.87
CA LEU E 233 -15.68 15.96 -27.76
C LEU E 233 -15.48 14.68 -28.58
N LYS E 234 -16.35 13.72 -28.37
CA LYS E 234 -16.23 12.42 -29.04
C LYS E 234 -16.63 12.58 -30.51
N PRO E 235 -16.12 11.68 -31.37
CA PRO E 235 -16.40 11.84 -32.81
C PRO E 235 -17.90 11.67 -33.12
N ASN E 236 -18.36 12.42 -34.12
CA ASN E 236 -19.75 12.38 -34.55
C ASN E 236 -20.72 13.03 -33.55
N ASP E 237 -20.17 13.75 -32.56
CA ASP E 237 -20.96 14.50 -31.60
C ASP E 237 -20.69 15.98 -31.82
N ALA E 238 -21.73 16.79 -31.65
CA ALA E 238 -21.63 18.23 -31.83
C ALA E 238 -21.60 18.94 -30.47
N ILE E 239 -20.83 20.01 -30.39
CA ILE E 239 -20.84 20.90 -29.22
C ILE E 239 -21.55 22.21 -29.60
N ASN E 240 -22.39 22.71 -28.69
CA ASN E 240 -23.22 23.88 -28.96
C ASN E 240 -23.00 25.00 -27.95
N PHE E 241 -22.61 26.18 -28.45
CA PHE E 241 -22.41 27.36 -27.62
C PHE E 241 -23.57 28.34 -27.76
N GLU E 242 -23.87 29.05 -26.68
CA GLU E 242 -24.80 30.17 -26.72
C GLU E 242 -24.44 31.15 -25.61
N SER E 243 -24.23 32.41 -25.96
CA SER E 243 -23.84 33.42 -24.97
C SER E 243 -24.19 34.85 -25.37
N ASN E 244 -24.57 35.65 -24.37
CA ASN E 244 -24.86 37.08 -24.55
C ASN E 244 -23.80 37.99 -23.91
N GLY E 245 -22.62 37.43 -23.65
CA GLY E 245 -21.51 38.21 -23.11
C GLY E 245 -20.51 37.40 -22.29
N ASN E 246 -19.31 37.97 -22.16
CA ASN E 246 -18.24 37.45 -21.31
C ASN E 246 -17.63 36.13 -21.80
N PHE E 247 -17.78 35.87 -23.10
CA PHE E 247 -17.42 34.57 -23.69
C PHE E 247 -16.03 34.59 -24.32
N ILE E 248 -15.24 33.56 -24.02
CA ILE E 248 -13.96 33.34 -24.68
C ILE E 248 -14.12 32.14 -25.59
N ALA E 249 -14.16 32.40 -26.89
CA ALA E 249 -14.48 31.36 -27.87
C ALA E 249 -13.26 30.52 -28.23
N PRO E 250 -13.48 29.26 -28.61
CA PRO E 250 -12.41 28.45 -29.17
C PRO E 250 -12.14 28.82 -30.63
N GLU E 251 -10.88 29.14 -30.96
CA GLU E 251 -10.46 29.19 -32.36
C GLU E 251 -9.97 27.80 -32.77
N TYR E 252 -8.98 27.30 -32.02
CA TYR E 252 -8.37 26.00 -32.26
C TYR E 252 -8.71 25.00 -31.16
N ALA E 253 -8.80 23.73 -31.56
CA ALA E 253 -9.00 22.63 -30.63
C ALA E 253 -8.01 21.53 -30.99
N TYR E 254 -7.31 21.00 -29.99
CA TYR E 254 -6.31 19.96 -30.21
C TYR E 254 -6.97 18.62 -30.50
N LYS E 255 -6.41 17.91 -31.48
CA LYS E 255 -6.94 16.63 -31.92
C LYS E 255 -5.99 15.56 -31.40
N ILE E 256 -6.55 14.47 -30.89
CA ILE E 256 -5.76 13.44 -30.20
C ILE E 256 -5.48 12.29 -31.15
N VAL E 257 -4.34 12.35 -31.84
CA VAL E 257 -4.02 11.37 -32.88
C VAL E 257 -3.42 10.08 -32.31
N LYS E 258 -2.53 10.21 -31.33
CA LYS E 258 -1.87 9.04 -30.72
C LYS E 258 -2.04 8.98 -29.22
N LYS E 259 -2.40 7.80 -28.73
CA LYS E 259 -2.49 7.52 -27.30
C LYS E 259 -1.49 6.43 -26.94
N GLY E 260 -0.55 6.74 -26.05
CA GLY E 260 0.44 5.77 -25.59
C GLY E 260 0.92 6.05 -24.19
N ASP E 261 1.92 5.30 -23.74
CA ASP E 261 2.55 5.56 -22.46
C ASP E 261 3.32 6.86 -22.54
N SER E 262 2.95 7.80 -21.68
CA SER E 262 3.68 9.04 -21.52
C SER E 262 3.64 9.43 -20.06
N THR E 263 4.28 10.54 -19.71
CA THR E 263 4.23 11.04 -18.34
C THR E 263 4.70 12.48 -18.30
N ILE E 264 4.18 13.24 -17.34
CA ILE E 264 4.61 14.61 -17.13
C ILE E 264 5.64 14.62 -16.02
N MET E 265 6.90 14.58 -16.43
CA MET E 265 8.05 14.60 -15.54
C MET E 265 8.31 16.01 -15.04
N LYS E 266 8.65 16.14 -13.76
CA LYS E 266 8.94 17.45 -13.19
C LYS E 266 10.43 17.60 -12.92
N SER E 267 11.03 18.56 -13.61
CA SER E 267 12.47 18.72 -13.62
C SER E 267 12.86 20.14 -14.00
N GLU E 268 13.83 20.70 -13.29
CA GLU E 268 14.40 22.00 -13.63
C GLU E 268 15.40 21.84 -14.78
N LEU E 269 15.86 20.61 -15.01
CA LEU E 269 16.88 20.32 -16.03
C LEU E 269 16.37 20.56 -17.44
N GLU E 270 17.30 20.71 -18.37
CA GLU E 270 16.99 21.09 -19.76
C GLU E 270 17.13 19.87 -20.71
N TYR E 271 18.09 19.87 -21.62
CA TYR E 271 18.18 18.84 -22.67
C TYR E 271 19.63 18.53 -23.03
N GLY E 272 20.03 17.28 -22.89
CA GLY E 272 21.40 16.86 -23.16
C GLY E 272 21.67 16.40 -24.59
N ASN E 273 20.62 16.31 -25.40
CA ASN E 273 20.70 15.74 -26.76
C ASN E 273 21.29 14.33 -26.72
N CYS E 274 20.77 13.55 -25.78
CA CYS E 274 21.26 12.21 -25.53
C CYS E 274 20.07 11.26 -25.74
N ASN E 275 20.37 9.98 -25.95
CA ASN E 275 19.34 8.95 -26.11
C ASN E 275 19.40 7.91 -25.00
N THR E 276 18.24 7.38 -24.60
CA THR E 276 18.18 6.37 -23.54
C THR E 276 17.00 5.43 -23.73
N LYS E 277 16.87 4.46 -22.83
CA LYS E 277 15.71 3.59 -22.77
C LYS E 277 15.10 3.55 -21.36
N CYS E 278 15.64 4.37 -20.47
CA CYS E 278 15.11 4.55 -19.13
C CYS E 278 15.46 5.96 -18.69
N GLN E 279 14.45 6.77 -18.41
CA GLN E 279 14.68 8.16 -18.04
C GLN E 279 14.16 8.46 -16.64
N THR E 280 14.87 9.34 -15.94
CA THR E 280 14.43 9.87 -14.65
C THR E 280 14.47 11.40 -14.69
N PRO E 281 13.79 12.05 -13.73
CA PRO E 281 13.88 13.50 -13.55
C PRO E 281 15.30 14.04 -13.35
N MET E 282 16.20 13.22 -12.79
CA MET E 282 17.57 13.65 -12.50
C MET E 282 18.54 13.28 -13.62
N GLY E 283 18.14 12.35 -14.49
CA GLY E 283 19.01 11.92 -15.58
C GLY E 283 18.51 10.64 -16.22
N ALA E 284 19.36 10.02 -17.03
CA ALA E 284 19.00 8.78 -17.73
C ALA E 284 19.86 7.62 -17.25
N ILE E 285 19.35 6.41 -17.46
CA ILE E 285 19.95 5.19 -16.94
C ILE E 285 20.27 4.20 -18.06
N ASN E 286 21.49 3.70 -18.03
CA ASN E 286 21.97 2.67 -18.97
C ASN E 286 22.69 1.58 -18.18
N SER E 287 21.94 0.57 -17.75
CA SER E 287 22.54 -0.55 -17.02
C SER E 287 21.71 -1.83 -17.12
N SER E 288 22.35 -2.94 -16.75
CA SER E 288 21.72 -4.24 -16.73
C SER E 288 21.36 -4.67 -15.30
N MET E 289 21.67 -3.82 -14.34
CA MET E 289 21.34 -4.07 -12.94
C MET E 289 19.83 -4.26 -12.79
N PRO E 290 19.41 -5.16 -11.89
CA PRO E 290 17.97 -5.31 -11.62
C PRO E 290 17.40 -4.18 -10.76
N PHE E 291 18.28 -3.40 -10.12
CA PHE E 291 17.86 -2.31 -9.25
C PHE E 291 18.61 -1.02 -9.52
N HIS E 292 18.02 0.08 -9.04
CA HIS E 292 18.67 1.38 -9.00
C HIS E 292 18.12 2.18 -7.83
N ASN E 293 18.74 3.31 -7.54
CA ASN E 293 18.34 4.15 -6.42
C ASN E 293 18.33 5.64 -6.74
N ILE E 294 18.15 5.95 -8.02
CA ILE E 294 18.26 7.31 -8.54
C ILE E 294 17.04 8.16 -8.16
N HIS E 295 15.87 7.73 -8.61
CA HIS E 295 14.63 8.48 -8.43
C HIS E 295 13.43 7.58 -8.77
N PRO E 296 12.37 7.59 -7.92
CA PRO E 296 11.24 6.66 -8.09
C PRO E 296 10.47 6.79 -9.41
N LEU E 297 10.16 8.02 -9.80
CA LEU E 297 9.43 8.26 -11.05
C LEU E 297 10.34 8.09 -12.26
N THR E 298 10.18 6.97 -12.97
CA THR E 298 10.92 6.72 -14.20
C THR E 298 9.96 6.44 -15.33
N ILE E 299 10.50 6.38 -16.54
CA ILE E 299 9.73 6.08 -17.74
C ILE E 299 10.60 5.21 -18.64
N GLY E 300 10.00 4.17 -19.21
CA GLY E 300 10.70 3.25 -20.09
C GLY E 300 11.09 1.94 -19.43
N GLU E 301 11.92 1.17 -20.13
CA GLU E 301 12.42 -0.12 -19.63
C GLU E 301 13.46 0.14 -18.54
N CYS E 302 13.02 0.06 -17.29
CA CYS E 302 13.86 0.44 -16.16
C CYS E 302 14.08 -0.67 -15.14
N PRO E 303 15.24 -0.63 -14.44
CA PRO E 303 15.41 -1.42 -13.23
C PRO E 303 14.48 -0.90 -12.13
N LYS E 304 14.31 -1.67 -11.07
CA LYS E 304 13.38 -1.31 -10.01
C LYS E 304 14.03 -0.33 -9.04
N TYR E 305 13.27 0.66 -8.62
CA TYR E 305 13.78 1.66 -7.68
C TYR E 305 13.73 1.12 -6.26
N VAL E 306 14.83 1.32 -5.54
CA VAL E 306 14.87 1.11 -4.10
C VAL E 306 15.63 2.26 -3.43
N LYS E 307 15.41 2.44 -2.13
CA LYS E 307 16.09 3.48 -1.37
C LYS E 307 17.48 3.07 -0.86
N SER E 308 17.92 1.86 -1.19
CA SER E 308 19.19 1.35 -0.69
C SER E 308 20.37 2.15 -1.23
N ASN E 309 21.43 2.24 -0.43
CA ASN E 309 22.72 2.74 -0.88
C ASN E 309 23.56 1.60 -1.43
N ARG E 310 23.31 0.39 -0.91
CA ARG E 310 24.13 -0.78 -1.23
C ARG E 310 23.28 -2.04 -1.33
N LEU E 311 23.42 -2.75 -2.45
CA LEU E 311 22.90 -4.12 -2.57
C LEU E 311 23.95 -4.97 -3.28
N VAL E 312 24.66 -5.78 -2.50
CA VAL E 312 25.71 -6.64 -3.02
C VAL E 312 25.45 -8.07 -2.56
N LEU E 313 25.47 -9.00 -3.50
CA LEU E 313 25.27 -10.41 -3.22
C LEU E 313 26.60 -11.15 -3.21
N ALA E 314 26.84 -11.95 -2.17
CA ALA E 314 27.96 -12.88 -2.19
C ALA E 314 27.68 -13.91 -3.25
N THR E 315 28.66 -14.13 -4.13
CA THR E 315 28.64 -15.24 -5.07
C THR E 315 29.69 -16.26 -4.66
N GLY E 316 30.86 -15.77 -4.29
CA GLY E 316 31.94 -16.64 -3.83
C GLY E 316 31.86 -16.89 -2.34
N LEU E 317 33.00 -17.20 -1.74
CA LEU E 317 33.04 -17.64 -0.36
C LEU E 317 33.93 -16.72 0.47
N ARG E 318 33.88 -16.91 1.79
CA ARG E 318 34.60 -16.06 2.71
C ARG E 318 36.08 -16.07 2.37
N ASN E 319 36.61 -14.88 2.08
CA ASN E 319 38.00 -14.75 1.69
C ASN E 319 38.89 -14.60 2.91
N SER E 320 39.96 -15.39 2.95
CA SER E 320 40.86 -15.45 4.08
C SER E 320 41.81 -14.24 4.13
N PRO E 321 42.24 -13.85 5.35
CA PRO E 321 43.34 -12.88 5.49
C PRO E 321 44.69 -13.56 5.40
N GLY F 1 31.59 -20.42 10.27
CA GLY F 1 30.44 -20.93 9.48
C GLY F 1 29.73 -22.07 10.16
N LEU F 2 28.54 -22.39 9.69
CA LEU F 2 27.71 -23.42 10.29
C LEU F 2 28.35 -24.80 10.24
N PHE F 3 29.06 -25.07 9.15
CA PHE F 3 29.51 -26.42 8.87
C PHE F 3 30.94 -26.68 9.31
N GLY F 4 31.57 -25.63 9.85
CA GLY F 4 32.82 -25.77 10.58
C GLY F 4 34.07 -25.95 9.75
N ALA F 5 33.95 -25.93 8.43
CA ALA F 5 35.08 -26.22 7.56
C ALA F 5 35.84 -24.96 7.22
N ILE F 6 35.16 -24.01 6.58
CA ILE F 6 35.77 -22.76 6.15
C ILE F 6 36.07 -21.86 7.34
N ALA F 7 37.33 -21.45 7.46
CA ALA F 7 37.80 -20.68 8.61
C ALA F 7 37.49 -21.43 9.90
N GLY F 8 37.57 -22.76 9.84
CA GLY F 8 37.21 -23.61 10.95
C GLY F 8 38.33 -24.57 11.21
N PHE F 9 38.11 -25.85 10.94
CA PHE F 9 39.20 -26.80 11.02
C PHE F 9 40.13 -26.68 9.82
N ILE F 10 39.64 -26.09 8.73
CA ILE F 10 40.50 -25.66 7.63
C ILE F 10 40.71 -24.16 7.77
N GLU F 11 41.84 -23.78 8.34
CA GLU F 11 42.03 -22.42 8.84
C GLU F 11 41.99 -21.33 7.79
N GLY F 12 42.33 -21.65 6.55
CA GLY F 12 42.39 -20.63 5.49
C GLY F 12 42.31 -21.20 4.08
N GLY F 13 42.09 -20.31 3.11
CA GLY F 13 41.96 -20.68 1.71
C GLY F 13 43.30 -20.80 1.02
N TRP F 14 43.26 -21.07 -0.28
CA TRP F 14 44.47 -21.28 -1.08
C TRP F 14 44.52 -20.31 -2.25
N GLN F 15 45.42 -19.33 -2.16
CA GLN F 15 45.70 -18.44 -3.28
C GLN F 15 46.18 -19.26 -4.49
N GLY F 16 46.85 -20.37 -4.21
CA GLY F 16 47.42 -21.23 -5.24
C GLY F 16 46.45 -22.08 -6.05
N MET F 17 45.19 -22.15 -5.61
CA MET F 17 44.16 -22.87 -6.37
C MET F 17 43.28 -21.88 -7.11
N VAL F 18 43.51 -21.72 -8.41
CA VAL F 18 42.83 -20.72 -9.22
C VAL F 18 41.76 -21.28 -10.14
N ASP F 19 41.80 -22.60 -10.39
CA ASP F 19 40.92 -23.22 -11.36
C ASP F 19 39.64 -23.82 -10.72
N GLY F 20 39.31 -23.37 -9.52
CA GLY F 20 38.09 -23.83 -8.87
C GLY F 20 37.89 -23.29 -7.47
N TRP F 21 36.74 -23.62 -6.88
CA TRP F 21 36.38 -23.12 -5.56
C TRP F 21 36.84 -24.05 -4.46
N TYR F 22 36.64 -25.35 -4.68
CA TYR F 22 37.05 -26.38 -3.74
C TYR F 22 37.97 -27.32 -4.45
N GLY F 23 38.88 -27.95 -3.71
CA GLY F 23 39.76 -28.92 -4.31
C GLY F 23 40.76 -29.50 -3.35
N TYR F 24 41.78 -30.14 -3.92
CA TYR F 24 42.77 -30.88 -3.18
C TYR F 24 44.16 -30.31 -3.40
N HIS F 25 45.02 -30.49 -2.41
CA HIS F 25 46.44 -30.24 -2.56
C HIS F 25 47.23 -31.41 -2.00
N HIS F 26 48.02 -32.03 -2.86
CA HIS F 26 48.80 -33.21 -2.51
C HIS F 26 50.27 -32.86 -2.38
N SER F 27 51.01 -33.65 -1.60
CA SER F 27 52.46 -33.54 -1.54
C SER F 27 53.10 -34.89 -1.25
N ASN F 28 53.87 -35.39 -2.23
CA ASN F 28 54.57 -36.67 -2.12
C ASN F 28 56.00 -36.52 -2.63
N GLU F 29 56.69 -37.64 -2.82
CA GLU F 29 58.07 -37.61 -3.28
C GLU F 29 58.22 -36.88 -4.62
N GLN F 30 57.28 -37.12 -5.53
CA GLN F 30 57.37 -36.61 -6.90
C GLN F 30 56.99 -35.13 -7.05
N GLY F 31 56.37 -34.56 -6.02
CA GLY F 31 56.04 -33.14 -6.04
C GLY F 31 54.80 -32.80 -5.25
N SER F 32 54.33 -31.56 -5.40
CA SER F 32 53.07 -31.13 -4.80
C SER F 32 52.25 -30.37 -5.83
N GLY F 33 51.01 -30.05 -5.49
CA GLY F 33 50.16 -29.26 -6.39
C GLY F 33 48.69 -29.20 -6.04
N TYR F 34 48.02 -28.19 -6.57
CA TYR F 34 46.60 -27.97 -6.38
C TYR F 34 45.80 -28.54 -7.54
N ALA F 35 44.70 -29.23 -7.23
CA ALA F 35 43.76 -29.69 -8.24
C ALA F 35 42.34 -29.36 -7.79
N ALA F 36 41.64 -28.56 -8.59
CA ALA F 36 40.26 -28.20 -8.27
C ALA F 36 39.35 -29.42 -8.46
N ASP F 37 38.39 -29.58 -7.54
CA ASP F 37 37.35 -30.60 -7.68
C ASP F 37 36.24 -30.02 -8.56
N LYS F 38 36.16 -30.48 -9.80
CA LYS F 38 35.23 -29.94 -10.78
C LYS F 38 33.76 -30.10 -10.38
N GLU F 39 33.38 -31.32 -9.99
CA GLU F 39 31.98 -31.64 -9.69
C GLU F 39 31.39 -30.73 -8.62
N SER F 40 32.05 -30.67 -7.46
CA SER F 40 31.56 -29.83 -6.38
C SER F 40 31.59 -28.37 -6.77
N THR F 41 32.57 -27.98 -7.57
CA THR F 41 32.68 -26.58 -8.01
C THR F 41 31.55 -26.21 -8.97
N GLN F 42 31.27 -27.07 -9.94
CA GLN F 42 30.23 -26.80 -10.93
C GLN F 42 28.85 -26.77 -10.28
N LYS F 43 28.64 -27.62 -9.28
CA LYS F 43 27.42 -27.60 -8.49
C LYS F 43 27.23 -26.27 -7.75
N ALA F 44 28.32 -25.74 -7.21
CA ALA F 44 28.29 -24.48 -6.49
C ALA F 44 28.00 -23.33 -7.46
N ILE F 45 28.58 -23.40 -8.64
CA ILE F 45 28.36 -22.39 -9.67
C ILE F 45 26.90 -22.35 -10.13
N ASP F 46 26.29 -23.53 -10.28
CA ASP F 46 24.90 -23.63 -10.70
C ASP F 46 23.97 -23.13 -9.59
N GLY F 47 24.19 -23.58 -8.37
CA GLY F 47 23.38 -23.19 -7.24
C GLY F 47 23.31 -21.69 -7.02
N VAL F 48 24.45 -21.03 -7.17
CA VAL F 48 24.54 -19.58 -6.97
C VAL F 48 23.95 -18.80 -8.15
N THR F 49 24.20 -19.27 -9.37
CA THR F 49 23.63 -18.66 -10.55
C THR F 49 22.11 -18.61 -10.41
N ASN F 50 21.52 -19.78 -10.19
CA ASN F 50 20.07 -19.89 -10.01
C ASN F 50 19.58 -18.97 -8.91
N LYS F 51 20.30 -18.96 -7.80
CA LYS F 51 20.00 -18.08 -6.67
C LYS F 51 19.88 -16.63 -7.09
N VAL F 52 20.85 -16.17 -7.87
CA VAL F 52 20.89 -14.78 -8.29
C VAL F 52 19.74 -14.48 -9.25
N ASN F 53 19.49 -15.38 -10.20
CA ASN F 53 18.41 -15.21 -11.17
C ASN F 53 17.04 -15.29 -10.48
N SER F 54 16.92 -16.23 -9.55
CA SER F 54 15.71 -16.37 -8.73
C SER F 54 15.40 -15.08 -8.00
N ILE F 55 16.44 -14.45 -7.45
CA ILE F 55 16.31 -13.18 -6.73
C ILE F 55 15.92 -12.02 -7.65
N ILE F 56 16.61 -11.92 -8.78
CA ILE F 56 16.28 -10.90 -9.78
C ILE F 56 14.81 -11.01 -10.20
N ASP F 57 14.39 -12.22 -10.59
CA ASP F 57 13.03 -12.45 -11.10
C ASP F 57 11.94 -12.20 -10.07
N LYS F 58 12.21 -12.49 -8.81
CA LYS F 58 11.22 -12.26 -7.75
C LYS F 58 11.00 -10.77 -7.49
N MET F 59 12.03 -9.96 -7.75
CA MET F 59 11.91 -8.51 -7.57
C MET F 59 11.44 -7.83 -8.85
N ASN F 60 11.51 -8.57 -9.97
CA ASN F 60 11.10 -8.08 -11.29
C ASN F 60 9.77 -7.31 -11.30
N THR F 61 8.71 -7.92 -10.75
CA THR F 61 7.43 -7.20 -10.61
C THR F 61 7.36 -6.60 -9.21
N GLN F 62 7.42 -5.28 -9.16
CA GLN F 62 7.36 -4.55 -7.89
C GLN F 62 6.79 -3.15 -8.14
N PHE F 63 6.35 -2.50 -7.08
CA PHE F 63 5.64 -1.22 -7.19
C PHE F 63 6.41 -0.20 -8.05
N GLU F 64 5.68 0.52 -8.89
CA GLU F 64 6.24 1.60 -9.70
C GLU F 64 5.45 2.87 -9.43
N ALA F 65 6.16 3.94 -9.06
CA ALA F 65 5.54 5.23 -8.78
C ALA F 65 5.05 5.88 -10.07
N VAL F 66 3.92 6.58 -9.99
CA VAL F 66 3.45 7.42 -11.07
C VAL F 66 3.19 8.81 -10.48
N GLY F 67 3.45 9.84 -11.29
CA GLY F 67 3.22 11.22 -10.87
C GLY F 67 1.75 11.56 -10.99
N ARG F 68 1.22 12.19 -9.93
CA ARG F 68 -0.16 12.67 -9.92
C ARG F 68 -0.18 14.04 -9.28
N GLU F 69 -1.06 14.90 -9.78
CA GLU F 69 -1.10 16.31 -9.40
C GLU F 69 -2.38 16.60 -8.65
N PHE F 70 -2.29 17.40 -7.59
CA PHE F 70 -3.46 17.78 -6.80
C PHE F 70 -3.42 19.27 -6.46
N ASN F 71 -4.56 19.94 -6.54
CA ASN F 71 -4.62 21.38 -6.26
C ASN F 71 -4.58 21.70 -4.76
N ASN F 72 -4.77 22.98 -4.42
CA ASN F 72 -4.55 23.47 -3.06
C ASN F 72 -5.59 22.99 -2.04
N LEU F 73 -6.78 22.62 -2.50
CA LEU F 73 -7.84 22.09 -1.64
C LEU F 73 -8.08 20.60 -1.89
N GLU F 74 -7.02 19.90 -2.29
CA GLU F 74 -7.01 18.44 -2.37
C GLU F 74 -5.81 17.92 -1.60
N ARG F 75 -5.49 18.58 -0.49
CA ARG F 75 -4.30 18.28 0.30
C ARG F 75 -4.35 16.91 0.96
N ARG F 76 -5.54 16.48 1.36
CA ARG F 76 -5.70 15.18 2.00
C ARG F 76 -5.32 14.04 1.06
N ILE F 77 -5.88 14.06 -0.17
CA ILE F 77 -5.60 13.01 -1.14
C ILE F 77 -4.20 13.13 -1.76
N GLU F 78 -3.63 14.32 -1.75
CA GLU F 78 -2.22 14.47 -2.10
C GLU F 78 -1.39 13.72 -1.07
N ASN F 79 -1.72 13.89 0.19
CA ASN F 79 -0.98 13.30 1.28
C ASN F 79 -1.20 11.79 1.34
N LEU F 80 -2.43 11.37 1.10
CA LEU F 80 -2.76 9.94 0.97
C LEU F 80 -1.88 9.35 -0.13
N ASN F 81 -1.87 10.00 -1.28
CA ASN F 81 -1.08 9.55 -2.43
C ASN F 81 0.42 9.46 -2.15
N LYS F 82 0.95 10.37 -1.33
CA LYS F 82 2.37 10.36 -1.00
C LYS F 82 2.70 9.17 -0.13
N LYS F 83 1.95 9.03 0.97
CA LYS F 83 2.13 7.92 1.89
C LYS F 83 1.96 6.57 1.23
N MET F 84 1.07 6.48 0.25
CA MET F 84 0.90 5.26 -0.50
C MET F 84 2.15 4.95 -1.31
N GLU F 85 2.67 5.93 -2.05
CA GLU F 85 3.86 5.71 -2.89
C GLU F 85 5.08 5.43 -2.02
N ASP F 86 5.30 6.27 -1.01
CA ASP F 86 6.38 6.04 -0.03
C ASP F 86 6.26 4.70 0.67
N GLY F 87 5.05 4.38 1.11
CA GLY F 87 4.80 3.16 1.85
C GLY F 87 5.26 1.90 1.12
N PHE F 88 5.02 1.87 -0.18
CA PHE F 88 5.41 0.74 -1.01
C PHE F 88 6.92 0.70 -1.26
N LEU F 89 7.55 1.86 -1.34
CA LEU F 89 9.01 1.93 -1.52
C LEU F 89 9.74 1.34 -0.32
N ASP F 90 9.24 1.66 0.87
CA ASP F 90 9.82 1.12 2.11
C ASP F 90 9.69 -0.38 2.17
N VAL F 91 8.52 -0.87 1.77
CA VAL F 91 8.26 -2.30 1.73
C VAL F 91 9.19 -2.99 0.74
N TRP F 92 9.26 -2.48 -0.48
CA TRP F 92 10.11 -3.10 -1.50
C TRP F 92 11.59 -2.88 -1.23
N THR F 93 11.93 -1.83 -0.50
CA THR F 93 13.31 -1.62 -0.08
C THR F 93 13.69 -2.61 1.01
N TYR F 94 12.80 -2.80 1.98
CA TYR F 94 13.00 -3.77 3.05
C TYR F 94 13.15 -5.18 2.50
N ASN F 95 12.28 -5.55 1.57
CA ASN F 95 12.33 -6.87 0.94
C ASN F 95 13.66 -7.17 0.29
N ALA F 96 14.12 -6.22 -0.53
CA ALA F 96 15.38 -6.37 -1.24
C ALA F 96 16.56 -6.47 -0.29
N GLU F 97 16.63 -5.54 0.66
CA GLU F 97 17.74 -5.50 1.61
C GLU F 97 17.78 -6.73 2.50
N LEU F 98 16.62 -7.22 2.91
CA LEU F 98 16.53 -8.38 3.80
C LEU F 98 16.88 -9.64 3.05
N LEU F 99 16.31 -9.80 1.87
CA LEU F 99 16.59 -10.96 1.04
C LEU F 99 18.08 -11.11 0.80
N VAL F 100 18.71 -10.01 0.38
CA VAL F 100 20.16 -10.00 0.16
C VAL F 100 20.88 -10.47 1.45
N LEU F 101 20.51 -9.86 2.56
CA LEU F 101 21.10 -10.17 3.86
C LEU F 101 20.99 -11.65 4.21
N MET F 102 19.77 -12.17 4.12
CA MET F 102 19.47 -13.56 4.45
C MET F 102 20.12 -14.55 3.50
N GLU F 103 20.13 -14.23 2.21
CA GLU F 103 20.63 -15.17 1.22
C GLU F 103 22.15 -15.12 1.11
N ASN F 104 22.75 -13.97 1.39
CA ASN F 104 24.20 -13.89 1.56
C ASN F 104 24.69 -14.84 2.63
N GLU F 105 24.00 -14.87 3.76
CA GLU F 105 24.40 -15.75 4.84
C GLU F 105 24.26 -17.19 4.45
N ARG F 106 23.20 -17.48 3.72
CA ARG F 106 22.99 -18.83 3.22
C ARG F 106 24.04 -19.21 2.17
N THR F 107 24.45 -18.24 1.36
CA THR F 107 25.46 -18.46 0.32
C THR F 107 26.82 -18.84 0.93
N LEU F 108 27.22 -18.15 1.99
CA LEU F 108 28.49 -18.43 2.63
C LEU F 108 28.49 -19.80 3.33
N ASP F 109 27.38 -20.13 3.97
CA ASP F 109 27.24 -21.43 4.62
C ASP F 109 27.12 -22.55 3.59
N PHE F 110 26.52 -22.27 2.44
CA PHE F 110 26.50 -23.21 1.31
C PHE F 110 27.92 -23.61 0.92
N HIS F 111 28.79 -22.63 0.76
CA HIS F 111 30.19 -22.89 0.47
C HIS F 111 30.84 -23.69 1.58
N ASP F 112 30.55 -23.33 2.82
CA ASP F 112 31.08 -24.03 3.97
C ASP F 112 30.64 -25.50 3.93
N SER F 113 29.36 -25.71 3.62
CA SER F 113 28.79 -27.05 3.48
C SER F 113 29.51 -27.89 2.42
N ASN F 114 29.80 -27.28 1.28
CA ASN F 114 30.39 -27.99 0.15
C ASN F 114 31.81 -28.48 0.42
N VAL F 115 32.56 -27.66 1.14
CA VAL F 115 33.93 -28.02 1.51
C VAL F 115 33.88 -29.21 2.47
N LYS F 116 32.99 -29.11 3.43
CA LYS F 116 32.84 -30.12 4.46
C LYS F 116 32.43 -31.46 3.88
N ASN F 117 31.52 -31.41 2.91
CA ASN F 117 31.04 -32.63 2.27
C ASN F 117 32.12 -33.27 1.41
N LEU F 118 32.94 -32.42 0.79
CA LEU F 118 34.09 -32.90 0.01
C LEU F 118 35.16 -33.49 0.94
N TYR F 119 35.37 -32.88 2.10
CA TYR F 119 36.31 -33.40 3.07
C TYR F 119 35.85 -34.74 3.62
N ASP F 120 34.55 -34.88 3.87
CA ASP F 120 34.02 -36.13 4.37
C ASP F 120 34.05 -37.21 3.28
N LYS F 121 33.75 -36.82 2.05
CA LYS F 121 33.80 -37.74 0.92
C LYS F 121 35.16 -38.44 0.86
N VAL F 122 36.22 -37.63 0.96
CA VAL F 122 37.58 -38.13 0.98
C VAL F 122 37.84 -38.96 2.23
N ARG F 123 37.44 -38.44 3.39
CA ARG F 123 37.62 -39.14 4.66
C ARG F 123 37.04 -40.54 4.60
N LEU F 124 35.87 -40.68 3.98
CA LEU F 124 35.16 -41.97 3.88
C LEU F 124 35.85 -42.98 2.98
N GLN F 125 36.57 -42.50 1.97
CA GLN F 125 37.32 -43.37 1.07
C GLN F 125 38.54 -43.91 1.75
N LEU F 126 39.34 -43.02 2.32
CA LEU F 126 40.59 -43.39 2.95
C LEU F 126 40.36 -44.31 4.14
N ARG F 127 39.31 -44.06 4.90
CA ARG F 127 39.03 -44.86 6.11
C ARG F 127 40.29 -44.83 7.01
N ASP F 128 40.72 -45.96 7.57
CA ASP F 128 41.88 -45.99 8.46
C ASP F 128 43.22 -46.19 7.74
N ASN F 129 43.27 -45.96 6.43
CA ASN F 129 44.52 -46.03 5.65
C ASN F 129 45.37 -44.74 5.68
N ALA F 130 44.89 -43.70 6.39
CA ALA F 130 45.64 -42.46 6.55
C ALA F 130 45.30 -41.78 7.88
N LYS F 131 46.21 -40.95 8.39
CA LYS F 131 45.98 -40.21 9.64
C LYS F 131 45.17 -38.94 9.38
N GLU F 132 44.07 -38.76 10.11
CA GLU F 132 43.29 -37.52 10.02
C GLU F 132 43.98 -36.44 10.85
N LEU F 133 44.79 -35.61 10.20
CA LEU F 133 45.61 -34.61 10.90
C LEU F 133 44.83 -33.55 11.67
N GLY F 134 43.64 -33.21 11.18
CA GLY F 134 42.76 -32.25 11.86
C GLY F 134 42.77 -30.84 11.26
N ASN F 135 43.45 -30.68 10.14
CA ASN F 135 43.57 -29.37 9.48
C ASN F 135 43.09 -29.39 8.04
N GLY F 136 42.38 -30.46 7.67
CA GLY F 136 41.96 -30.66 6.29
C GLY F 136 42.79 -31.70 5.57
N CYS F 137 43.86 -32.17 6.21
CA CYS F 137 44.82 -33.06 5.57
C CYS F 137 44.76 -34.47 6.09
N PHE F 138 45.08 -35.40 5.19
CA PHE F 138 45.19 -36.80 5.50
C PHE F 138 46.59 -37.29 5.14
N GLU F 139 47.29 -37.81 6.14
CA GLU F 139 48.65 -38.29 5.97
C GLU F 139 48.67 -39.80 5.82
N PHE F 140 49.15 -40.29 4.67
CA PHE F 140 49.03 -41.71 4.31
C PHE F 140 50.05 -42.59 5.03
N TYR F 141 49.65 -43.83 5.32
CA TYR F 141 50.57 -44.80 5.89
C TYR F 141 51.45 -45.40 4.81
N HIS F 142 50.82 -45.69 3.67
CA HIS F 142 51.53 -46.15 2.48
C HIS F 142 52.03 -44.95 1.70
N LYS F 143 53.12 -45.14 0.98
CA LYS F 143 53.59 -44.15 0.02
C LYS F 143 52.49 -43.99 -1.02
N CYS F 144 52.17 -42.74 -1.37
CA CYS F 144 51.07 -42.45 -2.28
C CYS F 144 51.56 -41.62 -3.46
N ASP F 145 51.77 -42.27 -4.60
CA ASP F 145 52.26 -41.60 -5.80
C ASP F 145 51.13 -40.81 -6.50
N ASN F 146 51.43 -40.21 -7.64
CA ASN F 146 50.47 -39.34 -8.33
C ASN F 146 49.25 -40.04 -8.91
N GLU F 147 49.34 -41.35 -9.13
CA GLU F 147 48.16 -42.14 -9.51
C GLU F 147 47.34 -42.45 -8.26
N CYS F 148 48.03 -42.75 -7.16
CA CYS F 148 47.40 -42.94 -5.87
C CYS F 148 46.64 -41.68 -5.44
N MET F 149 47.23 -40.52 -5.71
CA MET F 149 46.60 -39.24 -5.42
C MET F 149 45.40 -39.04 -6.34
N GLU F 150 45.59 -39.29 -7.62
CA GLU F 150 44.50 -39.19 -8.58
C GLU F 150 43.38 -40.17 -8.22
N SER F 151 43.78 -41.35 -7.74
CA SER F 151 42.85 -42.36 -7.26
C SER F 151 41.89 -41.79 -6.21
N VAL F 152 42.39 -40.94 -5.33
CA VAL F 152 41.57 -40.31 -4.29
C VAL F 152 40.64 -39.26 -4.89
N ARG F 153 41.17 -38.39 -5.75
CA ARG F 153 40.35 -37.40 -6.45
C ARG F 153 39.34 -38.08 -7.39
N ASN F 154 39.79 -39.13 -8.08
CA ASN F 154 38.93 -40.01 -8.89
C ASN F 154 37.63 -40.41 -8.20
N GLY F 155 37.70 -40.67 -6.90
CA GLY F 155 36.62 -41.34 -6.16
C GLY F 155 36.89 -42.84 -6.12
N THR F 156 38.02 -43.25 -6.67
CA THR F 156 38.32 -44.64 -6.96
C THR F 156 39.40 -45.18 -6.04
N TYR F 157 39.58 -44.57 -4.86
CA TYR F 157 40.64 -45.00 -3.96
C TYR F 157 40.48 -46.46 -3.55
N ASP F 158 41.40 -47.30 -4.01
CA ASP F 158 41.31 -48.73 -3.78
C ASP F 158 41.78 -49.08 -2.36
N TYR F 159 40.82 -49.13 -1.43
CA TYR F 159 41.13 -49.38 -0.03
C TYR F 159 41.77 -50.78 0.20
N PRO F 160 41.14 -51.86 -0.28
CA PRO F 160 41.73 -53.21 -0.14
C PRO F 160 43.19 -53.38 -0.61
N GLN F 161 43.61 -52.55 -1.58
CA GLN F 161 44.97 -52.61 -2.11
C GLN F 161 46.00 -52.07 -1.11
N TYR F 162 45.66 -51.00 -0.41
CA TYR F 162 46.60 -50.34 0.50
C TYR F 162 46.37 -50.68 1.99
N SER F 163 45.56 -51.70 2.27
CA SER F 163 45.35 -52.18 3.64
C SER F 163 45.89 -53.58 3.81
#